data_2HNF
# 
_entry.id   2HNF 
# 
_audit_conform.dict_name       mmcif_pdbx.dic 
_audit_conform.dict_version    5.398 
_audit_conform.dict_location   http://mmcif.pdb.org/dictionaries/ascii/mmcif_pdbx.dic 
# 
loop_
_database_2.database_id 
_database_2.database_code 
_database_2.pdbx_database_accession 
_database_2.pdbx_DOI 
PDB   2HNF         pdb_00002hnf 10.2210/pdb2hnf/pdb 
RCSB  RCSB038544   ?            ?                   
WWPDB D_1000038544 ?            ?                   
# 
loop_
_pdbx_audit_revision_history.ordinal 
_pdbx_audit_revision_history.data_content_type 
_pdbx_audit_revision_history.major_revision 
_pdbx_audit_revision_history.minor_revision 
_pdbx_audit_revision_history.revision_date 
1 'Structure model' 1 0 2006-09-19 
2 'Structure model' 1 1 2008-05-01 
3 'Structure model' 1 2 2011-07-13 
4 'Structure model' 1 3 2021-10-20 
5 'Structure model' 1 4 2023-08-30 
6 'Structure model' 1 5 2024-11-13 
# 
_pdbx_audit_revision_details.ordinal             1 
_pdbx_audit_revision_details.revision_ordinal    1 
_pdbx_audit_revision_details.data_content_type   'Structure model' 
_pdbx_audit_revision_details.provider            repository 
_pdbx_audit_revision_details.type                'Initial release' 
_pdbx_audit_revision_details.description         ? 
_pdbx_audit_revision_details.details             ? 
# 
loop_
_pdbx_audit_revision_group.ordinal 
_pdbx_audit_revision_group.revision_ordinal 
_pdbx_audit_revision_group.data_content_type 
_pdbx_audit_revision_group.group 
1 2 'Structure model' 'Version format compliance' 
2 3 'Structure model' 'Version format compliance' 
3 4 'Structure model' 'Database references'       
4 4 'Structure model' 'Derived calculations'      
5 5 'Structure model' 'Data collection'           
6 5 'Structure model' 'Refinement description'    
7 6 'Structure model' 'Structure summary'         
# 
loop_
_pdbx_audit_revision_category.ordinal 
_pdbx_audit_revision_category.revision_ordinal 
_pdbx_audit_revision_category.data_content_type 
_pdbx_audit_revision_category.category 
1  4 'Structure model' database_2                    
2  4 'Structure model' pdbx_struct_conn_angle        
3  4 'Structure model' struct_conn                   
4  4 'Structure model' struct_ref_seq_dif            
5  4 'Structure model' struct_site                   
6  5 'Structure model' chem_comp_atom                
7  5 'Structure model' chem_comp_bond                
8  5 'Structure model' pdbx_initial_refinement_model 
9  6 'Structure model' pdbx_entry_details            
10 6 'Structure model' pdbx_modification_feature     
# 
loop_
_pdbx_audit_revision_item.ordinal 
_pdbx_audit_revision_item.revision_ordinal 
_pdbx_audit_revision_item.data_content_type 
_pdbx_audit_revision_item.item 
1  4 'Structure model' '_database_2.pdbx_DOI'                        
2  4 'Structure model' '_database_2.pdbx_database_accession'         
3  4 'Structure model' '_pdbx_struct_conn_angle.ptnr1_auth_comp_id'  
4  4 'Structure model' '_pdbx_struct_conn_angle.ptnr1_auth_seq_id'   
5  4 'Structure model' '_pdbx_struct_conn_angle.ptnr1_label_asym_id' 
6  4 'Structure model' '_pdbx_struct_conn_angle.ptnr1_label_atom_id' 
7  4 'Structure model' '_pdbx_struct_conn_angle.ptnr1_label_comp_id' 
8  4 'Structure model' '_pdbx_struct_conn_angle.ptnr1_label_seq_id'  
9  4 'Structure model' '_pdbx_struct_conn_angle.ptnr1_symmetry'      
10 4 'Structure model' '_pdbx_struct_conn_angle.ptnr2_auth_seq_id'   
11 4 'Structure model' '_pdbx_struct_conn_angle.ptnr2_label_asym_id' 
12 4 'Structure model' '_pdbx_struct_conn_angle.ptnr3_auth_comp_id'  
13 4 'Structure model' '_pdbx_struct_conn_angle.ptnr3_auth_seq_id'   
14 4 'Structure model' '_pdbx_struct_conn_angle.ptnr3_label_asym_id' 
15 4 'Structure model' '_pdbx_struct_conn_angle.ptnr3_label_atom_id' 
16 4 'Structure model' '_pdbx_struct_conn_angle.ptnr3_label_comp_id' 
17 4 'Structure model' '_pdbx_struct_conn_angle.ptnr3_label_seq_id'  
18 4 'Structure model' '_pdbx_struct_conn_angle.ptnr3_symmetry'      
19 4 'Structure model' '_pdbx_struct_conn_angle.value'               
20 4 'Structure model' '_struct_conn.pdbx_dist_value'                
21 4 'Structure model' '_struct_conn.ptnr1_auth_comp_id'             
22 4 'Structure model' '_struct_conn.ptnr1_auth_seq_id'              
23 4 'Structure model' '_struct_conn.ptnr1_label_asym_id'            
24 4 'Structure model' '_struct_conn.ptnr1_label_atom_id'            
25 4 'Structure model' '_struct_conn.ptnr1_label_comp_id'            
26 4 'Structure model' '_struct_conn.ptnr1_label_seq_id'             
27 4 'Structure model' '_struct_conn.ptnr1_symmetry'                 
28 4 'Structure model' '_struct_conn.ptnr2_auth_comp_id'             
29 4 'Structure model' '_struct_conn.ptnr2_auth_seq_id'              
30 4 'Structure model' '_struct_conn.ptnr2_label_asym_id'            
31 4 'Structure model' '_struct_conn.ptnr2_label_atom_id'            
32 4 'Structure model' '_struct_conn.ptnr2_label_comp_id'            
33 4 'Structure model' '_struct_conn.ptnr2_label_seq_id'             
34 4 'Structure model' '_struct_conn.ptnr2_symmetry'                 
35 4 'Structure model' '_struct_ref_seq_dif.details'                 
36 4 'Structure model' '_struct_site.pdbx_auth_asym_id'              
37 4 'Structure model' '_struct_site.pdbx_auth_comp_id'              
38 4 'Structure model' '_struct_site.pdbx_auth_seq_id'               
# 
_pdbx_database_status.status_code                     REL 
_pdbx_database_status.entry_id                        2HNF 
_pdbx_database_status.recvd_initial_deposition_date   2006-07-12 
_pdbx_database_status.deposit_site                    RCSB 
_pdbx_database_status.process_site                    RCSB 
_pdbx_database_status.status_code_sf                  REL 
_pdbx_database_status.status_code_mr                  ? 
_pdbx_database_status.SG_entry                        ? 
_pdbx_database_status.pdb_format_compatible           Y 
_pdbx_database_status.status_code_cs                  ? 
_pdbx_database_status.status_code_nmr_data            ? 
_pdbx_database_status.methods_development_category    ? 
# 
loop_
_pdbx_database_related.db_name 
_pdbx_database_related.db_id 
_pdbx_database_related.details 
_pdbx_database_related.content_type 
PDB 1F39 'Crystal structure of the Lambda repressor C-terminal domain'                                                     
unspecified 
PDB 1JHC 'LexA S119A C-terminal tryptic fragment'                                                                          
unspecified 
PDB 1JHE 'LexA L89P Q92W E152A K156A mutant'                                                                               
unspecified 
PDB 2HO0 'Structure of a Hyper-cleavable Monomeric Fragment of Phage Lambda Repressor Containing the Cleavage Site Region' 
unspecified 
# 
loop_
_audit_author.name 
_audit_author.pdbx_ordinal 
'Ndjonka, D.' 1 
'Bell, C.E.'  2 
# 
_citation.id                        primary 
_citation.title                     
'Structure of a Hyper-cleavable Monomeric Fragment of Phage lambda Repressor Containing the Cleavage Site Region.' 
_citation.journal_abbrev            J.Mol.Biol. 
_citation.journal_volume            362 
_citation.page_first                479 
_citation.page_last                 489 
_citation.year                      2006 
_citation.journal_id_ASTM           JMOBAK 
_citation.country                   UK 
_citation.journal_id_ISSN           0022-2836 
_citation.journal_id_CSD            0070 
_citation.book_publisher            ? 
_citation.pdbx_database_id_PubMed   16934834 
_citation.pdbx_database_id_DOI      10.1016/j.jmb.2006.07.026 
# 
loop_
_citation_author.citation_id 
_citation_author.name 
_citation_author.ordinal 
_citation_author.identifier_ORCID 
primary 'Ndjonka, D.' 1 ? 
primary 'Bell, C.E.'  2 ? 
# 
loop_
_entity.id 
_entity.type 
_entity.src_method 
_entity.pdbx_description 
_entity.formula_weight 
_entity.pdbx_number_of_molecules 
_entity.pdbx_ec 
_entity.pdbx_mutation 
_entity.pdbx_fragment 
_entity.details 
1 polymer     man 'Repressor protein cI101-229DM-K192A' 14600.440 1   ? 'A152T, P158T, K192A' 
'Fragment of Lambda Repressor Containing the Cleavage Site Region' ? 
2 non-polymer syn 'CALCIUM ION'                         40.078    4   ? ?                     ? ? 
3 water       nat water                                 18.015    120 ? ?                     ? ? 
# 
_entity_poly.entity_id                      1 
_entity_poly.type                           'polypeptide(L)' 
_entity_poly.nstd_linkage                   no 
_entity_poly.nstd_monomer                   no 
_entity_poly.pdbx_seq_one_letter_code       
;GSHMYEYPVFSHVQAGMFSPELRTFTKGDAERWVSTTKKASDSAFWLEVEGNSMTTPTGSKTSFPDGMLILVDPEQAVEP
GDFCIARLGGDEFTFAKLIRDSGQVFLQPLNPQYPMIPCNESCSVVGKVIASQ
;
_entity_poly.pdbx_seq_one_letter_code_can   
;GSHMYEYPVFSHVQAGMFSPELRTFTKGDAERWVSTTKKASDSAFWLEVEGNSMTTPTGSKTSFPDGMLILVDPEQAVEP
GDFCIARLGGDEFTFAKLIRDSGQVFLQPLNPQYPMIPCNESCSVVGKVIASQ
;
_entity_poly.pdbx_strand_id                 A 
_entity_poly.pdbx_target_identifier         ? 
# 
loop_
_pdbx_entity_nonpoly.entity_id 
_pdbx_entity_nonpoly.name 
_pdbx_entity_nonpoly.comp_id 
2 'CALCIUM ION' CA  
3 water         HOH 
# 
loop_
_entity_poly_seq.entity_id 
_entity_poly_seq.num 
_entity_poly_seq.mon_id 
_entity_poly_seq.hetero 
1 1   GLY n 
1 2   SER n 
1 3   HIS n 
1 4   MET n 
1 5   TYR n 
1 6   GLU n 
1 7   TYR n 
1 8   PRO n 
1 9   VAL n 
1 10  PHE n 
1 11  SER n 
1 12  HIS n 
1 13  VAL n 
1 14  GLN n 
1 15  ALA n 
1 16  GLY n 
1 17  MET n 
1 18  PHE n 
1 19  SER n 
1 20  PRO n 
1 21  GLU n 
1 22  LEU n 
1 23  ARG n 
1 24  THR n 
1 25  PHE n 
1 26  THR n 
1 27  LYS n 
1 28  GLY n 
1 29  ASP n 
1 30  ALA n 
1 31  GLU n 
1 32  ARG n 
1 33  TRP n 
1 34  VAL n 
1 35  SER n 
1 36  THR n 
1 37  THR n 
1 38  LYS n 
1 39  LYS n 
1 40  ALA n 
1 41  SER n 
1 42  ASP n 
1 43  SER n 
1 44  ALA n 
1 45  PHE n 
1 46  TRP n 
1 47  LEU n 
1 48  GLU n 
1 49  VAL n 
1 50  GLU n 
1 51  GLY n 
1 52  ASN n 
1 53  SER n 
1 54  MET n 
1 55  THR n 
1 56  THR n 
1 57  PRO n 
1 58  THR n 
1 59  GLY n 
1 60  SER n 
1 61  LYS n 
1 62  THR n 
1 63  SER n 
1 64  PHE n 
1 65  PRO n 
1 66  ASP n 
1 67  GLY n 
1 68  MET n 
1 69  LEU n 
1 70  ILE n 
1 71  LEU n 
1 72  VAL n 
1 73  ASP n 
1 74  PRO n 
1 75  GLU n 
1 76  GLN n 
1 77  ALA n 
1 78  VAL n 
1 79  GLU n 
1 80  PRO n 
1 81  GLY n 
1 82  ASP n 
1 83  PHE n 
1 84  CYS n 
1 85  ILE n 
1 86  ALA n 
1 87  ARG n 
1 88  LEU n 
1 89  GLY n 
1 90  GLY n 
1 91  ASP n 
1 92  GLU n 
1 93  PHE n 
1 94  THR n 
1 95  PHE n 
1 96  ALA n 
1 97  LYS n 
1 98  LEU n 
1 99  ILE n 
1 100 ARG n 
1 101 ASP n 
1 102 SER n 
1 103 GLY n 
1 104 GLN n 
1 105 VAL n 
1 106 PHE n 
1 107 LEU n 
1 108 GLN n 
1 109 PRO n 
1 110 LEU n 
1 111 ASN n 
1 112 PRO n 
1 113 GLN n 
1 114 TYR n 
1 115 PRO n 
1 116 MET n 
1 117 ILE n 
1 118 PRO n 
1 119 CYS n 
1 120 ASN n 
1 121 GLU n 
1 122 SER n 
1 123 CYS n 
1 124 SER n 
1 125 VAL n 
1 126 VAL n 
1 127 GLY n 
1 128 LYS n 
1 129 VAL n 
1 130 ILE n 
1 131 ALA n 
1 132 SER n 
1 133 GLN n 
# 
_entity_src_gen.entity_id                          1 
_entity_src_gen.pdbx_src_id                        1 
_entity_src_gen.pdbx_alt_source_flag               sample 
_entity_src_gen.pdbx_seq_type                      ? 
_entity_src_gen.pdbx_beg_seq_num                   ? 
_entity_src_gen.pdbx_end_seq_num                   ? 
_entity_src_gen.gene_src_common_name               ? 
_entity_src_gen.gene_src_genus                     Escherichia 
_entity_src_gen.pdbx_gene_src_gene                 ? 
_entity_src_gen.gene_src_species                   ? 
_entity_src_gen.gene_src_strain                    ? 
_entity_src_gen.gene_src_tissue                    ? 
_entity_src_gen.gene_src_tissue_fraction           ? 
_entity_src_gen.gene_src_details                   ? 
_entity_src_gen.pdbx_gene_src_fragment             ? 
_entity_src_gen.pdbx_gene_src_scientific_name      'Escherichia coli' 
_entity_src_gen.pdbx_gene_src_ncbi_taxonomy_id     562 
_entity_src_gen.pdbx_gene_src_variant              ? 
_entity_src_gen.pdbx_gene_src_cell_line            ? 
_entity_src_gen.pdbx_gene_src_atcc                 ? 
_entity_src_gen.pdbx_gene_src_organ                ? 
_entity_src_gen.pdbx_gene_src_organelle            ? 
_entity_src_gen.pdbx_gene_src_cell                 ? 
_entity_src_gen.pdbx_gene_src_cellular_location    ? 
_entity_src_gen.host_org_common_name               ? 
_entity_src_gen.pdbx_host_org_scientific_name      'Escherichia coli' 
_entity_src_gen.pdbx_host_org_ncbi_taxonomy_id     562 
_entity_src_gen.host_org_genus                     Escherichia 
_entity_src_gen.pdbx_host_org_gene                 ? 
_entity_src_gen.pdbx_host_org_organ                ? 
_entity_src_gen.host_org_species                   ? 
_entity_src_gen.pdbx_host_org_tissue               ? 
_entity_src_gen.pdbx_host_org_tissue_fraction      ? 
_entity_src_gen.pdbx_host_org_strain               BL21-AI 
_entity_src_gen.pdbx_host_org_variant              ? 
_entity_src_gen.pdbx_host_org_cell_line            ? 
_entity_src_gen.pdbx_host_org_atcc                 ? 
_entity_src_gen.pdbx_host_org_culture_collection   ? 
_entity_src_gen.pdbx_host_org_cell                 ? 
_entity_src_gen.pdbx_host_org_organelle            ? 
_entity_src_gen.pdbx_host_org_cellular_location    ? 
_entity_src_gen.pdbx_host_org_vector_type          ? 
_entity_src_gen.pdbx_host_org_vector               Plasmid 
_entity_src_gen.host_org_details                   ? 
_entity_src_gen.expression_system_id               ? 
_entity_src_gen.plasmid_name                       pET14b 
_entity_src_gen.plasmid_details                    ? 
_entity_src_gen.pdbx_description                   ? 
# 
loop_
_chem_comp.id 
_chem_comp.type 
_chem_comp.mon_nstd_flag 
_chem_comp.name 
_chem_comp.pdbx_synonyms 
_chem_comp.formula 
_chem_comp.formula_weight 
ALA 'L-peptide linking' y ALANINE         ? 'C3 H7 N O2'     89.093  
ARG 'L-peptide linking' y ARGININE        ? 'C6 H15 N4 O2 1' 175.209 
ASN 'L-peptide linking' y ASPARAGINE      ? 'C4 H8 N2 O3'    132.118 
ASP 'L-peptide linking' y 'ASPARTIC ACID' ? 'C4 H7 N O4'     133.103 
CA  non-polymer         . 'CALCIUM ION'   ? 'Ca 2'           40.078  
CYS 'L-peptide linking' y CYSTEINE        ? 'C3 H7 N O2 S'   121.158 
GLN 'L-peptide linking' y GLUTAMINE       ? 'C5 H10 N2 O3'   146.144 
GLU 'L-peptide linking' y 'GLUTAMIC ACID' ? 'C5 H9 N O4'     147.129 
GLY 'peptide linking'   y GLYCINE         ? 'C2 H5 N O2'     75.067  
HIS 'L-peptide linking' y HISTIDINE       ? 'C6 H10 N3 O2 1' 156.162 
HOH non-polymer         . WATER           ? 'H2 O'           18.015  
ILE 'L-peptide linking' y ISOLEUCINE      ? 'C6 H13 N O2'    131.173 
LEU 'L-peptide linking' y LEUCINE         ? 'C6 H13 N O2'    131.173 
LYS 'L-peptide linking' y LYSINE          ? 'C6 H15 N2 O2 1' 147.195 
MET 'L-peptide linking' y METHIONINE      ? 'C5 H11 N O2 S'  149.211 
PHE 'L-peptide linking' y PHENYLALANINE   ? 'C9 H11 N O2'    165.189 
PRO 'L-peptide linking' y PROLINE         ? 'C5 H9 N O2'     115.130 
SER 'L-peptide linking' y SERINE          ? 'C3 H7 N O3'     105.093 
THR 'L-peptide linking' y THREONINE       ? 'C4 H9 N O3'     119.119 
TRP 'L-peptide linking' y TRYPTOPHAN      ? 'C11 H12 N2 O2'  204.225 
TYR 'L-peptide linking' y TYROSINE        ? 'C9 H11 N O3'    181.189 
VAL 'L-peptide linking' y VALINE          ? 'C5 H11 N O2'    117.146 
# 
loop_
_pdbx_poly_seq_scheme.asym_id 
_pdbx_poly_seq_scheme.entity_id 
_pdbx_poly_seq_scheme.seq_id 
_pdbx_poly_seq_scheme.mon_id 
_pdbx_poly_seq_scheme.ndb_seq_num 
_pdbx_poly_seq_scheme.pdb_seq_num 
_pdbx_poly_seq_scheme.auth_seq_num 
_pdbx_poly_seq_scheme.pdb_mon_id 
_pdbx_poly_seq_scheme.auth_mon_id 
_pdbx_poly_seq_scheme.pdb_strand_id 
_pdbx_poly_seq_scheme.pdb_ins_code 
_pdbx_poly_seq_scheme.hetero 
A 1 1   GLY 1   97  97  GLY GLY A . n 
A 1 2   SER 2   98  98  SER SER A . n 
A 1 3   HIS 3   99  99  HIS HIS A . n 
A 1 4   MET 4   100 100 MET MET A . n 
A 1 5   TYR 5   101 101 TYR TYR A . n 
A 1 6   GLU 6   102 102 GLU GLU A . n 
A 1 7   TYR 7   103 103 TYR TYR A . n 
A 1 8   PRO 8   104 104 PRO PRO A . n 
A 1 9   VAL 9   105 105 VAL VAL A . n 
A 1 10  PHE 10  106 106 PHE PHE A . n 
A 1 11  SER 11  107 107 SER SER A . n 
A 1 12  HIS 12  108 108 HIS HIS A . n 
A 1 13  VAL 13  109 109 VAL VAL A . n 
A 1 14  GLN 14  110 110 GLN GLN A . n 
A 1 15  ALA 15  111 111 ALA ALA A . n 
A 1 16  GLY 16  112 112 GLY GLY A . n 
A 1 17  MET 17  113 113 MET MET A . n 
A 1 18  PHE 18  114 114 PHE PHE A . n 
A 1 19  SER 19  115 115 SER SER A . n 
A 1 20  PRO 20  116 116 PRO PRO A . n 
A 1 21  GLU 21  117 117 GLU GLU A . n 
A 1 22  LEU 22  118 118 LEU LEU A . n 
A 1 23  ARG 23  119 119 ARG ARG A . n 
A 1 24  THR 24  120 120 THR THR A . n 
A 1 25  PHE 25  121 121 PHE PHE A . n 
A 1 26  THR 26  122 122 THR THR A . n 
A 1 27  LYS 27  123 123 LYS LYS A . n 
A 1 28  GLY 28  124 124 GLY GLY A . n 
A 1 29  ASP 29  125 125 ASP ASP A . n 
A 1 30  ALA 30  126 126 ALA ALA A . n 
A 1 31  GLU 31  127 127 GLU GLU A . n 
A 1 32  ARG 32  128 128 ARG ARG A . n 
A 1 33  TRP 33  129 129 TRP TRP A . n 
A 1 34  VAL 34  130 130 VAL VAL A . n 
A 1 35  SER 35  131 131 SER SER A . n 
A 1 36  THR 36  132 132 THR THR A . n 
A 1 37  THR 37  133 133 THR THR A . n 
A 1 38  LYS 38  134 134 LYS LYS A . n 
A 1 39  LYS 39  135 135 LYS LYS A . n 
A 1 40  ALA 40  136 136 ALA ALA A . n 
A 1 41  SER 41  137 137 SER SER A . n 
A 1 42  ASP 42  138 138 ASP ASP A . n 
A 1 43  SER 43  139 139 SER SER A . n 
A 1 44  ALA 44  140 140 ALA ALA A . n 
A 1 45  PHE 45  141 141 PHE PHE A . n 
A 1 46  TRP 46  142 142 TRP TRP A . n 
A 1 47  LEU 47  143 143 LEU LEU A . n 
A 1 48  GLU 48  144 144 GLU GLU A . n 
A 1 49  VAL 49  145 145 VAL VAL A . n 
A 1 50  GLU 50  146 146 GLU GLU A . n 
A 1 51  GLY 51  147 147 GLY GLY A . n 
A 1 52  ASN 52  148 148 ASN ASN A . n 
A 1 53  SER 53  149 149 SER SER A . n 
A 1 54  MET 54  150 150 MET MET A . n 
A 1 55  THR 55  151 151 THR THR A . n 
A 1 56  THR 56  152 152 THR THR A . n 
A 1 57  PRO 57  153 153 PRO PRO A . n 
A 1 58  THR 58  154 ?   ?   ?   A . n 
A 1 59  GLY 59  155 ?   ?   ?   A . n 
A 1 60  SER 60  156 ?   ?   ?   A . n 
A 1 61  LYS 61  157 157 LYS LYS A . n 
A 1 62  THR 62  158 158 THR THR A . n 
A 1 63  SER 63  159 159 SER SER A . n 
A 1 64  PHE 64  160 160 PHE PHE A . n 
A 1 65  PRO 65  161 161 PRO PRO A . n 
A 1 66  ASP 66  162 162 ASP ASP A . n 
A 1 67  GLY 67  163 163 GLY GLY A . n 
A 1 68  MET 68  164 164 MET MET A . n 
A 1 69  LEU 69  165 165 LEU LEU A . n 
A 1 70  ILE 70  166 166 ILE ILE A . n 
A 1 71  LEU 71  167 167 LEU LEU A . n 
A 1 72  VAL 72  168 168 VAL VAL A . n 
A 1 73  ASP 73  169 169 ASP ASP A . n 
A 1 74  PRO 74  170 170 PRO PRO A . n 
A 1 75  GLU 75  171 171 GLU GLU A . n 
A 1 76  GLN 76  172 172 GLN GLN A . n 
A 1 77  ALA 77  173 173 ALA ALA A . n 
A 1 78  VAL 78  174 174 VAL VAL A . n 
A 1 79  GLU 79  175 175 GLU GLU A . n 
A 1 80  PRO 80  176 176 PRO PRO A . n 
A 1 81  GLY 81  177 177 GLY GLY A . n 
A 1 82  ASP 82  178 178 ASP ASP A . n 
A 1 83  PHE 83  179 179 PHE PHE A . n 
A 1 84  CYS 84  180 180 CYS CYS A . n 
A 1 85  ILE 85  181 181 ILE ILE A . n 
A 1 86  ALA 86  182 182 ALA ALA A . n 
A 1 87  ARG 87  183 183 ARG ARG A . n 
A 1 88  LEU 88  184 184 LEU LEU A . n 
A 1 89  GLY 89  185 185 GLY GLY A . n 
A 1 90  GLY 90  186 186 GLY GLY A . n 
A 1 91  ASP 91  187 187 ASP ASP A . n 
A 1 92  GLU 92  188 188 GLU GLU A . n 
A 1 93  PHE 93  189 189 PHE PHE A . n 
A 1 94  THR 94  190 190 THR THR A . n 
A 1 95  PHE 95  191 191 PHE PHE A . n 
A 1 96  ALA 96  192 192 ALA ALA A . n 
A 1 97  LYS 97  193 193 LYS LYS A . n 
A 1 98  LEU 98  194 194 LEU LEU A . n 
A 1 99  ILE 99  195 195 ILE ILE A . n 
A 1 100 ARG 100 196 196 ARG ARG A . n 
A 1 101 ASP 101 197 197 ASP ASP A . n 
A 1 102 SER 102 198 198 SER SER A . n 
A 1 103 GLY 103 199 199 GLY GLY A . n 
A 1 104 GLN 104 200 200 GLN GLN A . n 
A 1 105 VAL 105 201 201 VAL VAL A . n 
A 1 106 PHE 106 202 202 PHE PHE A . n 
A 1 107 LEU 107 203 203 LEU LEU A . n 
A 1 108 GLN 108 204 204 GLN GLN A . n 
A 1 109 PRO 109 205 205 PRO PRO A . n 
A 1 110 LEU 110 206 206 LEU LEU A . n 
A 1 111 ASN 111 207 207 ASN ASN A . n 
A 1 112 PRO 112 208 208 PRO PRO A . n 
A 1 113 GLN 113 209 209 GLN GLN A . n 
A 1 114 TYR 114 210 210 TYR TYR A . n 
A 1 115 PRO 115 211 211 PRO PRO A . n 
A 1 116 MET 116 212 212 MET MET A . n 
A 1 117 ILE 117 213 213 ILE ILE A . n 
A 1 118 PRO 118 214 214 PRO PRO A . n 
A 1 119 CYS 119 215 215 CYS CYS A . n 
A 1 120 ASN 120 216 216 ASN ASN A . n 
A 1 121 GLU 121 217 217 GLU GLU A . n 
A 1 122 SER 122 218 218 SER SER A . n 
A 1 123 CYS 123 219 219 CYS CYS A . n 
A 1 124 SER 124 220 220 SER SER A . n 
A 1 125 VAL 125 221 221 VAL VAL A . n 
A 1 126 VAL 126 222 222 VAL VAL A . n 
A 1 127 GLY 127 223 223 GLY GLY A . n 
A 1 128 LYS 128 224 224 LYS LYS A . n 
A 1 129 VAL 129 225 225 VAL VAL A . n 
A 1 130 ILE 130 226 226 ILE ILE A . n 
A 1 131 ALA 131 227 227 ALA ALA A . n 
A 1 132 SER 132 228 228 SER SER A . n 
A 1 133 GLN 133 229 229 GLN GLN A . n 
# 
loop_
_pdbx_nonpoly_scheme.asym_id 
_pdbx_nonpoly_scheme.entity_id 
_pdbx_nonpoly_scheme.mon_id 
_pdbx_nonpoly_scheme.ndb_seq_num 
_pdbx_nonpoly_scheme.pdb_seq_num 
_pdbx_nonpoly_scheme.auth_seq_num 
_pdbx_nonpoly_scheme.pdb_mon_id 
_pdbx_nonpoly_scheme.auth_mon_id 
_pdbx_nonpoly_scheme.pdb_strand_id 
_pdbx_nonpoly_scheme.pdb_ins_code 
B 2 CA  1   301 301 CA  CA2 A . 
C 2 CA  1   302 302 CA  CA2 A . 
D 2 CA  1   303 303 CA  CA2 A . 
E 2 CA  1   304 304 CA  CA2 A . 
F 3 HOH 1   401 401 HOH WAT A . 
F 3 HOH 2   402 402 HOH WAT A . 
F 3 HOH 3   403 403 HOH WAT A . 
F 3 HOH 4   404 404 HOH WAT A . 
F 3 HOH 5   405 405 HOH WAT A . 
F 3 HOH 6   406 406 HOH WAT A . 
F 3 HOH 7   407 407 HOH WAT A . 
F 3 HOH 8   408 408 HOH WAT A . 
F 3 HOH 9   409 409 HOH WAT A . 
F 3 HOH 10  410 410 HOH WAT A . 
F 3 HOH 11  411 411 HOH WAT A . 
F 3 HOH 12  412 412 HOH WAT A . 
F 3 HOH 13  413 413 HOH WAT A . 
F 3 HOH 14  414 414 HOH WAT A . 
F 3 HOH 15  415 415 HOH WAT A . 
F 3 HOH 16  416 416 HOH WAT A . 
F 3 HOH 17  417 417 HOH WAT A . 
F 3 HOH 18  418 418 HOH WAT A . 
F 3 HOH 19  419 419 HOH WAT A . 
F 3 HOH 20  420 420 HOH WAT A . 
F 3 HOH 21  421 421 HOH WAT A . 
F 3 HOH 22  422 422 HOH WAT A . 
F 3 HOH 23  423 423 HOH WAT A . 
F 3 HOH 24  424 424 HOH WAT A . 
F 3 HOH 25  425 425 HOH WAT A . 
F 3 HOH 26  426 426 HOH WAT A . 
F 3 HOH 27  427 427 HOH WAT A . 
F 3 HOH 28  428 428 HOH WAT A . 
F 3 HOH 29  429 429 HOH WAT A . 
F 3 HOH 30  430 430 HOH WAT A . 
F 3 HOH 31  431 431 HOH WAT A . 
F 3 HOH 32  432 432 HOH WAT A . 
F 3 HOH 33  433 433 HOH WAT A . 
F 3 HOH 34  434 434 HOH WAT A . 
F 3 HOH 35  435 435 HOH WAT A . 
F 3 HOH 36  436 436 HOH WAT A . 
F 3 HOH 37  437 437 HOH WAT A . 
F 3 HOH 38  438 438 HOH WAT A . 
F 3 HOH 39  439 439 HOH WAT A . 
F 3 HOH 40  440 440 HOH WAT A . 
F 3 HOH 41  441 441 HOH WAT A . 
F 3 HOH 42  442 442 HOH WAT A . 
F 3 HOH 43  443 443 HOH WAT A . 
F 3 HOH 44  444 444 HOH WAT A . 
F 3 HOH 45  445 445 HOH WAT A . 
F 3 HOH 46  446 446 HOH WAT A . 
F 3 HOH 47  447 447 HOH WAT A . 
F 3 HOH 48  448 448 HOH WAT A . 
F 3 HOH 49  449 449 HOH WAT A . 
F 3 HOH 50  450 450 HOH WAT A . 
F 3 HOH 51  451 451 HOH WAT A . 
F 3 HOH 52  452 452 HOH WAT A . 
F 3 HOH 53  453 453 HOH WAT A . 
F 3 HOH 54  454 454 HOH WAT A . 
F 3 HOH 55  455 455 HOH WAT A . 
F 3 HOH 56  456 456 HOH WAT A . 
F 3 HOH 57  457 457 HOH WAT A . 
F 3 HOH 58  458 458 HOH WAT A . 
F 3 HOH 59  459 459 HOH WAT A . 
F 3 HOH 60  460 460 HOH WAT A . 
F 3 HOH 61  461 461 HOH WAT A . 
F 3 HOH 62  462 462 HOH WAT A . 
F 3 HOH 63  463 463 HOH WAT A . 
F 3 HOH 64  464 464 HOH WAT A . 
F 3 HOH 65  465 465 HOH WAT A . 
F 3 HOH 66  466 466 HOH WAT A . 
F 3 HOH 67  467 467 HOH WAT A . 
F 3 HOH 68  468 468 HOH WAT A . 
F 3 HOH 69  469 469 HOH WAT A . 
F 3 HOH 70  470 470 HOH WAT A . 
F 3 HOH 71  471 471 HOH WAT A . 
F 3 HOH 72  472 472 HOH WAT A . 
F 3 HOH 73  473 473 HOH WAT A . 
F 3 HOH 74  474 474 HOH WAT A . 
F 3 HOH 75  475 475 HOH WAT A . 
F 3 HOH 76  476 476 HOH WAT A . 
F 3 HOH 77  477 477 HOH WAT A . 
F 3 HOH 78  478 478 HOH WAT A . 
F 3 HOH 79  479 479 HOH WAT A . 
F 3 HOH 80  480 480 HOH WAT A . 
F 3 HOH 81  481 481 HOH WAT A . 
F 3 HOH 82  482 482 HOH WAT A . 
F 3 HOH 83  483 483 HOH WAT A . 
F 3 HOH 84  484 484 HOH WAT A . 
F 3 HOH 85  485 485 HOH WAT A . 
F 3 HOH 86  486 486 HOH WAT A . 
F 3 HOH 87  487 487 HOH WAT A . 
F 3 HOH 88  488 488 HOH WAT A . 
F 3 HOH 89  489 489 HOH WAT A . 
F 3 HOH 90  490 490 HOH WAT A . 
F 3 HOH 91  491 491 HOH WAT A . 
F 3 HOH 92  492 492 HOH WAT A . 
F 3 HOH 93  493 493 HOH WAT A . 
F 3 HOH 94  494 494 HOH WAT A . 
F 3 HOH 95  495 495 HOH WAT A . 
F 3 HOH 96  496 496 HOH WAT A . 
F 3 HOH 97  497 497 HOH WAT A . 
F 3 HOH 98  498 498 HOH WAT A . 
F 3 HOH 99  499 499 HOH WAT A . 
F 3 HOH 100 500 500 HOH WAT A . 
F 3 HOH 101 501 501 HOH WAT A . 
F 3 HOH 102 502 502 HOH WAT A . 
F 3 HOH 103 503 503 HOH WAT A . 
F 3 HOH 104 504 504 HOH WAT A . 
F 3 HOH 105 505 505 HOH WAT A . 
F 3 HOH 106 506 506 HOH WAT A . 
F 3 HOH 107 507 507 HOH WAT A . 
F 3 HOH 108 508 508 HOH WAT A . 
F 3 HOH 109 509 509 HOH WAT A . 
F 3 HOH 110 510 510 HOH WAT A . 
F 3 HOH 111 511 511 HOH WAT A . 
F 3 HOH 112 512 512 HOH WAT A . 
F 3 HOH 113 513 513 HOH WAT A . 
F 3 HOH 114 514 514 HOH WAT A . 
F 3 HOH 115 515 515 HOH WAT A . 
F 3 HOH 116 516 516 HOH WAT A . 
F 3 HOH 117 517 517 HOH WAT A . 
F 3 HOH 118 518 518 HOH WAT A . 
F 3 HOH 119 519 519 HOH WAT A . 
F 3 HOH 120 520 520 HOH WAT A . 
# 
loop_
_software.name 
_software.classification 
_software.version 
_software.citation_id 
_software.pdbx_ordinal 
CNS          refinement       1.1            ? 1 
CrystalClear 'data reduction' '(MSC/RIGAKU)' ? 2 
d*TREK       'data scaling'   .              ? 3 
# 
_cell.entry_id           2HNF 
_cell.length_a           59.960 
_cell.length_b           59.960 
_cell.length_c           148.450 
_cell.angle_alpha        90.00 
_cell.angle_beta         90.00 
_cell.angle_gamma        120.00 
_cell.Z_PDB              12 
_cell.pdbx_unique_axis   ? 
_cell.length_a_esd       ? 
_cell.length_b_esd       ? 
_cell.length_c_esd       ? 
_cell.angle_alpha_esd    ? 
_cell.angle_beta_esd     ? 
_cell.angle_gamma_esd    ? 
# 
_symmetry.entry_id                         2HNF 
_symmetry.space_group_name_H-M             'P 61 2 2' 
_symmetry.pdbx_full_space_group_name_H-M   ? 
_symmetry.cell_setting                     ? 
_symmetry.Int_Tables_number                178 
_symmetry.space_group_name_Hall            ? 
# 
_exptl.entry_id          2HNF 
_exptl.method            'X-RAY DIFFRACTION' 
_exptl.crystals_number   1 
# 
_exptl_crystal.id                    1 
_exptl_crystal.density_meas          ? 
_exptl_crystal.density_Matthews      2.64 
_exptl_crystal.density_percent_sol   53.34 
_exptl_crystal.description           ? 
_exptl_crystal.F_000                 ? 
_exptl_crystal.preparation           ? 
# 
_exptl_crystal_grow.crystal_id      1 
_exptl_crystal_grow.method          'VAPOR DIFFUSION, HANGING DROP' 
_exptl_crystal_grow.temp            295 
_exptl_crystal_grow.temp_details    ? 
_exptl_crystal_grow.pH              6.5 
_exptl_crystal_grow.pdbx_details    
'36% PEG 550, 0.1 M sodium cacodylate pH 6.5, 0.2 M calcium acetate, VAPOR DIFFUSION, HANGING DROP, temperature 295K' 
_exptl_crystal_grow.pdbx_pH_range   . 
# 
_diffrn.id                     1 
_diffrn.ambient_temp           100 
_diffrn.ambient_temp_details   ? 
_diffrn.crystal_id             1 
# 
_diffrn_detector.diffrn_id              1 
_diffrn_detector.detector               'IMAGE PLATE' 
_diffrn_detector.type                   'RIGAKU RAXIS IV' 
_diffrn_detector.pdbx_collection_date   2005-11-05 
_diffrn_detector.details                'Osmic Mirrors' 
# 
_diffrn_radiation.diffrn_id                        1 
_diffrn_radiation.wavelength_id                    1 
_diffrn_radiation.pdbx_monochromatic_or_laue_m_l   M 
_diffrn_radiation.monochromator                    'Osmic Mirrors' 
_diffrn_radiation.pdbx_diffrn_protocol             'SINGLE WAVELENGTH' 
_diffrn_radiation.pdbx_scattering_type             x-ray 
# 
_diffrn_radiation_wavelength.id           1 
_diffrn_radiation_wavelength.wavelength   1.54 
_diffrn_radiation_wavelength.wt           1.0 
# 
_diffrn_source.diffrn_id                   1 
_diffrn_source.source                      'ROTATING ANODE' 
_diffrn_source.type                        'RIGAKU RU300' 
_diffrn_source.pdbx_synchrotron_site       ? 
_diffrn_source.pdbx_synchrotron_beamline   ? 
_diffrn_source.pdbx_wavelength             ? 
_diffrn_source.pdbx_wavelength_list        1.54 
# 
_reflns.entry_id                     2HNF 
_reflns.observed_criterion_sigma_I   ? 
_reflns.observed_criterion_sigma_F   ? 
_reflns.d_resolution_low             29.98 
_reflns.d_resolution_high            1.8 
_reflns.number_obs                   15045 
_reflns.number_all                   15045 
_reflns.percent_possible_obs         86.7 
_reflns.pdbx_Rmerge_I_obs            0.066 
_reflns.pdbx_Rsym_value              ? 
_reflns.pdbx_netI_over_sigmaI        18.6 
_reflns.B_iso_Wilson_estimate        13.5 
_reflns.pdbx_redundancy              7.9 
_reflns.R_free_details               ? 
_reflns.limit_h_max                  ? 
_reflns.limit_h_min                  ? 
_reflns.limit_k_max                  ? 
_reflns.limit_k_min                  ? 
_reflns.limit_l_max                  ? 
_reflns.limit_l_min                  ? 
_reflns.observed_criterion_F_max     ? 
_reflns.observed_criterion_F_min     ? 
_reflns.pdbx_chi_squared             ? 
_reflns.pdbx_scaling_rejects         ? 
_reflns.pdbx_diffrn_id               1 
_reflns.pdbx_ordinal                 1 
# 
_reflns_shell.d_res_high             1.8 
_reflns_shell.d_res_low              1.91 
_reflns_shell.percent_possible_all   97.6 
_reflns_shell.Rmerge_I_obs           0.066 
_reflns_shell.pdbx_Rsym_value        ? 
_reflns_shell.meanI_over_sigI_obs    18.6 
_reflns_shell.pdbx_redundancy        7.9 
_reflns_shell.percent_possible_obs   ? 
_reflns_shell.number_unique_all      15045 
_reflns_shell.number_measured_all    ? 
_reflns_shell.number_measured_obs    ? 
_reflns_shell.number_unique_obs      ? 
_reflns_shell.pdbx_chi_squared       ? 
_reflns_shell.pdbx_diffrn_id         ? 
_reflns_shell.pdbx_ordinal           1 
# 
_refine.entry_id                                 2HNF 
_refine.ls_number_reflns_obs                     13101 
_refine.ls_number_reflns_all                     15045 
_refine.pdbx_ls_sigma_I                          2.0 
_refine.pdbx_ls_sigma_F                          0.0 
_refine.pdbx_data_cutoff_high_absF               363715.79 
_refine.pdbx_data_cutoff_low_absF                0.000000 
_refine.pdbx_data_cutoff_high_rms_absF           ? 
_refine.ls_d_res_low                             29.98 
_refine.ls_d_res_high                            1.80 
_refine.ls_percent_reflns_obs                    86.7 
_refine.ls_R_factor_obs                          0.252 
_refine.ls_R_factor_all                          0.436 
_refine.ls_R_factor_R_work                       0.252 
_refine.ls_R_factor_R_free                       0.282 
_refine.ls_R_factor_R_free_error                 0.007 
_refine.ls_R_factor_R_free_error_details         ? 
_refine.ls_percent_reflns_R_free                 10.1 
_refine.ls_number_reflns_R_free                  1944 
_refine.ls_number_parameters                     ? 
_refine.ls_number_restraints                     ? 
_refine.occupancy_min                            ? 
_refine.occupancy_max                            ? 
_refine.correlation_coeff_Fo_to_Fc               ? 
_refine.correlation_coeff_Fo_to_Fc_free          ? 
_refine.B_iso_mean                               32.4 
_refine.aniso_B[1][1]                            3.48 
_refine.aniso_B[2][2]                            3.48 
_refine.aniso_B[3][3]                            -6.95 
_refine.aniso_B[1][2]                            2.28 
_refine.aniso_B[1][3]                            0.00 
_refine.aniso_B[2][3]                            0.00 
_refine.solvent_model_details                    'FLAT MODEL' 
_refine.solvent_model_param_ksol                 0.367541 
_refine.solvent_model_param_bsol                 47.0822 
_refine.pdbx_solvent_vdw_probe_radii             ? 
_refine.pdbx_solvent_ion_probe_radii             ? 
_refine.pdbx_solvent_shrinkage_radii             ? 
_refine.pdbx_ls_cross_valid_method               THROUGHOUT 
_refine.details                                  ? 
_refine.pdbx_starting_model                      'PDB entry 1F39' 
_refine.pdbx_method_to_determine_struct          'MOLECULAR REPLACEMENT' 
_refine.pdbx_isotropic_thermal_model             RESTRAINED 
_refine.pdbx_stereochemistry_target_values       ? 
_refine.pdbx_stereochem_target_val_spec_case     ? 
_refine.pdbx_R_Free_selection_details            RANDOM 
_refine.pdbx_overall_ESU_R                       ? 
_refine.pdbx_overall_ESU_R_Free                  ? 
_refine.overall_SU_ML                            ? 
_refine.overall_SU_B                             ? 
_refine.ls_redundancy_reflns_obs                 ? 
_refine.B_iso_min                                ? 
_refine.B_iso_max                                ? 
_refine.overall_SU_R_Cruickshank_DPI             ? 
_refine.overall_SU_R_free                        ? 
_refine.ls_wR_factor_R_free                      ? 
_refine.ls_wR_factor_R_work                      ? 
_refine.overall_FOM_free_R_set                   ? 
_refine.overall_FOM_work_R_set                   ? 
_refine.pdbx_overall_phase_error                 ? 
_refine.pdbx_refine_id                           'X-RAY DIFFRACTION' 
_refine.pdbx_diffrn_id                           1 
_refine.pdbx_TLS_residual_ADP_flag               ? 
_refine.pdbx_overall_SU_R_free_Cruickshank_DPI   ? 
_refine.pdbx_overall_SU_R_Blow_DPI               ? 
_refine.pdbx_overall_SU_R_free_Blow_DPI          ? 
# 
_refine_analyze.entry_id                        2HNF 
_refine_analyze.Luzzati_coordinate_error_obs    0.28 
_refine_analyze.Luzzati_sigma_a_obs             0.43 
_refine_analyze.Luzzati_d_res_low_obs           5.00 
_refine_analyze.Luzzati_coordinate_error_free   0.32 
_refine_analyze.Luzzati_sigma_a_free            0.48 
_refine_analyze.Luzzati_d_res_low_free          ? 
_refine_analyze.number_disordered_residues      ? 
_refine_analyze.occupancy_sum_hydrogen          ? 
_refine_analyze.occupancy_sum_non_hydrogen      ? 
_refine_analyze.pdbx_Luzzati_d_res_high_obs     ? 
_refine_analyze.pdbx_refine_id                  'X-RAY DIFFRACTION' 
# 
_refine_hist.pdbx_refine_id                   'X-RAY DIFFRACTION' 
_refine_hist.cycle_id                         LAST 
_refine_hist.pdbx_number_atoms_protein        1006 
_refine_hist.pdbx_number_atoms_nucleic_acid   0 
_refine_hist.pdbx_number_atoms_ligand         4 
_refine_hist.number_atoms_solvent             120 
_refine_hist.number_atoms_total               1130 
_refine_hist.d_res_high                       1.80 
_refine_hist.d_res_low                        29.98 
# 
loop_
_refine_ls_restr.type 
_refine_ls_restr.dev_ideal 
_refine_ls_restr.dev_ideal_target 
_refine_ls_restr.weight 
_refine_ls_restr.number 
_refine_ls_restr.pdbx_refine_id 
_refine_ls_restr.pdbx_restraint_function 
c_bond_d           0.005 ?    ? ? 'X-RAY DIFFRACTION' ? 
c_angle_deg        1.3   ?    ? ? 'X-RAY DIFFRACTION' ? 
c_dihedral_angle_d 26.2  ?    ? ? 'X-RAY DIFFRACTION' ? 
c_improper_angle_d 0.81  ?    ? ? 'X-RAY DIFFRACTION' ? 
c_mcbond_it        1.69  1.50 ? ? 'X-RAY DIFFRACTION' ? 
c_mcangle_it       2.87  2.00 ? ? 'X-RAY DIFFRACTION' ? 
c_scbond_it        2.18  2.00 ? ? 'X-RAY DIFFRACTION' ? 
c_scangle_it       3.19  2.50 ? ? 'X-RAY DIFFRACTION' ? 
# 
_refine_ls_shell.pdbx_total_number_of_bins_used   6 
_refine_ls_shell.d_res_high                       1.80 
_refine_ls_shell.d_res_low                        1.91 
_refine_ls_shell.number_reflns_R_work             1944 
_refine_ls_shell.R_factor_R_work                  0.436 
_refine_ls_shell.percent_reflns_obs               86.7 
_refine_ls_shell.R_factor_R_free                  0.469 
_refine_ls_shell.R_factor_R_free_error            0.032 
_refine_ls_shell.percent_reflns_R_free            9.7 
_refine_ls_shell.number_reflns_R_free             210 
_refine_ls_shell.number_reflns_all                ? 
_refine_ls_shell.R_factor_all                     ? 
_refine_ls_shell.number_reflns_obs                1944 
_refine_ls_shell.redundancy_reflns_obs            ? 
_refine_ls_shell.pdbx_refine_id                   'X-RAY DIFFRACTION' 
# 
loop_
_pdbx_xplor_file.serial_no 
_pdbx_xplor_file.param_file 
_pdbx_xplor_file.topol_file 
_pdbx_xplor_file.pdbx_refine_id 
1 protein_rep.param protein.top 'X-RAY DIFFRACTION' 
2 water_rep.param   water.top   'X-RAY DIFFRACTION' 
5 ion.param         ion.top     'X-RAY DIFFRACTION' 
# 
_struct.entry_id                  2HNF 
_struct.title                     
'Structure of a Hyper-cleavable Monomeric Fragment of Phage lambda Repressor Containing the Cleavage Site Region' 
_struct.pdbx_model_details        ? 
_struct.pdbx_CASP_flag            ? 
_struct.pdbx_model_type_details   ? 
# 
_struct_keywords.entry_id        2HNF 
_struct_keywords.pdbx_keywords   'VIRAL PROTEIN' 
_struct_keywords.text            'VIRAL PROTEIN' 
# 
loop_
_struct_asym.id 
_struct_asym.pdbx_blank_PDB_chainid_flag 
_struct_asym.pdbx_modified 
_struct_asym.entity_id 
_struct_asym.details 
A N N 1 ? 
B N N 2 ? 
C N N 2 ? 
D N N 2 ? 
E N N 2 ? 
F N N 3 ? 
# 
_struct_ref.id                         1 
_struct_ref.db_name                    UNP 
_struct_ref.db_code                    Q7B004_ECOLI 
_struct_ref.pdbx_db_accession          Q7B004 
_struct_ref.entity_id                  1 
_struct_ref.pdbx_align_begin           102 
_struct_ref.pdbx_seq_one_letter_code   ? 
_struct_ref.pdbx_db_isoform            ? 
# 
_struct_ref_seq.align_id                      1 
_struct_ref_seq.ref_id                        1 
_struct_ref_seq.pdbx_PDB_id_code              2HNF 
_struct_ref_seq.pdbx_strand_id                A 
_struct_ref_seq.seq_align_beg                 5 
_struct_ref_seq.pdbx_seq_align_beg_ins_code   ? 
_struct_ref_seq.seq_align_end                 133 
_struct_ref_seq.pdbx_seq_align_end_ins_code   ? 
_struct_ref_seq.pdbx_db_accession             Q7B004 
_struct_ref_seq.db_align_beg                  102 
_struct_ref_seq.pdbx_db_align_beg_ins_code    ? 
_struct_ref_seq.db_align_end                  230 
_struct_ref_seq.pdbx_db_align_end_ins_code    ? 
_struct_ref_seq.pdbx_auth_seq_align_beg       101 
_struct_ref_seq.pdbx_auth_seq_align_end       229 
# 
loop_
_struct_ref_seq_dif.align_id 
_struct_ref_seq_dif.pdbx_pdb_id_code 
_struct_ref_seq_dif.mon_id 
_struct_ref_seq_dif.pdbx_pdb_strand_id 
_struct_ref_seq_dif.seq_num 
_struct_ref_seq_dif.pdbx_pdb_ins_code 
_struct_ref_seq_dif.pdbx_seq_db_name 
_struct_ref_seq_dif.pdbx_seq_db_accession_code 
_struct_ref_seq_dif.db_mon_id 
_struct_ref_seq_dif.pdbx_seq_db_seq_num 
_struct_ref_seq_dif.details 
_struct_ref_seq_dif.pdbx_auth_seq_num 
_struct_ref_seq_dif.pdbx_ordinal 
1 2HNF GLY A 1  ? UNP Q7B004 ?   ?   'cloning artifact'    97  1 
1 2HNF SER A 2  ? UNP Q7B004 ?   ?   'cloning artifact'    98  2 
1 2HNF HIS A 3  ? UNP Q7B004 ?   ?   'cloning artifact'    99  3 
1 2HNF MET A 4  ? UNP Q7B004 ?   ?   'cloning artifact'    100 4 
1 2HNF THR A 56 ? UNP Q7B004 ALA 153 'engineered mutation' 152 5 
1 2HNF THR A 62 ? UNP Q7B004 PRO 159 'engineered mutation' 158 6 
1 2HNF ALA A 96 ? UNP Q7B004 LYS 193 'engineered mutation' 192 7 
# 
_pdbx_struct_assembly.id                   1 
_pdbx_struct_assembly.details              author_defined_assembly 
_pdbx_struct_assembly.method_details       ? 
_pdbx_struct_assembly.oligomeric_details   monomeric 
_pdbx_struct_assembly.oligomeric_count     1 
# 
_pdbx_struct_assembly_gen.assembly_id       1 
_pdbx_struct_assembly_gen.oper_expression   1 
_pdbx_struct_assembly_gen.asym_id_list      A,B,C,D,E,F 
# 
_pdbx_struct_oper_list.id                   1 
_pdbx_struct_oper_list.type                 'identity operation' 
_pdbx_struct_oper_list.name                 1_555 
_pdbx_struct_oper_list.symmetry_operation   x,y,z 
_pdbx_struct_oper_list.matrix[1][1]         1.0000000000 
_pdbx_struct_oper_list.matrix[1][2]         0.0000000000 
_pdbx_struct_oper_list.matrix[1][3]         0.0000000000 
_pdbx_struct_oper_list.vector[1]            0.0000000000 
_pdbx_struct_oper_list.matrix[2][1]         0.0000000000 
_pdbx_struct_oper_list.matrix[2][2]         1.0000000000 
_pdbx_struct_oper_list.matrix[2][3]         0.0000000000 
_pdbx_struct_oper_list.vector[2]            0.0000000000 
_pdbx_struct_oper_list.matrix[3][1]         0.0000000000 
_pdbx_struct_oper_list.matrix[3][2]         0.0000000000 
_pdbx_struct_oper_list.matrix[3][3]         1.0000000000 
_pdbx_struct_oper_list.vector[3]            0.0000000000 
# 
_struct_biol.id                    1 
_struct_biol.details               'the biological assembly is a monomer' 
_struct_biol.pdbx_parent_biol_id   ? 
# 
loop_
_struct_conn.id 
_struct_conn.conn_type_id 
_struct_conn.pdbx_leaving_atom_flag 
_struct_conn.pdbx_PDB_id 
_struct_conn.ptnr1_label_asym_id 
_struct_conn.ptnr1_label_comp_id 
_struct_conn.ptnr1_label_seq_id 
_struct_conn.ptnr1_label_atom_id 
_struct_conn.pdbx_ptnr1_label_alt_id 
_struct_conn.pdbx_ptnr1_PDB_ins_code 
_struct_conn.pdbx_ptnr1_standard_comp_id 
_struct_conn.ptnr1_symmetry 
_struct_conn.ptnr2_label_asym_id 
_struct_conn.ptnr2_label_comp_id 
_struct_conn.ptnr2_label_seq_id 
_struct_conn.ptnr2_label_atom_id 
_struct_conn.pdbx_ptnr2_label_alt_id 
_struct_conn.pdbx_ptnr2_PDB_ins_code 
_struct_conn.ptnr1_auth_asym_id 
_struct_conn.ptnr1_auth_comp_id 
_struct_conn.ptnr1_auth_seq_id 
_struct_conn.ptnr2_auth_asym_id 
_struct_conn.ptnr2_auth_comp_id 
_struct_conn.ptnr2_auth_seq_id 
_struct_conn.ptnr2_symmetry 
_struct_conn.pdbx_ptnr3_label_atom_id 
_struct_conn.pdbx_ptnr3_label_seq_id 
_struct_conn.pdbx_ptnr3_label_comp_id 
_struct_conn.pdbx_ptnr3_label_asym_id 
_struct_conn.pdbx_ptnr3_label_alt_id 
_struct_conn.pdbx_ptnr3_PDB_ins_code 
_struct_conn.details 
_struct_conn.pdbx_dist_value 
_struct_conn.pdbx_value_order 
_struct_conn.pdbx_role 
disulf1  disulf ? ? A CYS 119 SG  ? ? ? 1_555  A CYS 123 SG ? ? A CYS 215 A CYS 219 1_555  ? ? ? ? ? ? ? 2.034 ? ? 
metalc1  metalc ? ? A ASP 42  OD2 ? ? ? 1_555  B CA  .   CA ? ? A ASP 138 A CA  301 1_555  ? ? ? ? ? ? ? 2.680 ? ? 
metalc2  metalc ? ? A ASP 66  OD1 ? ? ? 1_555  E CA  .   CA ? ? A ASP 162 A CA  304 1_555  ? ? ? ? ? ? ? 3.113 ? ? 
metalc3  metalc ? ? A GLU 75  OE2 ? ? ? 1_555  B CA  .   CA ? ? A GLU 171 A CA  301 1_555  ? ? ? ? ? ? ? 2.601 ? ? 
metalc4  metalc ? ? A GLU 75  OE1 ? ? ? 1_555  B CA  .   CA ? ? A GLU 171 A CA  301 1_555  ? ? ? ? ? ? ? 2.769 ? ? 
metalc5  metalc ? ? A GLU 79  OE2 ? ? ? 1_555  C CA  .   CA ? ? A GLU 175 A CA  302 1_555  ? ? ? ? ? ? ? 2.765 ? ? 
metalc6  metalc ? ? A GLU 79  OE1 ? ? ? 1_555  C CA  .   CA ? ? A GLU 175 A CA  302 1_555  ? ? ? ? ? ? ? 2.746 ? ? 
metalc7  metalc ? ? A GLU 79  OE1 ? ? ? 11_555 C CA  .   CA ? ? A GLU 175 A CA  302 1_555  ? ? ? ? ? ? ? 2.724 ? ? 
metalc8  metalc ? ? A GLN 104 OE1 ? ? ? 6_555  B CA  .   CA ? ? A GLN 200 A CA  301 1_555  ? ? ? ? ? ? ? 2.665 ? ? 
metalc9  metalc ? ? A SER 132 O   ? ? ? 1_555  D CA  .   CA ? ? A SER 228 A CA  303 1_555  ? ? ? ? ? ? ? 2.665 ? ? 
metalc10 metalc ? ? A SER 132 OG  ? ? ? 1_555  D CA  .   CA ? ? A SER 228 A CA  303 1_555  ? ? ? ? ? ? ? 3.093 ? ? 
metalc11 metalc ? ? B CA  .   CA  ? ? ? 1_555  F HOH .   O  ? ? A CA  301 A HOH 405 1_555  ? ? ? ? ? ? ? 3.272 ? ? 
metalc12 metalc ? ? B CA  .   CA  ? ? ? 1_555  F HOH .   O  ? ? A CA  301 A HOH 405 9_555  ? ? ? ? ? ? ? 3.325 ? ? 
metalc13 metalc ? ? B CA  .   CA  ? ? ? 1_555  F HOH .   O  ? ? A CA  301 A HOH 408 1_555  ? ? ? ? ? ? ? 2.640 ? ? 
metalc14 metalc ? ? B CA  .   CA  ? ? ? 1_555  F HOH .   O  ? ? A CA  301 A HOH 481 1_555  ? ? ? ? ? ? ? 2.905 ? ? 
metalc15 metalc ? ? C CA  .   CA  ? ? ? 1_555  F HOH .   O  ? ? A CA  302 A HOH 404 1_555  ? ? ? ? ? ? ? 2.670 ? ? 
metalc16 metalc ? ? C CA  .   CA  ? ? ? 1_555  F HOH .   O  ? ? A CA  302 A HOH 407 1_555  ? ? ? ? ? ? ? 2.740 ? ? 
metalc17 metalc ? ? C CA  .   CA  ? ? ? 1_555  F HOH .   O  ? ? A CA  302 A HOH 409 11_555 ? ? ? ? ? ? ? 2.679 ? ? 
metalc18 metalc ? ? C CA  .   CA  ? ? ? 1_555  F HOH .   O  ? ? A CA  302 A HOH 508 1_555  ? ? ? ? ? ? ? 2.773 ? ? 
metalc19 metalc ? ? D CA  .   CA  ? ? ? 1_555  F HOH .   O  ? ? A CA  303 A HOH 418 1_555  ? ? ? ? ? ? ? 2.857 ? ? 
metalc20 metalc ? ? D CA  .   CA  ? ? ? 1_555  F HOH .   O  ? ? A CA  303 A HOH 421 10_665 ? ? ? ? ? ? ? 2.965 ? ? 
metalc21 metalc ? ? D CA  .   CA  ? ? ? 1_555  F HOH .   O  ? ? A CA  303 A HOH 450 10_665 ? ? ? ? ? ? ? 2.928 ? ? 
metalc22 metalc ? ? D CA  .   CA  ? ? ? 1_555  F HOH .   O  ? ? A CA  303 A HOH 455 1_555  ? ? ? ? ? ? ? 2.865 ? ? 
metalc23 metalc ? ? D CA  .   CA  ? ? ? 1_555  F HOH .   O  ? ? A CA  303 A HOH 517 1_555  ? ? ? ? ? ? ? 2.893 ? ? 
metalc24 metalc ? ? E CA  .   CA  ? ? ? 1_555  F HOH .   O  ? ? A CA  304 A HOH 479 1_555  ? ? ? ? ? ? ? 3.292 ? ? 
# 
loop_
_struct_conn_type.id 
_struct_conn_type.criteria 
_struct_conn_type.reference 
disulf ? ? 
metalc ? ? 
# 
loop_
_pdbx_struct_conn_angle.id 
_pdbx_struct_conn_angle.ptnr1_label_atom_id 
_pdbx_struct_conn_angle.ptnr1_label_alt_id 
_pdbx_struct_conn_angle.ptnr1_label_asym_id 
_pdbx_struct_conn_angle.ptnr1_label_comp_id 
_pdbx_struct_conn_angle.ptnr1_label_seq_id 
_pdbx_struct_conn_angle.ptnr1_auth_atom_id 
_pdbx_struct_conn_angle.ptnr1_auth_asym_id 
_pdbx_struct_conn_angle.ptnr1_auth_comp_id 
_pdbx_struct_conn_angle.ptnr1_auth_seq_id 
_pdbx_struct_conn_angle.ptnr1_PDB_ins_code 
_pdbx_struct_conn_angle.ptnr1_symmetry 
_pdbx_struct_conn_angle.ptnr2_label_atom_id 
_pdbx_struct_conn_angle.ptnr2_label_alt_id 
_pdbx_struct_conn_angle.ptnr2_label_asym_id 
_pdbx_struct_conn_angle.ptnr2_label_comp_id 
_pdbx_struct_conn_angle.ptnr2_label_seq_id 
_pdbx_struct_conn_angle.ptnr2_auth_atom_id 
_pdbx_struct_conn_angle.ptnr2_auth_asym_id 
_pdbx_struct_conn_angle.ptnr2_auth_comp_id 
_pdbx_struct_conn_angle.ptnr2_auth_seq_id 
_pdbx_struct_conn_angle.ptnr2_PDB_ins_code 
_pdbx_struct_conn_angle.ptnr2_symmetry 
_pdbx_struct_conn_angle.ptnr3_label_atom_id 
_pdbx_struct_conn_angle.ptnr3_label_alt_id 
_pdbx_struct_conn_angle.ptnr3_label_asym_id 
_pdbx_struct_conn_angle.ptnr3_label_comp_id 
_pdbx_struct_conn_angle.ptnr3_label_seq_id 
_pdbx_struct_conn_angle.ptnr3_auth_atom_id 
_pdbx_struct_conn_angle.ptnr3_auth_asym_id 
_pdbx_struct_conn_angle.ptnr3_auth_comp_id 
_pdbx_struct_conn_angle.ptnr3_auth_seq_id 
_pdbx_struct_conn_angle.ptnr3_PDB_ins_code 
_pdbx_struct_conn_angle.ptnr3_symmetry 
_pdbx_struct_conn_angle.value 
_pdbx_struct_conn_angle.value_esd 
1  OD2 ? A ASP 42  ? A ASP 138 ? 1_555  CA ? B CA . ? A CA 301 ? 1_555 OE2 ? A GLU 75  ? A GLU 171 ? 1_555  82.3  ? 
2  OD2 ? A ASP 42  ? A ASP 138 ? 1_555  CA ? B CA . ? A CA 301 ? 1_555 OE1 ? A GLU 75  ? A GLU 171 ? 1_555  119.0 ? 
3  OE2 ? A GLU 75  ? A GLU 171 ? 1_555  CA ? B CA . ? A CA 301 ? 1_555 OE1 ? A GLU 75  ? A GLU 171 ? 1_555  48.5  ? 
4  OD2 ? A ASP 42  ? A ASP 138 ? 1_555  CA ? B CA . ? A CA 301 ? 1_555 OE1 ? A GLN 104 ? A GLN 200 ? 6_555  74.5  ? 
5  OE2 ? A GLU 75  ? A GLU 171 ? 1_555  CA ? B CA . ? A CA 301 ? 1_555 OE1 ? A GLN 104 ? A GLN 200 ? 6_555  96.3  ? 
6  OE1 ? A GLU 75  ? A GLU 171 ? 1_555  CA ? B CA . ? A CA 301 ? 1_555 OE1 ? A GLN 104 ? A GLN 200 ? 6_555  77.7  ? 
7  OD2 ? A ASP 42  ? A ASP 138 ? 1_555  CA ? B CA . ? A CA 301 ? 1_555 O   ? F HOH .   ? A HOH 405 ? 1_555  153.2 ? 
8  OE2 ? A GLU 75  ? A GLU 171 ? 1_555  CA ? B CA . ? A CA 301 ? 1_555 O   ? F HOH .   ? A HOH 405 ? 1_555  123.8 ? 
9  OE1 ? A GLU 75  ? A GLU 171 ? 1_555  CA ? B CA . ? A CA 301 ? 1_555 O   ? F HOH .   ? A HOH 405 ? 1_555  81.1  ? 
10 OE1 ? A GLN 104 ? A GLN 200 ? 6_555  CA ? B CA . ? A CA 301 ? 1_555 O   ? F HOH .   ? A HOH 405 ? 1_555  94.7  ? 
11 OD2 ? A ASP 42  ? A ASP 138 ? 1_555  CA ? B CA . ? A CA 301 ? 1_555 O   ? F HOH .   ? A HOH 405 ? 9_555  153.0 ? 
12 OE2 ? A GLU 75  ? A GLU 171 ? 1_555  CA ? B CA . ? A CA 301 ? 1_555 O   ? F HOH .   ? A HOH 405 ? 9_555  124.2 ? 
13 OE1 ? A GLU 75  ? A GLU 171 ? 1_555  CA ? B CA . ? A CA 301 ? 1_555 O   ? F HOH .   ? A HOH 405 ? 9_555  81.7  ? 
14 OE1 ? A GLN 104 ? A GLN 200 ? 6_555  CA ? B CA . ? A CA 301 ? 1_555 O   ? F HOH .   ? A HOH 405 ? 9_555  95.3  ? 
15 O   ? F HOH .   ? A HOH 405 ? 1_555  CA ? B CA . ? A CA 301 ? 1_555 O   ? F HOH .   ? A HOH 405 ? 9_555  0.7   ? 
16 OD2 ? A ASP 42  ? A ASP 138 ? 1_555  CA ? B CA . ? A CA 301 ? 1_555 O   ? F HOH .   ? A HOH 408 ? 1_555  82.1  ? 
17 OE2 ? A GLU 75  ? A GLU 171 ? 1_555  CA ? B CA . ? A CA 301 ? 1_555 O   ? F HOH .   ? A HOH 408 ? 1_555  156.3 ? 
18 OE1 ? A GLU 75  ? A GLU 171 ? 1_555  CA ? B CA . ? A CA 301 ? 1_555 O   ? F HOH .   ? A HOH 408 ? 1_555  154.6 ? 
19 OE1 ? A GLN 104 ? A GLN 200 ? 6_555  CA ? B CA . ? A CA 301 ? 1_555 O   ? F HOH .   ? A HOH 408 ? 1_555  96.5  ? 
20 O   ? F HOH .   ? A HOH 405 ? 1_555  CA ? B CA . ? A CA 301 ? 1_555 O   ? F HOH .   ? A HOH 408 ? 1_555  74.7  ? 
21 O   ? F HOH .   ? A HOH 405 ? 9_555  CA ? B CA . ? A CA 301 ? 1_555 O   ? F HOH .   ? A HOH 408 ? 1_555  74.2  ? 
22 OD2 ? A ASP 42  ? A ASP 138 ? 1_555  CA ? B CA . ? A CA 301 ? 1_555 O   ? F HOH .   ? A HOH 481 ? 1_555  90.6  ? 
23 OE2 ? A GLU 75  ? A GLU 171 ? 1_555  CA ? B CA . ? A CA 301 ? 1_555 O   ? F HOH .   ? A HOH 481 ? 1_555  77.2  ? 
24 OE1 ? A GLU 75  ? A GLU 171 ? 1_555  CA ? B CA . ? A CA 301 ? 1_555 O   ? F HOH .   ? A HOH 481 ? 1_555  106.9 ? 
25 OE1 ? A GLN 104 ? A GLN 200 ? 6_555  CA ? B CA . ? A CA 301 ? 1_555 O   ? F HOH .   ? A HOH 481 ? 1_555  164.6 ? 
26 O   ? F HOH .   ? A HOH 405 ? 1_555  CA ? B CA . ? A CA 301 ? 1_555 O   ? F HOH .   ? A HOH 481 ? 1_555  100.5 ? 
27 O   ? F HOH .   ? A HOH 405 ? 9_555  CA ? B CA . ? A CA 301 ? 1_555 O   ? F HOH .   ? A HOH 481 ? 1_555  99.9  ? 
28 O   ? F HOH .   ? A HOH 408 ? 1_555  CA ? B CA . ? A CA 301 ? 1_555 O   ? F HOH .   ? A HOH 481 ? 1_555  85.4  ? 
29 OD1 ? A ASP 66  ? A ASP 162 ? 1_555  CA ? E CA . ? A CA 304 ? 1_555 O   ? F HOH .   ? A HOH 479 ? 1_555  81.3  ? 
30 OE2 ? A GLU 79  ? A GLU 175 ? 1_555  CA ? C CA . ? A CA 302 ? 1_555 OE1 ? A GLU 79  ? A GLU 175 ? 1_555  46.9  ? 
31 OE2 ? A GLU 79  ? A GLU 175 ? 1_555  CA ? C CA . ? A CA 302 ? 1_555 OE1 ? A GLU 79  ? A GLU 175 ? 11_555 108.2 ? 
32 OE1 ? A GLU 79  ? A GLU 175 ? 1_555  CA ? C CA . ? A CA 302 ? 1_555 OE1 ? A GLU 79  ? A GLU 175 ? 11_555 78.4  ? 
33 OE2 ? A GLU 79  ? A GLU 175 ? 1_555  CA ? C CA . ? A CA 302 ? 1_555 O   ? F HOH .   ? A HOH 404 ? 1_555  76.4  ? 
34 OE1 ? A GLU 79  ? A GLU 175 ? 1_555  CA ? C CA . ? A CA 302 ? 1_555 O   ? F HOH .   ? A HOH 404 ? 1_555  115.9 ? 
35 OE1 ? A GLU 79  ? A GLU 175 ? 11_555 CA ? C CA . ? A CA 302 ? 1_555 O   ? F HOH .   ? A HOH 404 ? 1_555  97.9  ? 
36 OE2 ? A GLU 79  ? A GLU 175 ? 1_555  CA ? C CA . ? A CA 302 ? 1_555 O   ? F HOH .   ? A HOH 407 ? 1_555  156.7 ? 
37 OE1 ? A GLU 79  ? A GLU 175 ? 1_555  CA ? C CA . ? A CA 302 ? 1_555 O   ? F HOH .   ? A HOH 407 ? 1_555  156.4 ? 
38 OE1 ? A GLU 79  ? A GLU 175 ? 11_555 CA ? C CA . ? A CA 302 ? 1_555 O   ? F HOH .   ? A HOH 407 ? 1_555  86.7  ? 
39 O   ? F HOH .   ? A HOH 404 ? 1_555  CA ? C CA . ? A CA 302 ? 1_555 O   ? F HOH .   ? A HOH 407 ? 1_555  84.0  ? 
40 OE2 ? A GLU 79  ? A GLU 175 ? 1_555  CA ? C CA . ? A CA 302 ? 1_555 O   ? F HOH .   ? A HOH 409 ? 11_555 80.3  ? 
41 OE1 ? A GLU 79  ? A GLU 175 ? 1_555  CA ? C CA . ? A CA 302 ? 1_555 O   ? F HOH .   ? A HOH 409 ? 11_555 104.7 ? 
42 OE1 ? A GLU 79  ? A GLU 175 ? 11_555 CA ? C CA . ? A CA 302 ? 1_555 O   ? F HOH .   ? A HOH 409 ? 11_555 169.9 ? 
43 O   ? F HOH .   ? A HOH 404 ? 1_555  CA ? C CA . ? A CA 302 ? 1_555 O   ? F HOH .   ? A HOH 409 ? 11_555 89.4  ? 
44 O   ? F HOH .   ? A HOH 407 ? 1_555  CA ? C CA . ? A CA 302 ? 1_555 O   ? F HOH .   ? A HOH 409 ? 11_555 87.1  ? 
45 OE2 ? A GLU 79  ? A GLU 175 ? 1_555  CA ? C CA . ? A CA 302 ? 1_555 O   ? F HOH .   ? A HOH 508 ? 1_555  117.6 ? 
46 OE1 ? A GLU 79  ? A GLU 175 ? 1_555  CA ? C CA . ? A CA 302 ? 1_555 O   ? F HOH .   ? A HOH 508 ? 1_555  78.4  ? 
47 OE1 ? A GLU 79  ? A GLU 175 ? 11_555 CA ? C CA . ? A CA 302 ? 1_555 O   ? F HOH .   ? A HOH 508 ? 1_555  81.9  ? 
48 O   ? F HOH .   ? A HOH 404 ? 1_555  CA ? C CA . ? A CA 302 ? 1_555 O   ? F HOH .   ? A HOH 508 ? 1_555  165.6 ? 
49 O   ? F HOH .   ? A HOH 407 ? 1_555  CA ? C CA . ? A CA 302 ? 1_555 O   ? F HOH .   ? A HOH 508 ? 1_555  81.6  ? 
50 O   ? F HOH .   ? A HOH 409 ? 11_555 CA ? C CA . ? A CA 302 ? 1_555 O   ? F HOH .   ? A HOH 508 ? 1_555  89.3  ? 
51 O   ? A SER 132 ? A SER 228 ? 1_555  CA ? D CA . ? A CA 303 ? 1_555 OG  ? A SER 132 ? A SER 228 ? 1_555  66.2  ? 
52 O   ? A SER 132 ? A SER 228 ? 1_555  CA ? D CA . ? A CA 303 ? 1_555 O   ? F HOH .   ? A HOH 418 ? 1_555  136.8 ? 
53 OG  ? A SER 132 ? A SER 228 ? 1_555  CA ? D CA . ? A CA 303 ? 1_555 O   ? F HOH .   ? A HOH 418 ? 1_555  70.6  ? 
54 O   ? A SER 132 ? A SER 228 ? 1_555  CA ? D CA . ? A CA 303 ? 1_555 O   ? F HOH .   ? A HOH 421 ? 10_665 129.0 ? 
55 OG  ? A SER 132 ? A SER 228 ? 1_555  CA ? D CA . ? A CA 303 ? 1_555 O   ? F HOH .   ? A HOH 421 ? 10_665 126.6 ? 
56 O   ? F HOH .   ? A HOH 418 ? 1_555  CA ? D CA . ? A CA 303 ? 1_555 O   ? F HOH .   ? A HOH 421 ? 10_665 79.5  ? 
57 O   ? A SER 132 ? A SER 228 ? 1_555  CA ? D CA . ? A CA 303 ? 1_555 O   ? F HOH .   ? A HOH 450 ? 10_665 126.2 ? 
58 OG  ? A SER 132 ? A SER 228 ? 1_555  CA ? D CA . ? A CA 303 ? 1_555 O   ? F HOH .   ? A HOH 450 ? 10_665 129.5 ? 
59 O   ? F HOH .   ? A HOH 418 ? 1_555  CA ? D CA . ? A CA 303 ? 1_555 O   ? F HOH .   ? A HOH 450 ? 10_665 81.3  ? 
60 O   ? F HOH .   ? A HOH 421 ? 10_665 CA ? D CA . ? A CA 303 ? 1_555 O   ? F HOH .   ? A HOH 450 ? 10_665 85.9  ? 
61 O   ? A SER 132 ? A SER 228 ? 1_555  CA ? D CA . ? A CA 303 ? 1_555 O   ? F HOH .   ? A HOH 455 ? 1_555  76.8  ? 
62 OG  ? A SER 132 ? A SER 228 ? 1_555  CA ? D CA . ? A CA 303 ? 1_555 O   ? F HOH .   ? A HOH 455 ? 1_555  130.6 ? 
63 O   ? F HOH .   ? A HOH 418 ? 1_555  CA ? D CA . ? A CA 303 ? 1_555 O   ? F HOH .   ? A HOH 455 ? 1_555  137.5 ? 
64 O   ? F HOH .   ? A HOH 421 ? 10_665 CA ? D CA . ? A CA 303 ? 1_555 O   ? F HOH .   ? A HOH 455 ? 1_555  58.2  ? 
65 O   ? F HOH .   ? A HOH 450 ? 10_665 CA ? D CA . ? A CA 303 ? 1_555 O   ? F HOH .   ? A HOH 455 ? 1_555  98.4  ? 
66 O   ? A SER 132 ? A SER 228 ? 1_555  CA ? D CA . ? A CA 303 ? 1_555 O   ? F HOH .   ? A HOH 517 ? 1_555  78.2  ? 
67 OG  ? A SER 132 ? A SER 228 ? 1_555  CA ? D CA . ? A CA 303 ? 1_555 O   ? F HOH .   ? A HOH 517 ? 1_555  77.8  ? 
68 O   ? F HOH .   ? A HOH 418 ? 1_555  CA ? D CA . ? A CA 303 ? 1_555 O   ? F HOH .   ? A HOH 517 ? 1_555  94.7  ? 
69 O   ? F HOH .   ? A HOH 421 ? 10_665 CA ? D CA . ? A CA 303 ? 1_555 O   ? F HOH .   ? A HOH 517 ? 1_555  61.4  ? 
70 O   ? F HOH .   ? A HOH 450 ? 10_665 CA ? D CA . ? A CA 303 ? 1_555 O   ? F HOH .   ? A HOH 517 ? 1_555  147.2 ? 
71 O   ? F HOH .   ? A HOH 455 ? 1_555  CA ? D CA . ? A CA 303 ? 1_555 O   ? F HOH .   ? A HOH 517 ? 1_555  63.0  ? 
# 
_pdbx_modification_feature.ordinal                            1 
_pdbx_modification_feature.label_comp_id                      CYS 
_pdbx_modification_feature.label_asym_id                      A 
_pdbx_modification_feature.label_seq_id                       119 
_pdbx_modification_feature.label_alt_id                       ? 
_pdbx_modification_feature.modified_residue_label_comp_id     CYS 
_pdbx_modification_feature.modified_residue_label_asym_id     A 
_pdbx_modification_feature.modified_residue_label_seq_id      123 
_pdbx_modification_feature.modified_residue_label_alt_id      ? 
_pdbx_modification_feature.auth_comp_id                       CYS 
_pdbx_modification_feature.auth_asym_id                       A 
_pdbx_modification_feature.auth_seq_id                        215 
_pdbx_modification_feature.PDB_ins_code                       ? 
_pdbx_modification_feature.symmetry                           1_555 
_pdbx_modification_feature.modified_residue_auth_comp_id      CYS 
_pdbx_modification_feature.modified_residue_auth_asym_id      A 
_pdbx_modification_feature.modified_residue_auth_seq_id       219 
_pdbx_modification_feature.modified_residue_PDB_ins_code      ? 
_pdbx_modification_feature.modified_residue_symmetry          1_555 
_pdbx_modification_feature.comp_id_linking_atom               SG 
_pdbx_modification_feature.modified_residue_id_linking_atom   SG 
_pdbx_modification_feature.modified_residue_id                . 
_pdbx_modification_feature.ref_pcm_id                         . 
_pdbx_modification_feature.ref_comp_id                        . 
_pdbx_modification_feature.type                               None 
_pdbx_modification_feature.category                           'Disulfide bridge' 
# 
loop_
_struct_sheet.id 
_struct_sheet.type 
_struct_sheet.number_strands 
_struct_sheet.details 
A ? 9 ? 
B ? 2 ? 
# 
loop_
_struct_sheet_order.sheet_id 
_struct_sheet_order.range_id_1 
_struct_sheet_order.range_id_2 
_struct_sheet_order.offset 
_struct_sheet_order.sense 
A 1 2 ? anti-parallel 
A 2 3 ? parallel      
A 3 4 ? anti-parallel 
A 4 5 ? anti-parallel 
A 5 6 ? anti-parallel 
A 6 7 ? anti-parallel 
A 7 8 ? anti-parallel 
A 8 9 ? anti-parallel 
B 1 2 ? anti-parallel 
# 
loop_
_struct_sheet_range.sheet_id 
_struct_sheet_range.id 
_struct_sheet_range.beg_label_comp_id 
_struct_sheet_range.beg_label_asym_id 
_struct_sheet_range.beg_label_seq_id 
_struct_sheet_range.pdbx_beg_PDB_ins_code 
_struct_sheet_range.end_label_comp_id 
_struct_sheet_range.end_label_asym_id 
_struct_sheet_range.end_label_seq_id 
_struct_sheet_range.pdbx_end_PDB_ins_code 
_struct_sheet_range.beg_auth_comp_id 
_struct_sheet_range.beg_auth_asym_id 
_struct_sheet_range.beg_auth_seq_id 
_struct_sheet_range.end_auth_comp_id 
_struct_sheet_range.end_auth_asym_id 
_struct_sheet_range.end_auth_seq_id 
A 1 ARG A 32  ? THR A 36  ? ARG A 128 THR A 132 
A 2 TYR A 5   ? PHE A 10  ? TYR A 101 PHE A 106 
A 3 PHE A 45  ? GLU A 48  ? PHE A 141 GLU A 144 
A 4 LEU A 69  ? ASP A 73  ? LEU A 165 ASP A 169 
A 5 CYS A 123 ? SER A 132 ? CYS A 219 SER A 228 
A 6 PHE A 83  ? LEU A 88  ? PHE A 179 LEU A 184 
A 7 GLU A 92  ? ASP A 101 ? GLU A 188 ASP A 197 
A 8 GLN A 104 ? GLN A 108 ? GLN A 200 GLN A 204 
A 9 ILE A 117 ? PRO A 118 ? ILE A 213 PRO A 214 
B 1 HIS A 12  ? GLN A 14  ? HIS A 108 GLN A 110 
B 2 ARG A 23  ? PHE A 25  ? ARG A 119 PHE A 121 
# 
loop_
_pdbx_struct_sheet_hbond.sheet_id 
_pdbx_struct_sheet_hbond.range_id_1 
_pdbx_struct_sheet_hbond.range_id_2 
_pdbx_struct_sheet_hbond.range_1_label_atom_id 
_pdbx_struct_sheet_hbond.range_1_label_comp_id 
_pdbx_struct_sheet_hbond.range_1_label_asym_id 
_pdbx_struct_sheet_hbond.range_1_label_seq_id 
_pdbx_struct_sheet_hbond.range_1_PDB_ins_code 
_pdbx_struct_sheet_hbond.range_1_auth_atom_id 
_pdbx_struct_sheet_hbond.range_1_auth_comp_id 
_pdbx_struct_sheet_hbond.range_1_auth_asym_id 
_pdbx_struct_sheet_hbond.range_1_auth_seq_id 
_pdbx_struct_sheet_hbond.range_2_label_atom_id 
_pdbx_struct_sheet_hbond.range_2_label_comp_id 
_pdbx_struct_sheet_hbond.range_2_label_asym_id 
_pdbx_struct_sheet_hbond.range_2_label_seq_id 
_pdbx_struct_sheet_hbond.range_2_PDB_ins_code 
_pdbx_struct_sheet_hbond.range_2_auth_atom_id 
_pdbx_struct_sheet_hbond.range_2_auth_comp_id 
_pdbx_struct_sheet_hbond.range_2_auth_asym_id 
_pdbx_struct_sheet_hbond.range_2_auth_seq_id 
A 1 2 O THR A 36  ? O THR A 132 N TYR A 5   ? N TYR A 101 
A 2 3 N PRO A 8   ? N PRO A 104 O TRP A 46  ? O TRP A 142 
A 3 4 N PHE A 45  ? N PHE A 141 O VAL A 72  ? O VAL A 168 
A 4 5 N ASP A 73  ? N ASP A 169 O LYS A 128 ? O LYS A 224 
A 5 6 O SER A 124 ? O SER A 220 N ARG A 87  ? N ARG A 183 
A 6 7 N LEU A 88  ? N LEU A 184 O GLU A 92  ? O GLU A 188 
A 7 8 N ASP A 101 ? N ASP A 197 O GLN A 104 ? O GLN A 200 
A 8 9 N LEU A 107 ? N LEU A 203 O ILE A 117 ? O ILE A 213 
B 1 2 N VAL A 13  ? N VAL A 109 O THR A 24  ? O THR A 120 
# 
loop_
_struct_site.id 
_struct_site.pdbx_evidence_code 
_struct_site.pdbx_auth_asym_id 
_struct_site.pdbx_auth_comp_id 
_struct_site.pdbx_auth_seq_id 
_struct_site.pdbx_auth_ins_code 
_struct_site.pdbx_num_residues 
_struct_site.details 
AC1 Software A CA 301 ? 5 'BINDING SITE FOR RESIDUE CA A 301' 
AC2 Software A CA 302 ? 6 'BINDING SITE FOR RESIDUE CA A 302' 
AC3 Software A CA 303 ? 6 'BINDING SITE FOR RESIDUE CA A 303' 
AC4 Software A CA 304 ? 1 'BINDING SITE FOR RESIDUE CA A 304' 
# 
loop_
_struct_site_gen.id 
_struct_site_gen.site_id 
_struct_site_gen.pdbx_num_res 
_struct_site_gen.label_comp_id 
_struct_site_gen.label_asym_id 
_struct_site_gen.label_seq_id 
_struct_site_gen.pdbx_auth_ins_code 
_struct_site_gen.auth_comp_id 
_struct_site_gen.auth_asym_id 
_struct_site_gen.auth_seq_id 
_struct_site_gen.label_atom_id 
_struct_site_gen.label_alt_id 
_struct_site_gen.symmetry 
_struct_site_gen.details 
1  AC1 5 ASP A 42  ? ASP A 138 . ? 1_555  ? 
2  AC1 5 GLU A 75  ? GLU A 171 . ? 1_555  ? 
3  AC1 5 GLN A 104 ? GLN A 200 . ? 6_555  ? 
4  AC1 5 HOH F .   ? HOH A 408 . ? 1_555  ? 
5  AC1 5 HOH F .   ? HOH A 481 . ? 1_555  ? 
6  AC2 6 GLU A 79  ? GLU A 175 . ? 1_555  ? 
7  AC2 6 GLU A 79  ? GLU A 175 . ? 11_555 ? 
8  AC2 6 HOH F .   ? HOH A 404 . ? 1_555  ? 
9  AC2 6 HOH F .   ? HOH A 407 . ? 1_555  ? 
10 AC2 6 HOH F .   ? HOH A 409 . ? 11_555 ? 
11 AC2 6 HOH F .   ? HOH A 508 . ? 1_555  ? 
12 AC3 6 SER A 132 ? SER A 228 . ? 1_555  ? 
13 AC3 6 HOH F .   ? HOH A 418 . ? 1_555  ? 
14 AC3 6 HOH F .   ? HOH A 421 . ? 10_665 ? 
15 AC3 6 HOH F .   ? HOH A 450 . ? 10_665 ? 
16 AC3 6 HOH F .   ? HOH A 455 . ? 1_555  ? 
17 AC3 6 HOH F .   ? HOH A 517 . ? 1_555  ? 
18 AC4 1 ASP A 66  ? ASP A 162 . ? 1_555  ? 
# 
_pdbx_entry_details.entry_id                   2HNF 
_pdbx_entry_details.compound_details           ? 
_pdbx_entry_details.source_details             ? 
_pdbx_entry_details.nonpolymer_details         ? 
_pdbx_entry_details.sequence_details           ? 
_pdbx_entry_details.has_ligand_of_interest     ? 
_pdbx_entry_details.has_protein_modification   Y 
# 
_pdbx_validate_symm_contact.id                1 
_pdbx_validate_symm_contact.PDB_model_num     1 
_pdbx_validate_symm_contact.auth_atom_id_1    O 
_pdbx_validate_symm_contact.auth_asym_id_1    A 
_pdbx_validate_symm_contact.auth_comp_id_1    HOH 
_pdbx_validate_symm_contact.auth_seq_id_1     508 
_pdbx_validate_symm_contact.PDB_ins_code_1    ? 
_pdbx_validate_symm_contact.label_alt_id_1    ? 
_pdbx_validate_symm_contact.site_symmetry_1   1_555 
_pdbx_validate_symm_contact.auth_atom_id_2    O 
_pdbx_validate_symm_contact.auth_asym_id_2    A 
_pdbx_validate_symm_contact.auth_comp_id_2    HOH 
_pdbx_validate_symm_contact.auth_seq_id_2     508 
_pdbx_validate_symm_contact.PDB_ins_code_2    ? 
_pdbx_validate_symm_contact.label_alt_id_2    ? 
_pdbx_validate_symm_contact.site_symmetry_2   11_555 
_pdbx_validate_symm_contact.dist              2.04 
# 
loop_
_pdbx_validate_torsion.id 
_pdbx_validate_torsion.PDB_model_num 
_pdbx_validate_torsion.auth_comp_id 
_pdbx_validate_torsion.auth_asym_id 
_pdbx_validate_torsion.auth_seq_id 
_pdbx_validate_torsion.PDB_ins_code 
_pdbx_validate_torsion.label_alt_id 
_pdbx_validate_torsion.phi 
_pdbx_validate_torsion.psi 
1 1 SER A 98  ? ? -58.40  -177.00 
2 1 ASP A 187 ? ? -140.23 -29.95  
3 1 ASN A 216 ? ? -125.45 -108.28 
4 1 GLU A 217 ? ? -60.74  -80.30  
5 1 SER A 218 ? ? -68.43  25.75   
# 
_pdbx_struct_special_symmetry.id              1 
_pdbx_struct_special_symmetry.PDB_model_num   1 
_pdbx_struct_special_symmetry.auth_asym_id    A 
_pdbx_struct_special_symmetry.auth_comp_id    HOH 
_pdbx_struct_special_symmetry.auth_seq_id     405 
_pdbx_struct_special_symmetry.PDB_ins_code    ? 
_pdbx_struct_special_symmetry.label_asym_id   F 
_pdbx_struct_special_symmetry.label_comp_id   HOH 
_pdbx_struct_special_symmetry.label_seq_id    . 
# 
loop_
_pdbx_unobs_or_zero_occ_residues.id 
_pdbx_unobs_or_zero_occ_residues.PDB_model_num 
_pdbx_unobs_or_zero_occ_residues.polymer_flag 
_pdbx_unobs_or_zero_occ_residues.occupancy_flag 
_pdbx_unobs_or_zero_occ_residues.auth_asym_id 
_pdbx_unobs_or_zero_occ_residues.auth_comp_id 
_pdbx_unobs_or_zero_occ_residues.auth_seq_id 
_pdbx_unobs_or_zero_occ_residues.PDB_ins_code 
_pdbx_unobs_or_zero_occ_residues.label_asym_id 
_pdbx_unobs_or_zero_occ_residues.label_comp_id 
_pdbx_unobs_or_zero_occ_residues.label_seq_id 
1 1 Y 1 A THR 154 ? A THR 58 
2 1 Y 1 A GLY 155 ? A GLY 59 
3 1 Y 1 A SER 156 ? A SER 60 
# 
loop_
_chem_comp_atom.comp_id 
_chem_comp_atom.atom_id 
_chem_comp_atom.type_symbol 
_chem_comp_atom.pdbx_aromatic_flag 
_chem_comp_atom.pdbx_stereo_config 
_chem_comp_atom.pdbx_ordinal 
ALA N    N  N N 1   
ALA CA   C  N S 2   
ALA C    C  N N 3   
ALA O    O  N N 4   
ALA CB   C  N N 5   
ALA OXT  O  N N 6   
ALA H    H  N N 7   
ALA H2   H  N N 8   
ALA HA   H  N N 9   
ALA HB1  H  N N 10  
ALA HB2  H  N N 11  
ALA HB3  H  N N 12  
ALA HXT  H  N N 13  
ARG N    N  N N 14  
ARG CA   C  N S 15  
ARG C    C  N N 16  
ARG O    O  N N 17  
ARG CB   C  N N 18  
ARG CG   C  N N 19  
ARG CD   C  N N 20  
ARG NE   N  N N 21  
ARG CZ   C  N N 22  
ARG NH1  N  N N 23  
ARG NH2  N  N N 24  
ARG OXT  O  N N 25  
ARG H    H  N N 26  
ARG H2   H  N N 27  
ARG HA   H  N N 28  
ARG HB2  H  N N 29  
ARG HB3  H  N N 30  
ARG HG2  H  N N 31  
ARG HG3  H  N N 32  
ARG HD2  H  N N 33  
ARG HD3  H  N N 34  
ARG HE   H  N N 35  
ARG HH11 H  N N 36  
ARG HH12 H  N N 37  
ARG HH21 H  N N 38  
ARG HH22 H  N N 39  
ARG HXT  H  N N 40  
ASN N    N  N N 41  
ASN CA   C  N S 42  
ASN C    C  N N 43  
ASN O    O  N N 44  
ASN CB   C  N N 45  
ASN CG   C  N N 46  
ASN OD1  O  N N 47  
ASN ND2  N  N N 48  
ASN OXT  O  N N 49  
ASN H    H  N N 50  
ASN H2   H  N N 51  
ASN HA   H  N N 52  
ASN HB2  H  N N 53  
ASN HB3  H  N N 54  
ASN HD21 H  N N 55  
ASN HD22 H  N N 56  
ASN HXT  H  N N 57  
ASP N    N  N N 58  
ASP CA   C  N S 59  
ASP C    C  N N 60  
ASP O    O  N N 61  
ASP CB   C  N N 62  
ASP CG   C  N N 63  
ASP OD1  O  N N 64  
ASP OD2  O  N N 65  
ASP OXT  O  N N 66  
ASP H    H  N N 67  
ASP H2   H  N N 68  
ASP HA   H  N N 69  
ASP HB2  H  N N 70  
ASP HB3  H  N N 71  
ASP HD2  H  N N 72  
ASP HXT  H  N N 73  
CA  CA   CA N N 74  
CYS N    N  N N 75  
CYS CA   C  N R 76  
CYS C    C  N N 77  
CYS O    O  N N 78  
CYS CB   C  N N 79  
CYS SG   S  N N 80  
CYS OXT  O  N N 81  
CYS H    H  N N 82  
CYS H2   H  N N 83  
CYS HA   H  N N 84  
CYS HB2  H  N N 85  
CYS HB3  H  N N 86  
CYS HG   H  N N 87  
CYS HXT  H  N N 88  
GLN N    N  N N 89  
GLN CA   C  N S 90  
GLN C    C  N N 91  
GLN O    O  N N 92  
GLN CB   C  N N 93  
GLN CG   C  N N 94  
GLN CD   C  N N 95  
GLN OE1  O  N N 96  
GLN NE2  N  N N 97  
GLN OXT  O  N N 98  
GLN H    H  N N 99  
GLN H2   H  N N 100 
GLN HA   H  N N 101 
GLN HB2  H  N N 102 
GLN HB3  H  N N 103 
GLN HG2  H  N N 104 
GLN HG3  H  N N 105 
GLN HE21 H  N N 106 
GLN HE22 H  N N 107 
GLN HXT  H  N N 108 
GLU N    N  N N 109 
GLU CA   C  N S 110 
GLU C    C  N N 111 
GLU O    O  N N 112 
GLU CB   C  N N 113 
GLU CG   C  N N 114 
GLU CD   C  N N 115 
GLU OE1  O  N N 116 
GLU OE2  O  N N 117 
GLU OXT  O  N N 118 
GLU H    H  N N 119 
GLU H2   H  N N 120 
GLU HA   H  N N 121 
GLU HB2  H  N N 122 
GLU HB3  H  N N 123 
GLU HG2  H  N N 124 
GLU HG3  H  N N 125 
GLU HE2  H  N N 126 
GLU HXT  H  N N 127 
GLY N    N  N N 128 
GLY CA   C  N N 129 
GLY C    C  N N 130 
GLY O    O  N N 131 
GLY OXT  O  N N 132 
GLY H    H  N N 133 
GLY H2   H  N N 134 
GLY HA2  H  N N 135 
GLY HA3  H  N N 136 
GLY HXT  H  N N 137 
HIS N    N  N N 138 
HIS CA   C  N S 139 
HIS C    C  N N 140 
HIS O    O  N N 141 
HIS CB   C  N N 142 
HIS CG   C  Y N 143 
HIS ND1  N  Y N 144 
HIS CD2  C  Y N 145 
HIS CE1  C  Y N 146 
HIS NE2  N  Y N 147 
HIS OXT  O  N N 148 
HIS H    H  N N 149 
HIS H2   H  N N 150 
HIS HA   H  N N 151 
HIS HB2  H  N N 152 
HIS HB3  H  N N 153 
HIS HD1  H  N N 154 
HIS HD2  H  N N 155 
HIS HE1  H  N N 156 
HIS HE2  H  N N 157 
HIS HXT  H  N N 158 
HOH O    O  N N 159 
HOH H1   H  N N 160 
HOH H2   H  N N 161 
ILE N    N  N N 162 
ILE CA   C  N S 163 
ILE C    C  N N 164 
ILE O    O  N N 165 
ILE CB   C  N S 166 
ILE CG1  C  N N 167 
ILE CG2  C  N N 168 
ILE CD1  C  N N 169 
ILE OXT  O  N N 170 
ILE H    H  N N 171 
ILE H2   H  N N 172 
ILE HA   H  N N 173 
ILE HB   H  N N 174 
ILE HG12 H  N N 175 
ILE HG13 H  N N 176 
ILE HG21 H  N N 177 
ILE HG22 H  N N 178 
ILE HG23 H  N N 179 
ILE HD11 H  N N 180 
ILE HD12 H  N N 181 
ILE HD13 H  N N 182 
ILE HXT  H  N N 183 
LEU N    N  N N 184 
LEU CA   C  N S 185 
LEU C    C  N N 186 
LEU O    O  N N 187 
LEU CB   C  N N 188 
LEU CG   C  N N 189 
LEU CD1  C  N N 190 
LEU CD2  C  N N 191 
LEU OXT  O  N N 192 
LEU H    H  N N 193 
LEU H2   H  N N 194 
LEU HA   H  N N 195 
LEU HB2  H  N N 196 
LEU HB3  H  N N 197 
LEU HG   H  N N 198 
LEU HD11 H  N N 199 
LEU HD12 H  N N 200 
LEU HD13 H  N N 201 
LEU HD21 H  N N 202 
LEU HD22 H  N N 203 
LEU HD23 H  N N 204 
LEU HXT  H  N N 205 
LYS N    N  N N 206 
LYS CA   C  N S 207 
LYS C    C  N N 208 
LYS O    O  N N 209 
LYS CB   C  N N 210 
LYS CG   C  N N 211 
LYS CD   C  N N 212 
LYS CE   C  N N 213 
LYS NZ   N  N N 214 
LYS OXT  O  N N 215 
LYS H    H  N N 216 
LYS H2   H  N N 217 
LYS HA   H  N N 218 
LYS HB2  H  N N 219 
LYS HB3  H  N N 220 
LYS HG2  H  N N 221 
LYS HG3  H  N N 222 
LYS HD2  H  N N 223 
LYS HD3  H  N N 224 
LYS HE2  H  N N 225 
LYS HE3  H  N N 226 
LYS HZ1  H  N N 227 
LYS HZ2  H  N N 228 
LYS HZ3  H  N N 229 
LYS HXT  H  N N 230 
MET N    N  N N 231 
MET CA   C  N S 232 
MET C    C  N N 233 
MET O    O  N N 234 
MET CB   C  N N 235 
MET CG   C  N N 236 
MET SD   S  N N 237 
MET CE   C  N N 238 
MET OXT  O  N N 239 
MET H    H  N N 240 
MET H2   H  N N 241 
MET HA   H  N N 242 
MET HB2  H  N N 243 
MET HB3  H  N N 244 
MET HG2  H  N N 245 
MET HG3  H  N N 246 
MET HE1  H  N N 247 
MET HE2  H  N N 248 
MET HE3  H  N N 249 
MET HXT  H  N N 250 
PHE N    N  N N 251 
PHE CA   C  N S 252 
PHE C    C  N N 253 
PHE O    O  N N 254 
PHE CB   C  N N 255 
PHE CG   C  Y N 256 
PHE CD1  C  Y N 257 
PHE CD2  C  Y N 258 
PHE CE1  C  Y N 259 
PHE CE2  C  Y N 260 
PHE CZ   C  Y N 261 
PHE OXT  O  N N 262 
PHE H    H  N N 263 
PHE H2   H  N N 264 
PHE HA   H  N N 265 
PHE HB2  H  N N 266 
PHE HB3  H  N N 267 
PHE HD1  H  N N 268 
PHE HD2  H  N N 269 
PHE HE1  H  N N 270 
PHE HE2  H  N N 271 
PHE HZ   H  N N 272 
PHE HXT  H  N N 273 
PRO N    N  N N 274 
PRO CA   C  N S 275 
PRO C    C  N N 276 
PRO O    O  N N 277 
PRO CB   C  N N 278 
PRO CG   C  N N 279 
PRO CD   C  N N 280 
PRO OXT  O  N N 281 
PRO H    H  N N 282 
PRO HA   H  N N 283 
PRO HB2  H  N N 284 
PRO HB3  H  N N 285 
PRO HG2  H  N N 286 
PRO HG3  H  N N 287 
PRO HD2  H  N N 288 
PRO HD3  H  N N 289 
PRO HXT  H  N N 290 
SER N    N  N N 291 
SER CA   C  N S 292 
SER C    C  N N 293 
SER O    O  N N 294 
SER CB   C  N N 295 
SER OG   O  N N 296 
SER OXT  O  N N 297 
SER H    H  N N 298 
SER H2   H  N N 299 
SER HA   H  N N 300 
SER HB2  H  N N 301 
SER HB3  H  N N 302 
SER HG   H  N N 303 
SER HXT  H  N N 304 
THR N    N  N N 305 
THR CA   C  N S 306 
THR C    C  N N 307 
THR O    O  N N 308 
THR CB   C  N R 309 
THR OG1  O  N N 310 
THR CG2  C  N N 311 
THR OXT  O  N N 312 
THR H    H  N N 313 
THR H2   H  N N 314 
THR HA   H  N N 315 
THR HB   H  N N 316 
THR HG1  H  N N 317 
THR HG21 H  N N 318 
THR HG22 H  N N 319 
THR HG23 H  N N 320 
THR HXT  H  N N 321 
TRP N    N  N N 322 
TRP CA   C  N S 323 
TRP C    C  N N 324 
TRP O    O  N N 325 
TRP CB   C  N N 326 
TRP CG   C  Y N 327 
TRP CD1  C  Y N 328 
TRP CD2  C  Y N 329 
TRP NE1  N  Y N 330 
TRP CE2  C  Y N 331 
TRP CE3  C  Y N 332 
TRP CZ2  C  Y N 333 
TRP CZ3  C  Y N 334 
TRP CH2  C  Y N 335 
TRP OXT  O  N N 336 
TRP H    H  N N 337 
TRP H2   H  N N 338 
TRP HA   H  N N 339 
TRP HB2  H  N N 340 
TRP HB3  H  N N 341 
TRP HD1  H  N N 342 
TRP HE1  H  N N 343 
TRP HE3  H  N N 344 
TRP HZ2  H  N N 345 
TRP HZ3  H  N N 346 
TRP HH2  H  N N 347 
TRP HXT  H  N N 348 
TYR N    N  N N 349 
TYR CA   C  N S 350 
TYR C    C  N N 351 
TYR O    O  N N 352 
TYR CB   C  N N 353 
TYR CG   C  Y N 354 
TYR CD1  C  Y N 355 
TYR CD2  C  Y N 356 
TYR CE1  C  Y N 357 
TYR CE2  C  Y N 358 
TYR CZ   C  Y N 359 
TYR OH   O  N N 360 
TYR OXT  O  N N 361 
TYR H    H  N N 362 
TYR H2   H  N N 363 
TYR HA   H  N N 364 
TYR HB2  H  N N 365 
TYR HB3  H  N N 366 
TYR HD1  H  N N 367 
TYR HD2  H  N N 368 
TYR HE1  H  N N 369 
TYR HE2  H  N N 370 
TYR HH   H  N N 371 
TYR HXT  H  N N 372 
VAL N    N  N N 373 
VAL CA   C  N S 374 
VAL C    C  N N 375 
VAL O    O  N N 376 
VAL CB   C  N N 377 
VAL CG1  C  N N 378 
VAL CG2  C  N N 379 
VAL OXT  O  N N 380 
VAL H    H  N N 381 
VAL H2   H  N N 382 
VAL HA   H  N N 383 
VAL HB   H  N N 384 
VAL HG11 H  N N 385 
VAL HG12 H  N N 386 
VAL HG13 H  N N 387 
VAL HG21 H  N N 388 
VAL HG22 H  N N 389 
VAL HG23 H  N N 390 
VAL HXT  H  N N 391 
# 
loop_
_chem_comp_bond.comp_id 
_chem_comp_bond.atom_id_1 
_chem_comp_bond.atom_id_2 
_chem_comp_bond.value_order 
_chem_comp_bond.pdbx_aromatic_flag 
_chem_comp_bond.pdbx_stereo_config 
_chem_comp_bond.pdbx_ordinal 
ALA N   CA   sing N N 1   
ALA N   H    sing N N 2   
ALA N   H2   sing N N 3   
ALA CA  C    sing N N 4   
ALA CA  CB   sing N N 5   
ALA CA  HA   sing N N 6   
ALA C   O    doub N N 7   
ALA C   OXT  sing N N 8   
ALA CB  HB1  sing N N 9   
ALA CB  HB2  sing N N 10  
ALA CB  HB3  sing N N 11  
ALA OXT HXT  sing N N 12  
ARG N   CA   sing N N 13  
ARG N   H    sing N N 14  
ARG N   H2   sing N N 15  
ARG CA  C    sing N N 16  
ARG CA  CB   sing N N 17  
ARG CA  HA   sing N N 18  
ARG C   O    doub N N 19  
ARG C   OXT  sing N N 20  
ARG CB  CG   sing N N 21  
ARG CB  HB2  sing N N 22  
ARG CB  HB3  sing N N 23  
ARG CG  CD   sing N N 24  
ARG CG  HG2  sing N N 25  
ARG CG  HG3  sing N N 26  
ARG CD  NE   sing N N 27  
ARG CD  HD2  sing N N 28  
ARG CD  HD3  sing N N 29  
ARG NE  CZ   sing N N 30  
ARG NE  HE   sing N N 31  
ARG CZ  NH1  sing N N 32  
ARG CZ  NH2  doub N N 33  
ARG NH1 HH11 sing N N 34  
ARG NH1 HH12 sing N N 35  
ARG NH2 HH21 sing N N 36  
ARG NH2 HH22 sing N N 37  
ARG OXT HXT  sing N N 38  
ASN N   CA   sing N N 39  
ASN N   H    sing N N 40  
ASN N   H2   sing N N 41  
ASN CA  C    sing N N 42  
ASN CA  CB   sing N N 43  
ASN CA  HA   sing N N 44  
ASN C   O    doub N N 45  
ASN C   OXT  sing N N 46  
ASN CB  CG   sing N N 47  
ASN CB  HB2  sing N N 48  
ASN CB  HB3  sing N N 49  
ASN CG  OD1  doub N N 50  
ASN CG  ND2  sing N N 51  
ASN ND2 HD21 sing N N 52  
ASN ND2 HD22 sing N N 53  
ASN OXT HXT  sing N N 54  
ASP N   CA   sing N N 55  
ASP N   H    sing N N 56  
ASP N   H2   sing N N 57  
ASP CA  C    sing N N 58  
ASP CA  CB   sing N N 59  
ASP CA  HA   sing N N 60  
ASP C   O    doub N N 61  
ASP C   OXT  sing N N 62  
ASP CB  CG   sing N N 63  
ASP CB  HB2  sing N N 64  
ASP CB  HB3  sing N N 65  
ASP CG  OD1  doub N N 66  
ASP CG  OD2  sing N N 67  
ASP OD2 HD2  sing N N 68  
ASP OXT HXT  sing N N 69  
CYS N   CA   sing N N 70  
CYS N   H    sing N N 71  
CYS N   H2   sing N N 72  
CYS CA  C    sing N N 73  
CYS CA  CB   sing N N 74  
CYS CA  HA   sing N N 75  
CYS C   O    doub N N 76  
CYS C   OXT  sing N N 77  
CYS CB  SG   sing N N 78  
CYS CB  HB2  sing N N 79  
CYS CB  HB3  sing N N 80  
CYS SG  HG   sing N N 81  
CYS OXT HXT  sing N N 82  
GLN N   CA   sing N N 83  
GLN N   H    sing N N 84  
GLN N   H2   sing N N 85  
GLN CA  C    sing N N 86  
GLN CA  CB   sing N N 87  
GLN CA  HA   sing N N 88  
GLN C   O    doub N N 89  
GLN C   OXT  sing N N 90  
GLN CB  CG   sing N N 91  
GLN CB  HB2  sing N N 92  
GLN CB  HB3  sing N N 93  
GLN CG  CD   sing N N 94  
GLN CG  HG2  sing N N 95  
GLN CG  HG3  sing N N 96  
GLN CD  OE1  doub N N 97  
GLN CD  NE2  sing N N 98  
GLN NE2 HE21 sing N N 99  
GLN NE2 HE22 sing N N 100 
GLN OXT HXT  sing N N 101 
GLU N   CA   sing N N 102 
GLU N   H    sing N N 103 
GLU N   H2   sing N N 104 
GLU CA  C    sing N N 105 
GLU CA  CB   sing N N 106 
GLU CA  HA   sing N N 107 
GLU C   O    doub N N 108 
GLU C   OXT  sing N N 109 
GLU CB  CG   sing N N 110 
GLU CB  HB2  sing N N 111 
GLU CB  HB3  sing N N 112 
GLU CG  CD   sing N N 113 
GLU CG  HG2  sing N N 114 
GLU CG  HG3  sing N N 115 
GLU CD  OE1  doub N N 116 
GLU CD  OE2  sing N N 117 
GLU OE2 HE2  sing N N 118 
GLU OXT HXT  sing N N 119 
GLY N   CA   sing N N 120 
GLY N   H    sing N N 121 
GLY N   H2   sing N N 122 
GLY CA  C    sing N N 123 
GLY CA  HA2  sing N N 124 
GLY CA  HA3  sing N N 125 
GLY C   O    doub N N 126 
GLY C   OXT  sing N N 127 
GLY OXT HXT  sing N N 128 
HIS N   CA   sing N N 129 
HIS N   H    sing N N 130 
HIS N   H2   sing N N 131 
HIS CA  C    sing N N 132 
HIS CA  CB   sing N N 133 
HIS CA  HA   sing N N 134 
HIS C   O    doub N N 135 
HIS C   OXT  sing N N 136 
HIS CB  CG   sing N N 137 
HIS CB  HB2  sing N N 138 
HIS CB  HB3  sing N N 139 
HIS CG  ND1  sing Y N 140 
HIS CG  CD2  doub Y N 141 
HIS ND1 CE1  doub Y N 142 
HIS ND1 HD1  sing N N 143 
HIS CD2 NE2  sing Y N 144 
HIS CD2 HD2  sing N N 145 
HIS CE1 NE2  sing Y N 146 
HIS CE1 HE1  sing N N 147 
HIS NE2 HE2  sing N N 148 
HIS OXT HXT  sing N N 149 
HOH O   H1   sing N N 150 
HOH O   H2   sing N N 151 
ILE N   CA   sing N N 152 
ILE N   H    sing N N 153 
ILE N   H2   sing N N 154 
ILE CA  C    sing N N 155 
ILE CA  CB   sing N N 156 
ILE CA  HA   sing N N 157 
ILE C   O    doub N N 158 
ILE C   OXT  sing N N 159 
ILE CB  CG1  sing N N 160 
ILE CB  CG2  sing N N 161 
ILE CB  HB   sing N N 162 
ILE CG1 CD1  sing N N 163 
ILE CG1 HG12 sing N N 164 
ILE CG1 HG13 sing N N 165 
ILE CG2 HG21 sing N N 166 
ILE CG2 HG22 sing N N 167 
ILE CG2 HG23 sing N N 168 
ILE CD1 HD11 sing N N 169 
ILE CD1 HD12 sing N N 170 
ILE CD1 HD13 sing N N 171 
ILE OXT HXT  sing N N 172 
LEU N   CA   sing N N 173 
LEU N   H    sing N N 174 
LEU N   H2   sing N N 175 
LEU CA  C    sing N N 176 
LEU CA  CB   sing N N 177 
LEU CA  HA   sing N N 178 
LEU C   O    doub N N 179 
LEU C   OXT  sing N N 180 
LEU CB  CG   sing N N 181 
LEU CB  HB2  sing N N 182 
LEU CB  HB3  sing N N 183 
LEU CG  CD1  sing N N 184 
LEU CG  CD2  sing N N 185 
LEU CG  HG   sing N N 186 
LEU CD1 HD11 sing N N 187 
LEU CD1 HD12 sing N N 188 
LEU CD1 HD13 sing N N 189 
LEU CD2 HD21 sing N N 190 
LEU CD2 HD22 sing N N 191 
LEU CD2 HD23 sing N N 192 
LEU OXT HXT  sing N N 193 
LYS N   CA   sing N N 194 
LYS N   H    sing N N 195 
LYS N   H2   sing N N 196 
LYS CA  C    sing N N 197 
LYS CA  CB   sing N N 198 
LYS CA  HA   sing N N 199 
LYS C   O    doub N N 200 
LYS C   OXT  sing N N 201 
LYS CB  CG   sing N N 202 
LYS CB  HB2  sing N N 203 
LYS CB  HB3  sing N N 204 
LYS CG  CD   sing N N 205 
LYS CG  HG2  sing N N 206 
LYS CG  HG3  sing N N 207 
LYS CD  CE   sing N N 208 
LYS CD  HD2  sing N N 209 
LYS CD  HD3  sing N N 210 
LYS CE  NZ   sing N N 211 
LYS CE  HE2  sing N N 212 
LYS CE  HE3  sing N N 213 
LYS NZ  HZ1  sing N N 214 
LYS NZ  HZ2  sing N N 215 
LYS NZ  HZ3  sing N N 216 
LYS OXT HXT  sing N N 217 
MET N   CA   sing N N 218 
MET N   H    sing N N 219 
MET N   H2   sing N N 220 
MET CA  C    sing N N 221 
MET CA  CB   sing N N 222 
MET CA  HA   sing N N 223 
MET C   O    doub N N 224 
MET C   OXT  sing N N 225 
MET CB  CG   sing N N 226 
MET CB  HB2  sing N N 227 
MET CB  HB3  sing N N 228 
MET CG  SD   sing N N 229 
MET CG  HG2  sing N N 230 
MET CG  HG3  sing N N 231 
MET SD  CE   sing N N 232 
MET CE  HE1  sing N N 233 
MET CE  HE2  sing N N 234 
MET CE  HE3  sing N N 235 
MET OXT HXT  sing N N 236 
PHE N   CA   sing N N 237 
PHE N   H    sing N N 238 
PHE N   H2   sing N N 239 
PHE CA  C    sing N N 240 
PHE CA  CB   sing N N 241 
PHE CA  HA   sing N N 242 
PHE C   O    doub N N 243 
PHE C   OXT  sing N N 244 
PHE CB  CG   sing N N 245 
PHE CB  HB2  sing N N 246 
PHE CB  HB3  sing N N 247 
PHE CG  CD1  doub Y N 248 
PHE CG  CD2  sing Y N 249 
PHE CD1 CE1  sing Y N 250 
PHE CD1 HD1  sing N N 251 
PHE CD2 CE2  doub Y N 252 
PHE CD2 HD2  sing N N 253 
PHE CE1 CZ   doub Y N 254 
PHE CE1 HE1  sing N N 255 
PHE CE2 CZ   sing Y N 256 
PHE CE2 HE2  sing N N 257 
PHE CZ  HZ   sing N N 258 
PHE OXT HXT  sing N N 259 
PRO N   CA   sing N N 260 
PRO N   CD   sing N N 261 
PRO N   H    sing N N 262 
PRO CA  C    sing N N 263 
PRO CA  CB   sing N N 264 
PRO CA  HA   sing N N 265 
PRO C   O    doub N N 266 
PRO C   OXT  sing N N 267 
PRO CB  CG   sing N N 268 
PRO CB  HB2  sing N N 269 
PRO CB  HB3  sing N N 270 
PRO CG  CD   sing N N 271 
PRO CG  HG2  sing N N 272 
PRO CG  HG3  sing N N 273 
PRO CD  HD2  sing N N 274 
PRO CD  HD3  sing N N 275 
PRO OXT HXT  sing N N 276 
SER N   CA   sing N N 277 
SER N   H    sing N N 278 
SER N   H2   sing N N 279 
SER CA  C    sing N N 280 
SER CA  CB   sing N N 281 
SER CA  HA   sing N N 282 
SER C   O    doub N N 283 
SER C   OXT  sing N N 284 
SER CB  OG   sing N N 285 
SER CB  HB2  sing N N 286 
SER CB  HB3  sing N N 287 
SER OG  HG   sing N N 288 
SER OXT HXT  sing N N 289 
THR N   CA   sing N N 290 
THR N   H    sing N N 291 
THR N   H2   sing N N 292 
THR CA  C    sing N N 293 
THR CA  CB   sing N N 294 
THR CA  HA   sing N N 295 
THR C   O    doub N N 296 
THR C   OXT  sing N N 297 
THR CB  OG1  sing N N 298 
THR CB  CG2  sing N N 299 
THR CB  HB   sing N N 300 
THR OG1 HG1  sing N N 301 
THR CG2 HG21 sing N N 302 
THR CG2 HG22 sing N N 303 
THR CG2 HG23 sing N N 304 
THR OXT HXT  sing N N 305 
TRP N   CA   sing N N 306 
TRP N   H    sing N N 307 
TRP N   H2   sing N N 308 
TRP CA  C    sing N N 309 
TRP CA  CB   sing N N 310 
TRP CA  HA   sing N N 311 
TRP C   O    doub N N 312 
TRP C   OXT  sing N N 313 
TRP CB  CG   sing N N 314 
TRP CB  HB2  sing N N 315 
TRP CB  HB3  sing N N 316 
TRP CG  CD1  doub Y N 317 
TRP CG  CD2  sing Y N 318 
TRP CD1 NE1  sing Y N 319 
TRP CD1 HD1  sing N N 320 
TRP CD2 CE2  doub Y N 321 
TRP CD2 CE3  sing Y N 322 
TRP NE1 CE2  sing Y N 323 
TRP NE1 HE1  sing N N 324 
TRP CE2 CZ2  sing Y N 325 
TRP CE3 CZ3  doub Y N 326 
TRP CE3 HE3  sing N N 327 
TRP CZ2 CH2  doub Y N 328 
TRP CZ2 HZ2  sing N N 329 
TRP CZ3 CH2  sing Y N 330 
TRP CZ3 HZ3  sing N N 331 
TRP CH2 HH2  sing N N 332 
TRP OXT HXT  sing N N 333 
TYR N   CA   sing N N 334 
TYR N   H    sing N N 335 
TYR N   H2   sing N N 336 
TYR CA  C    sing N N 337 
TYR CA  CB   sing N N 338 
TYR CA  HA   sing N N 339 
TYR C   O    doub N N 340 
TYR C   OXT  sing N N 341 
TYR CB  CG   sing N N 342 
TYR CB  HB2  sing N N 343 
TYR CB  HB3  sing N N 344 
TYR CG  CD1  doub Y N 345 
TYR CG  CD2  sing Y N 346 
TYR CD1 CE1  sing Y N 347 
TYR CD1 HD1  sing N N 348 
TYR CD2 CE2  doub Y N 349 
TYR CD2 HD2  sing N N 350 
TYR CE1 CZ   doub Y N 351 
TYR CE1 HE1  sing N N 352 
TYR CE2 CZ   sing Y N 353 
TYR CE2 HE2  sing N N 354 
TYR CZ  OH   sing N N 355 
TYR OH  HH   sing N N 356 
TYR OXT HXT  sing N N 357 
VAL N   CA   sing N N 358 
VAL N   H    sing N N 359 
VAL N   H2   sing N N 360 
VAL CA  C    sing N N 361 
VAL CA  CB   sing N N 362 
VAL CA  HA   sing N N 363 
VAL C   O    doub N N 364 
VAL C   OXT  sing N N 365 
VAL CB  CG1  sing N N 366 
VAL CB  CG2  sing N N 367 
VAL CB  HB   sing N N 368 
VAL CG1 HG11 sing N N 369 
VAL CG1 HG12 sing N N 370 
VAL CG1 HG13 sing N N 371 
VAL CG2 HG21 sing N N 372 
VAL CG2 HG22 sing N N 373 
VAL CG2 HG23 sing N N 374 
VAL OXT HXT  sing N N 375 
# 
_pdbx_initial_refinement_model.id               1 
_pdbx_initial_refinement_model.entity_id_list   ? 
_pdbx_initial_refinement_model.type             'experimental model' 
_pdbx_initial_refinement_model.source_name      PDB 
_pdbx_initial_refinement_model.accession_code   1F39 
_pdbx_initial_refinement_model.details          'PDB entry 1F39' 
# 
_atom_sites.entry_id                    2HNF 
_atom_sites.fract_transf_matrix[1][1]   0.00172871 
_atom_sites.fract_transf_matrix[1][2]   0.01855440 
_atom_sites.fract_transf_matrix[1][3]   0.00485996 
_atom_sites.fract_transf_matrix[2][1]   0.00404801 
_atom_sites.fract_transf_matrix[2][2]   0.01314710 
_atom_sites.fract_transf_matrix[2][3]   -0.01347731 
_atom_sites.fract_transf_matrix[3][1]   -0.00658443 
_atom_sites.fract_transf_matrix[3][2]   0.00090121 
_atom_sites.fract_transf_matrix[3][3]   -0.00109855 
_atom_sites.fract_transf_vector[1]      0.374462 
_atom_sites.fract_transf_vector[2]      0.404894 
_atom_sites.fract_transf_vector[3]      0.332047 
# 
loop_
_atom_type.symbol 
C  
CA 
N  
O  
S  
# 
loop_
_atom_site.group_PDB 
_atom_site.id 
_atom_site.type_symbol 
_atom_site.label_atom_id 
_atom_site.label_alt_id 
_atom_site.label_comp_id 
_atom_site.label_asym_id 
_atom_site.label_entity_id 
_atom_site.label_seq_id 
_atom_site.pdbx_PDB_ins_code 
_atom_site.Cartn_x 
_atom_site.Cartn_y 
_atom_site.Cartn_z 
_atom_site.occupancy 
_atom_site.B_iso_or_equiv 
_atom_site.pdbx_formal_charge 
_atom_site.auth_seq_id 
_atom_site.auth_comp_id 
_atom_site.auth_asym_id 
_atom_site.auth_atom_id 
_atom_site.pdbx_PDB_model_num 
ATOM   1    N  N   . GLY A 1 1   ? -7.095  -1.591  -30.770 1.00 58.66 ? 97  GLY A N   1 
ATOM   2    C  CA  . GLY A 1 1   ? -8.278  -2.081  -30.007 1.00 58.44 ? 97  GLY A CA  1 
ATOM   3    C  C   . GLY A 1 1   ? -7.888  -2.649  -28.656 1.00 58.39 ? 97  GLY A C   1 
ATOM   4    O  O   . GLY A 1 1   ? -8.363  -3.715  -28.263 1.00 58.90 ? 97  GLY A O   1 
ATOM   5    N  N   . SER A 1 2   ? -7.021  -1.930  -27.946 1.00 57.36 ? 98  SER A N   1 
ATOM   6    C  CA  . SER A 1 2   ? -6.551  -2.352  -26.631 1.00 55.17 ? 98  SER A CA  1 
ATOM   7    C  C   . SER A 1 2   ? -7.694  -2.539  -25.634 1.00 53.64 ? 98  SER A C   1 
ATOM   8    O  O   . SER A 1 2   ? -8.869  -2.386  -25.980 1.00 53.66 ? 98  SER A O   1 
ATOM   9    C  CB  . SER A 1 2   ? -5.547  -1.334  -26.079 1.00 55.49 ? 98  SER A CB  1 
ATOM   10   O  OG  . SER A 1 2   ? -6.134  -0.052  -25.951 1.00 56.50 ? 98  SER A OG  1 
ATOM   11   N  N   . HIS A 1 3   ? -7.339  -2.863  -24.396 1.00 51.18 ? 99  HIS A N   1 
ATOM   12   C  CA  . HIS A 1 3   ? -8.323  -3.091  -23.344 1.00 48.01 ? 99  HIS A CA  1 
ATOM   13   C  C   . HIS A 1 3   ? -8.005  -2.337  -22.060 1.00 45.32 ? 99  HIS A C   1 
ATOM   14   O  O   . HIS A 1 3   ? -6.842  -2.075  -21.751 1.00 44.68 ? 99  HIS A O   1 
ATOM   15   C  CB  . HIS A 1 3   ? -8.401  -4.584  -23.018 1.00 49.29 ? 99  HIS A CB  1 
ATOM   16   C  CG  . HIS A 1 3   ? -9.098  -5.398  -24.060 1.00 50.56 ? 99  HIS A CG  1 
ATOM   17   N  ND1 . HIS A 1 3   ? -10.470 -5.410  -24.199 1.00 49.96 ? 99  HIS A ND1 1 
ATOM   18   C  CD2 . HIS A 1 3   ? -8.614  -6.228  -25.015 1.00 50.47 ? 99  HIS A CD2 1 
ATOM   19   C  CE1 . HIS A 1 3   ? -10.800 -6.214  -25.194 1.00 51.47 ? 99  HIS A CE1 1 
ATOM   20   N  NE2 . HIS A 1 3   ? -9.694  -6.722  -25.707 1.00 50.75 ? 99  HIS A NE2 1 
ATOM   21   N  N   . MET A 1 4   ? -9.049  -1.988  -21.319 1.00 41.01 ? 100 MET A N   1 
ATOM   22   C  CA  . MET A 1 4   ? -8.873  -1.310  -20.049 1.00 38.05 ? 100 MET A CA  1 
ATOM   23   C  C   . MET A 1 4   ? -9.216  -2.336  -18.978 1.00 33.61 ? 100 MET A C   1 
ATOM   24   O  O   . MET A 1 4   ? -9.861  -3.345  -19.267 1.00 30.48 ? 100 MET A O   1 
ATOM   25   C  CB  . MET A 1 4   ? -9.791  -0.096  -19.936 1.00 43.46 ? 100 MET A CB  1 
ATOM   26   C  CG  . MET A 1 4   ? -9.046  1.138   -19.455 1.00 48.91 ? 100 MET A CG  1 
ATOM   27   S  SD  . MET A 1 4   ? -10.092 2.559   -19.120 1.00 55.71 ? 100 MET A SD  1 
ATOM   28   C  CE  . MET A 1 4   ? -9.931  2.699   -17.339 1.00 54.54 ? 100 MET A CE  1 
ATOM   29   N  N   . TYR A 1 5   ? -8.788  -2.083  -17.747 1.00 27.86 ? 101 TYR A N   1 
ATOM   30   C  CA  . TYR A 1 5   ? -9.035  -3.019  -16.660 1.00 25.73 ? 101 TYR A CA  1 
ATOM   31   C  C   . TYR A 1 5   ? -9.733  -2.368  -15.482 1.00 25.40 ? 101 TYR A C   1 
ATOM   32   O  O   . TYR A 1 5   ? -9.664  -1.160  -15.303 1.00 25.04 ? 101 TYR A O   1 
ATOM   33   C  CB  . TYR A 1 5   ? -7.714  -3.634  -16.184 1.00 24.98 ? 101 TYR A CB  1 
ATOM   34   C  CG  . TYR A 1 5   ? -6.915  -4.296  -17.288 1.00 25.48 ? 101 TYR A CG  1 
ATOM   35   C  CD1 . TYR A 1 5   ? -6.181  -3.535  -18.200 1.00 24.33 ? 101 TYR A CD1 1 
ATOM   36   C  CD2 . TYR A 1 5   ? -6.904  -5.682  -17.427 1.00 22.82 ? 101 TYR A CD2 1 
ATOM   37   C  CE1 . TYR A 1 5   ? -5.455  -4.144  -19.230 1.00 25.50 ? 101 TYR A CE1 1 
ATOM   38   C  CE2 . TYR A 1 5   ? -6.184  -6.302  -18.448 1.00 26.63 ? 101 TYR A CE2 1 
ATOM   39   C  CZ  . TYR A 1 5   ? -5.462  -5.528  -19.347 1.00 28.42 ? 101 TYR A CZ  1 
ATOM   40   O  OH  . TYR A 1 5   ? -4.751  -6.141  -20.357 1.00 32.31 ? 101 TYR A OH  1 
ATOM   41   N  N   . GLU A 1 6   ? -10.399 -3.193  -14.680 1.00 24.52 ? 102 GLU A N   1 
ATOM   42   C  CA  . GLU A 1 6   ? -11.113 -2.722  -13.507 1.00 25.03 ? 102 GLU A CA  1 
ATOM   43   C  C   . GLU A 1 6   ? -10.872 -3.719  -12.385 1.00 23.11 ? 102 GLU A C   1 
ATOM   44   O  O   . GLU A 1 6   ? -11.180 -4.898  -12.518 1.00 24.96 ? 102 GLU A O   1 
ATOM   45   C  CB  . GLU A 1 6   ? -12.609 -2.602  -13.824 1.00 26.72 ? 102 GLU A CB  1 
ATOM   46   C  CG  . GLU A 1 6   ? -13.467 -2.112  -12.677 1.00 32.76 ? 102 GLU A CG  1 
ATOM   47   C  CD  . GLU A 1 6   ? -14.826 -1.617  -13.145 1.00 35.16 ? 102 GLU A CD  1 
ATOM   48   O  OE1 . GLU A 1 6   ? -14.874 -0.558  -13.802 1.00 36.83 ? 102 GLU A OE1 1 
ATOM   49   O  OE2 . GLU A 1 6   ? -15.840 -2.290  -12.870 1.00 40.01 ? 102 GLU A OE2 1 
ATOM   50   N  N   . TYR A 1 7   ? -10.309 -3.240  -11.285 1.00 21.33 ? 103 TYR A N   1 
ATOM   51   C  CA  . TYR A 1 7   ? -10.009 -4.097  -10.150 1.00 19.91 ? 103 TYR A CA  1 
ATOM   52   C  C   . TYR A 1 7   ? -10.856 -3.746  -8.944  1.00 20.94 ? 103 TYR A C   1 
ATOM   53   O  O   . TYR A 1 7   ? -11.344 -2.622  -8.815  1.00 23.02 ? 103 TYR A O   1 
ATOM   54   C  CB  . TYR A 1 7   ? -8.524  -3.991  -9.786  1.00 18.44 ? 103 TYR A CB  1 
ATOM   55   C  CG  . TYR A 1 7   ? -7.596  -4.198  -10.964 1.00 18.62 ? 103 TYR A CG  1 
ATOM   56   C  CD1 . TYR A 1 7   ? -7.176  -3.120  -11.744 1.00 18.60 ? 103 TYR A CD1 1 
ATOM   57   C  CD2 . TYR A 1 7   ? -7.172  -5.476  -11.325 1.00 19.31 ? 103 TYR A CD2 1 
ATOM   58   C  CE1 . TYR A 1 7   ? -6.362  -3.311  -12.857 1.00 18.19 ? 103 TYR A CE1 1 
ATOM   59   C  CE2 . TYR A 1 7   ? -6.352  -5.682  -12.440 1.00 18.39 ? 103 TYR A CE2 1 
ATOM   60   C  CZ  . TYR A 1 7   ? -5.956  -4.598  -13.202 1.00 19.22 ? 103 TYR A CZ  1 
ATOM   61   O  OH  . TYR A 1 7   ? -5.182  -4.796  -14.323 1.00 18.64 ? 103 TYR A OH  1 
ATOM   62   N  N   . PRO A 1 8   ? -11.042 -4.709  -8.035  1.00 21.97 ? 104 PRO A N   1 
ATOM   63   C  CA  . PRO A 1 8   ? -11.839 -4.501  -6.828  1.00 21.31 ? 104 PRO A CA  1 
ATOM   64   C  C   . PRO A 1 8   ? -11.171 -3.538  -5.863  1.00 22.41 ? 104 PRO A C   1 
ATOM   65   O  O   . PRO A 1 8   ? -9.947  -3.519  -5.746  1.00 20.39 ? 104 PRO A O   1 
ATOM   66   C  CB  . PRO A 1 8   ? -11.920 -5.898  -6.209  1.00 24.09 ? 104 PRO A CB  1 
ATOM   67   C  CG  . PRO A 1 8   ? -11.647 -6.827  -7.358  1.00 26.75 ? 104 PRO A CG  1 
ATOM   68   C  CD  . PRO A 1 8   ? -10.599 -6.109  -8.140  1.00 22.33 ? 104 PRO A CD  1 
ATOM   69   N  N   . VAL A 1 9   ? -11.982 -2.746  -5.171  1.00 21.01 ? 105 VAL A N   1 
ATOM   70   C  CA  . VAL A 1 9   ? -11.471 -1.832  -4.161  1.00 23.12 ? 105 VAL A CA  1 
ATOM   71   C  C   . VAL A 1 9   ? -11.785 -2.541  -2.846  1.00 25.28 ? 105 VAL A C   1 
ATOM   72   O  O   . VAL A 1 9   ? -12.926 -2.944  -2.617  1.00 25.58 ? 105 VAL A O   1 
ATOM   73   C  CB  . VAL A 1 9   ? -12.203 -0.469  -4.183  1.00 22.94 ? 105 VAL A CB  1 
ATOM   74   C  CG1 . VAL A 1 9   ? -11.739 0.374   -3.014  1.00 24.54 ? 105 VAL A CG1 1 
ATOM   75   C  CG2 . VAL A 1 9   ? -11.930 0.260   -5.494  1.00 20.42 ? 105 VAL A CG2 1 
ATOM   76   N  N   . PHE A 1 10  ? -10.780 -2.725  -1.998  1.00 27.20 ? 106 PHE A N   1 
ATOM   77   C  CA  . PHE A 1 10  ? -10.991 -3.395  -0.717  1.00 29.76 ? 106 PHE A CA  1 
ATOM   78   C  C   . PHE A 1 10  ? -10.980 -2.387  0.422   1.00 30.39 ? 106 PHE A C   1 
ATOM   79   O  O   . PHE A 1 10  ? -10.177 -1.455  0.427   1.00 29.28 ? 106 PHE A O   1 
ATOM   80   C  CB  . PHE A 1 10  ? -9.908  -4.454  -0.474  1.00 32.05 ? 106 PHE A CB  1 
ATOM   81   C  CG  . PHE A 1 10  ? -9.987  -5.635  -1.404  1.00 34.47 ? 106 PHE A CG  1 
ATOM   82   C  CD1 . PHE A 1 10  ? -8.857  -6.402  -1.665  1.00 36.41 ? 106 PHE A CD1 1 
ATOM   83   C  CD2 . PHE A 1 10  ? -11.188 -5.987  -2.009  1.00 36.59 ? 106 PHE A CD2 1 
ATOM   84   C  CE1 . PHE A 1 10  ? -8.920  -7.502  -2.519  1.00 38.01 ? 106 PHE A CE1 1 
ATOM   85   C  CE2 . PHE A 1 10  ? -11.265 -7.085  -2.863  1.00 36.38 ? 106 PHE A CE2 1 
ATOM   86   C  CZ  . PHE A 1 10  ? -10.130 -7.844  -3.120  1.00 38.36 ? 106 PHE A CZ  1 
ATOM   87   N  N   . SER A 1 11  ? -11.877 -2.579  1.384   1.00 31.43 ? 107 SER A N   1 
ATOM   88   C  CA  . SER A 1 11  ? -11.962 -1.686  2.531   1.00 33.10 ? 107 SER A CA  1 
ATOM   89   C  C   . SER A 1 11  ? -10.998 -2.109  3.631   1.00 31.75 ? 107 SER A C   1 
ATOM   90   O  O   . SER A 1 11  ? -10.630 -3.275  3.738   1.00 31.79 ? 107 SER A O   1 
ATOM   91   C  CB  . SER A 1 11  ? -13.389 -1.664  3.085   1.00 33.74 ? 107 SER A CB  1 
ATOM   92   O  OG  . SER A 1 11  ? -14.287 -1.131  2.134   1.00 38.61 ? 107 SER A OG  1 
ATOM   93   N  N   . HIS A 1 12  ? -10.592 -1.143  4.444   1.00 32.16 ? 108 HIS A N   1 
ATOM   94   C  CA  . HIS A 1 12  ? -9.679  -1.394  5.548   1.00 31.91 ? 108 HIS A CA  1 
ATOM   95   C  C   . HIS A 1 12  ? -9.917  -0.330  6.611   1.00 32.66 ? 108 HIS A C   1 
ATOM   96   O  O   . HIS A 1 12  ? -10.371 0.770   6.306   1.00 33.08 ? 108 HIS A O   1 
ATOM   97   C  CB  . HIS A 1 12  ? -8.230  -1.342  5.055   1.00 28.98 ? 108 HIS A CB  1 
ATOM   98   C  CG  . HIS A 1 12  ? -7.847  -0.030  4.443   1.00 26.27 ? 108 HIS A CG  1 
ATOM   99   N  ND1 . HIS A 1 12  ? -7.313  1.006   5.178   1.00 25.37 ? 108 HIS A ND1 1 
ATOM   100  C  CD2 . HIS A 1 12  ? -7.940  0.420   3.170   1.00 27.12 ? 108 HIS A CD2 1 
ATOM   101  C  CE1 . HIS A 1 12  ? -7.092  2.038   4.383   1.00 26.79 ? 108 HIS A CE1 1 
ATOM   102  N  NE2 . HIS A 1 12  ? -7.465  1.710   3.159   1.00 25.09 ? 108 HIS A NE2 1 
ATOM   103  N  N   . VAL A 1 13  ? -9.623  -0.664  7.860   1.00 33.86 ? 109 VAL A N   1 
ATOM   104  C  CA  . VAL A 1 13  ? -9.811  0.273   8.958   1.00 35.20 ? 109 VAL A CA  1 
ATOM   105  C  C   . VAL A 1 13  ? -8.529  0.405   9.772   1.00 37.00 ? 109 VAL A C   1 
ATOM   106  O  O   . VAL A 1 13  ? -7.612  -0.403  9.634   1.00 36.10 ? 109 VAL A O   1 
ATOM   107  C  CB  . VAL A 1 13  ? -10.940 -0.198  9.900   1.00 34.05 ? 109 VAL A CB  1 
ATOM   108  C  CG1 . VAL A 1 13  ? -12.264 -0.218  9.158   1.00 33.99 ? 109 VAL A CG1 1 
ATOM   109  C  CG2 . VAL A 1 13  ? -10.616 -1.583  10.439  1.00 32.21 ? 109 VAL A CG2 1 
ATOM   110  N  N   . GLN A 1 14  ? -8.470  1.431   10.615  1.00 38.32 ? 110 GLN A N   1 
ATOM   111  C  CA  . GLN A 1 14  ? -7.305  1.650   11.462  1.00 41.14 ? 110 GLN A CA  1 
ATOM   112  C  C   . GLN A 1 14  ? -7.157  0.423   12.358  1.00 41.13 ? 110 GLN A C   1 
ATOM   113  O  O   . GLN A 1 14  ? -8.110  0.014   13.018  1.00 41.07 ? 110 GLN A O   1 
ATOM   114  C  CB  . GLN A 1 14  ? -7.507  2.904   12.315  1.00 42.88 ? 110 GLN A CB  1 
ATOM   115  C  CG  . GLN A 1 14  ? -6.291  3.320   13.118  1.00 46.92 ? 110 GLN A CG  1 
ATOM   116  C  CD  . GLN A 1 14  ? -6.548  4.561   13.952  1.00 48.76 ? 110 GLN A CD  1 
ATOM   117  O  OE1 . GLN A 1 14  ? -6.962  5.599   13.431  1.00 49.75 ? 110 GLN A OE1 1 
ATOM   118  N  NE2 . GLN A 1 14  ? -6.302  4.461   15.253  1.00 48.76 ? 110 GLN A NE2 1 
ATOM   119  N  N   . ALA A 1 15  ? -5.965  -0.164  12.377  1.00 42.25 ? 111 ALA A N   1 
ATOM   120  C  CA  . ALA A 1 15  ? -5.721  -1.355  13.180  1.00 43.19 ? 111 ALA A CA  1 
ATOM   121  C  C   . ALA A 1 15  ? -5.782  -1.064  14.672  1.00 44.78 ? 111 ALA A C   1 
ATOM   122  O  O   . ALA A 1 15  ? -6.487  -1.743  15.416  1.00 45.27 ? 111 ALA A O   1 
ATOM   123  C  CB  . ALA A 1 15  ? -4.368  -1.958  12.821  1.00 43.44 ? 111 ALA A CB  1 
ATOM   124  N  N   . GLY A 1 16  ? -5.035  -0.054  15.105  1.00 46.00 ? 112 GLY A N   1 
ATOM   125  C  CA  . GLY A 1 16  ? -5.022  0.294   16.514  1.00 46.46 ? 112 GLY A CA  1 
ATOM   126  C  C   . GLY A 1 16  ? -5.711  1.608   16.807  1.00 46.28 ? 112 GLY A C   1 
ATOM   127  O  O   . GLY A 1 16  ? -6.555  2.067   16.041  1.00 47.00 ? 112 GLY A O   1 
ATOM   128  N  N   . MET A 1 17  ? -5.343  2.217   17.926  1.00 47.32 ? 113 MET A N   1 
ATOM   129  C  CA  . MET A 1 17  ? -5.928  3.484   18.339  1.00 46.08 ? 113 MET A CA  1 
ATOM   130  C  C   . MET A 1 17  ? -5.028  4.667   18.009  1.00 44.77 ? 113 MET A C   1 
ATOM   131  O  O   . MET A 1 17  ? -5.484  5.678   17.470  1.00 43.52 ? 113 MET A O   1 
ATOM   132  C  CB  . MET A 1 17  ? -6.193  3.465   19.847  1.00 48.95 ? 113 MET A CB  1 
ATOM   133  C  CG  . MET A 1 17  ? -7.658  3.371   20.218  1.00 49.58 ? 113 MET A CG  1 
ATOM   134  S  SD  . MET A 1 17  ? -8.578  4.774   19.581  1.00 53.38 ? 113 MET A SD  1 
ATOM   135  C  CE  . MET A 1 17  ? -8.333  5.981   20.895  1.00 51.55 ? 113 MET A CE  1 
ATOM   136  N  N   . PHE A 1 18  ? -3.747  4.529   18.326  1.00 43.01 ? 114 PHE A N   1 
ATOM   137  C  CA  . PHE A 1 18  ? -2.795  5.603   18.105  1.00 42.42 ? 114 PHE A CA  1 
ATOM   138  C  C   . PHE A 1 18  ? -1.813  5.342   16.972  1.00 43.64 ? 114 PHE A C   1 
ATOM   139  O  O   . PHE A 1 18  ? -0.743  5.947   16.916  1.00 43.97 ? 114 PHE A O   1 
ATOM   140  C  CB  . PHE A 1 18  ? -2.058  5.878   19.415  1.00 40.37 ? 114 PHE A CB  1 
ATOM   141  C  CG  . PHE A 1 18  ? -2.980  5.989   20.597  1.00 38.13 ? 114 PHE A CG  1 
ATOM   142  C  CD1 . PHE A 1 18  ? -2.919  5.068   21.635  1.00 37.56 ? 114 PHE A CD1 1 
ATOM   143  C  CD2 . PHE A 1 18  ? -3.947  6.986   20.644  1.00 35.52 ? 114 PHE A CD2 1 
ATOM   144  C  CE1 . PHE A 1 18  ? -3.813  5.137   22.701  1.00 37.20 ? 114 PHE A CE1 1 
ATOM   145  C  CE2 . PHE A 1 18  ? -4.843  7.064   21.704  1.00 36.66 ? 114 PHE A CE2 1 
ATOM   146  C  CZ  . PHE A 1 18  ? -4.777  6.137   22.734  1.00 34.83 ? 114 PHE A CZ  1 
ATOM   147  N  N   . SER A 1 19  ? -2.187  4.441   16.071  1.00 43.53 ? 115 SER A N   1 
ATOM   148  C  CA  . SER A 1 19  ? -1.358  4.112   14.917  1.00 44.14 ? 115 SER A CA  1 
ATOM   149  C  C   . SER A 1 19  ? -2.236  4.038   13.675  1.00 42.83 ? 115 SER A C   1 
ATOM   150  O  O   . SER A 1 19  ? -2.551  2.952   13.185  1.00 42.66 ? 115 SER A O   1 
ATOM   151  C  CB  . SER A 1 19  ? -0.630  2.782   15.137  1.00 46.37 ? 115 SER A CB  1 
ATOM   152  O  OG  . SER A 1 19  ? 0.463   2.945   16.025  1.00 48.23 ? 115 SER A OG  1 
ATOM   153  N  N   . PRO A 1 20  ? -2.652  5.206   13.159  1.00 42.02 ? 116 PRO A N   1 
ATOM   154  C  CA  . PRO A 1 20  ? -3.502  5.342   11.972  1.00 41.57 ? 116 PRO A CA  1 
ATOM   155  C  C   . PRO A 1 20  ? -2.842  4.787   10.712  1.00 40.52 ? 116 PRO A C   1 
ATOM   156  O  O   . PRO A 1 20  ? -3.524  4.414   9.762   1.00 39.90 ? 116 PRO A O   1 
ATOM   157  C  CB  . PRO A 1 20  ? -3.717  6.851   11.867  1.00 41.15 ? 116 PRO A CB  1 
ATOM   158  C  CG  . PRO A 1 20  ? -3.551  7.328   13.272  1.00 44.31 ? 116 PRO A CG  1 
ATOM   159  C  CD  . PRO A 1 20  ? -2.371  6.527   13.745  1.00 42.19 ? 116 PRO A CD  1 
ATOM   160  N  N   . GLU A 1 21  ? -1.514  4.742   10.708  1.00 40.51 ? 117 GLU A N   1 
ATOM   161  C  CA  . GLU A 1 21  ? -0.782  4.242   9.552   1.00 39.22 ? 117 GLU A CA  1 
ATOM   162  C  C   . GLU A 1 21  ? -0.827  2.722   9.448   1.00 37.48 ? 117 GLU A C   1 
ATOM   163  O  O   . GLU A 1 21  ? -0.424  2.153   8.434   1.00 37.01 ? 117 GLU A O   1 
ATOM   164  C  CB  . GLU A 1 21  ? 0.671   4.737   9.580   1.00 41.32 ? 117 GLU A CB  1 
ATOM   165  C  CG  . GLU A 1 21  ? 1.531   4.222   10.730  1.00 45.55 ? 117 GLU A CG  1 
ATOM   166  C  CD  . GLU A 1 21  ? 0.989   4.598   12.097  1.00 48.01 ? 117 GLU A CD  1 
ATOM   167  O  OE1 . GLU A 1 21  ? 0.477   5.726   12.247  1.00 49.20 ? 117 GLU A OE1 1 
ATOM   168  O  OE2 . GLU A 1 21  ? 1.088   3.768   13.024  1.00 49.86 ? 117 GLU A OE2 1 
ATOM   169  N  N   . LEU A 1 22  ? -1.321  2.069   10.496  1.00 36.18 ? 118 LEU A N   1 
ATOM   170  C  CA  . LEU A 1 22  ? -1.450  0.613   10.513  1.00 34.43 ? 118 LEU A CA  1 
ATOM   171  C  C   . LEU A 1 22  ? -2.902  0.282   10.190  1.00 33.56 ? 118 LEU A C   1 
ATOM   172  O  O   . LEU A 1 22  ? -3.817  0.756   10.864  1.00 34.80 ? 118 LEU A O   1 
ATOM   173  C  CB  . LEU A 1 22  ? -1.075  0.056   11.886  1.00 36.92 ? 118 LEU A CB  1 
ATOM   174  C  CG  . LEU A 1 22  ? 0.409   -0.200  12.160  1.00 40.02 ? 118 LEU A CG  1 
ATOM   175  C  CD1 . LEU A 1 22  ? 0.889   -1.361  11.304  1.00 41.74 ? 118 LEU A CD1 1 
ATOM   176  C  CD2 . LEU A 1 22  ? 1.219   1.052   11.877  1.00 40.40 ? 118 LEU A CD2 1 
ATOM   177  N  N   . ARG A 1 23  ? -3.111  -0.543  9.170   1.00 31.92 ? 119 ARG A N   1 
ATOM   178  C  CA  . ARG A 1 23  ? -4.456  -0.885  8.736   1.00 31.44 ? 119 ARG A CA  1 
ATOM   179  C  C   . ARG A 1 23  ? -4.831  -2.358  8.861   1.00 31.87 ? 119 ARG A C   1 
ATOM   180  O  O   . ARG A 1 23  ? -3.979  -3.223  9.051   1.00 31.13 ? 119 ARG A O   1 
ATOM   181  C  CB  . ARG A 1 23  ? -4.637  -0.450  7.280   1.00 30.17 ? 119 ARG A CB  1 
ATOM   182  C  CG  . ARG A 1 23  ? -4.008  0.895   6.947   1.00 29.55 ? 119 ARG A CG  1 
ATOM   183  C  CD  . ARG A 1 23  ? -4.641  2.016   7.747   1.00 30.86 ? 119 ARG A CD  1 
ATOM   184  N  NE  . ARG A 1 23  ? -6.058  2.153   7.432   1.00 30.04 ? 119 ARG A NE  1 
ATOM   185  C  CZ  . ARG A 1 23  ? -6.838  3.120   7.901   1.00 27.63 ? 119 ARG A CZ  1 
ATOM   186  N  NH1 . ARG A 1 23  ? -6.337  4.043   8.713   1.00 28.06 ? 119 ARG A NH1 1 
ATOM   187  N  NH2 . ARG A 1 23  ? -8.115  3.166   7.549   1.00 25.03 ? 119 ARG A NH2 1 
ATOM   188  N  N   . THR A 1 24  ? -6.127  -2.625  8.737   1.00 32.52 ? 120 THR A N   1 
ATOM   189  C  CA  . THR A 1 24  ? -6.668  -3.977  8.810   1.00 34.66 ? 120 THR A CA  1 
ATOM   190  C  C   . THR A 1 24  ? -7.814  -4.086  7.810   1.00 35.01 ? 120 THR A C   1 
ATOM   191  O  O   . THR A 1 24  ? -8.678  -3.214  7.762   1.00 34.66 ? 120 THR A O   1 
ATOM   192  C  CB  . THR A 1 24  ? -7.219  -4.288  10.216  1.00 36.87 ? 120 THR A CB  1 
ATOM   193  O  OG1 . THR A 1 24  ? -6.139  -4.316  11.157  1.00 39.97 ? 120 THR A OG1 1 
ATOM   194  C  CG2 . THR A 1 24  ? -7.934  -5.630  10.223  1.00 36.70 ? 120 THR A CG2 1 
ATOM   195  N  N   . PHE A 1 25  ? -7.820  -5.149  7.012   1.00 36.60 ? 121 PHE A N   1 
ATOM   196  C  CA  . PHE A 1 25  ? -8.883  -5.335  6.031   1.00 40.45 ? 121 PHE A CA  1 
ATOM   197  C  C   . PHE A 1 25  ? -10.211 -5.606  6.723   1.00 42.43 ? 121 PHE A C   1 
ATOM   198  O  O   . PHE A 1 25  ? -10.264 -6.330  7.718   1.00 42.64 ? 121 PHE A O   1 
ATOM   199  C  CB  . PHE A 1 25  ? -8.574  -6.504  5.090   1.00 39.71 ? 121 PHE A CB  1 
ATOM   200  C  CG  . PHE A 1 25  ? -7.408  -6.265  4.176   1.00 40.26 ? 121 PHE A CG  1 
ATOM   201  C  CD1 . PHE A 1 25  ? -6.121  -6.623  4.559   1.00 41.59 ? 121 PHE A CD1 1 
ATOM   202  C  CD2 . PHE A 1 25  ? -7.600  -5.696  2.922   1.00 40.31 ? 121 PHE A CD2 1 
ATOM   203  C  CE1 . PHE A 1 25  ? -5.038  -6.421  3.704   1.00 41.86 ? 121 PHE A CE1 1 
ATOM   204  C  CE2 . PHE A 1 25  ? -6.526  -5.488  2.060   1.00 40.73 ? 121 PHE A CE2 1 
ATOM   205  C  CZ  . PHE A 1 25  ? -5.243  -5.852  2.452   1.00 42.35 ? 121 PHE A CZ  1 
ATOM   206  N  N   . THR A 1 26  ? -11.282 -5.028  6.189   1.00 45.10 ? 122 THR A N   1 
ATOM   207  C  CA  . THR A 1 26  ? -12.610 -5.227  6.752   1.00 48.58 ? 122 THR A CA  1 
ATOM   208  C  C   . THR A 1 26  ? -13.246 -6.471  6.144   1.00 51.29 ? 122 THR A C   1 
ATOM   209  O  O   . THR A 1 26  ? -12.991 -6.809  4.986   1.00 51.37 ? 122 THR A O   1 
ATOM   210  C  CB  . THR A 1 26  ? -13.529 -4.026  6.470   1.00 48.86 ? 122 THR A CB  1 
ATOM   211  O  OG1 . THR A 1 26  ? -13.685 -3.865  5.056   1.00 49.90 ? 122 THR A OG1 1 
ATOM   212  C  CG2 . THR A 1 26  ? -12.942 -2.757  7.058   1.00 49.51 ? 122 THR A CG2 1 
ATOM   213  N  N   . LYS A 1 27  ? -14.068 -7.151  6.935   1.00 54.33 ? 123 LYS A N   1 
ATOM   214  C  CA  . LYS A 1 27  ? -14.752 -8.355  6.483   1.00 56.80 ? 123 LYS A CA  1 
ATOM   215  C  C   . LYS A 1 27  ? -15.847 -7.981  5.488   1.00 57.19 ? 123 LYS A C   1 
ATOM   216  O  O   . LYS A 1 27  ? -16.645 -7.076  5.744   1.00 57.58 ? 123 LYS A O   1 
ATOM   217  C  CB  . LYS A 1 27  ? -15.372 -9.085  7.679   1.00 58.47 ? 123 LYS A CB  1 
ATOM   218  C  CG  . LYS A 1 27  ? -16.095 -10.382 7.330   1.00 61.37 ? 123 LYS A CG  1 
ATOM   219  C  CD  . LYS A 1 27  ? -15.125 -11.444 6.835   1.00 62.77 ? 123 LYS A CD  1 
ATOM   220  C  CE  . LYS A 1 27  ? -15.833 -12.764 6.573   1.00 63.96 ? 123 LYS A CE  1 
ATOM   221  N  NZ  . LYS A 1 27  ? -14.876 -13.828 6.149   1.00 64.59 ? 123 LYS A NZ  1 
ATOM   222  N  N   . GLY A 1 28  ? -15.881 -8.675  4.355   1.00 57.50 ? 124 GLY A N   1 
ATOM   223  C  CA  . GLY A 1 28  ? -16.894 -8.393  3.354   1.00 57.63 ? 124 GLY A CA  1 
ATOM   224  C  C   . GLY A 1 28  ? -16.377 -8.397  1.929   1.00 56.60 ? 124 GLY A C   1 
ATOM   225  O  O   . GLY A 1 28  ? -15.188 -8.191  1.686   1.00 56.65 ? 124 GLY A O   1 
ATOM   226  N  N   . ASP A 1 29  ? -17.277 -8.638  0.981   1.00 56.22 ? 125 ASP A N   1 
ATOM   227  C  CA  . ASP A 1 29  ? -16.913 -8.658  -0.431  1.00 55.62 ? 125 ASP A CA  1 
ATOM   228  C  C   . ASP A 1 29  ? -16.614 -7.239  -0.890  1.00 54.04 ? 125 ASP A C   1 
ATOM   229  O  O   . ASP A 1 29  ? -16.816 -6.279  -0.145  1.00 53.14 ? 125 ASP A O   1 
ATOM   230  C  CB  . ASP A 1 29  ? -18.062 -9.228  -1.275  1.00 56.50 ? 125 ASP A CB  1 
ATOM   231  C  CG  . ASP A 1 29  ? -18.377 -10.677 -0.941  1.00 58.76 ? 125 ASP A CG  1 
ATOM   232  O  OD1 . ASP A 1 29  ? -17.464 -11.528 -1.044  1.00 58.53 ? 125 ASP A OD1 1 
ATOM   233  O  OD2 . ASP A 1 29  ? -19.542 -10.966 -0.581  1.00 58.35 ? 125 ASP A OD2 1 
ATOM   234  N  N   . ALA A 1 30  ? -16.125 -7.110  -2.118  1.00 52.31 ? 126 ALA A N   1 
ATOM   235  C  CA  . ALA A 1 30  ? -15.826 -5.801  -2.680  1.00 50.32 ? 126 ALA A CA  1 
ATOM   236  C  C   . ALA A 1 30  ? -17.126 -5.230  -3.233  1.00 49.53 ? 126 ALA A C   1 
ATOM   237  O  O   . ALA A 1 30  ? -17.911 -5.945  -3.859  1.00 48.97 ? 126 ALA A O   1 
ATOM   238  C  CB  . ALA A 1 30  ? -14.796 -5.929  -3.790  1.00 49.72 ? 126 ALA A CB  1 
ATOM   239  N  N   . GLU A 1 31  ? -17.359 -3.946  -2.993  1.00 48.37 ? 127 GLU A N   1 
ATOM   240  C  CA  . GLU A 1 31  ? -18.570 -3.298  -3.476  1.00 47.64 ? 127 GLU A CA  1 
ATOM   241  C  C   . GLU A 1 31  ? -18.242 -2.323  -4.597  1.00 45.23 ? 127 GLU A C   1 
ATOM   242  O  O   . GLU A 1 31  ? -19.087 -2.027  -5.443  1.00 45.80 ? 127 GLU A O   1 
ATOM   243  C  CB  . GLU A 1 31  ? -19.260 -2.556  -2.329  1.00 50.59 ? 127 GLU A CB  1 
ATOM   244  C  CG  . GLU A 1 31  ? -19.559 -3.439  -1.125  1.00 55.87 ? 127 GLU A CG  1 
ATOM   245  C  CD  . GLU A 1 31  ? -20.313 -2.711  -0.028  1.00 58.59 ? 127 GLU A CD  1 
ATOM   246  O  OE1 . GLU A 1 31  ? -19.819 -1.661  0.439   1.00 59.47 ? 127 GLU A OE1 1 
ATOM   247  O  OE2 . GLU A 1 31  ? -21.397 -3.193  0.371   1.00 59.56 ? 127 GLU A OE2 1 
ATOM   248  N  N   . ARG A 1 32  ? -17.006 -1.840  -4.610  1.00 40.90 ? 128 ARG A N   1 
ATOM   249  C  CA  . ARG A 1 32  ? -16.585 -0.885  -5.621  1.00 36.77 ? 128 ARG A CA  1 
ATOM   250  C  C   . ARG A 1 32  ? -15.473 -1.423  -6.518  1.00 34.04 ? 128 ARG A C   1 
ATOM   251  O  O   . ARG A 1 32  ? -14.610 -2.178  -6.071  1.00 32.02 ? 128 ARG A O   1 
ATOM   252  C  CB  . ARG A 1 32  ? -16.103 0.404   -4.949  1.00 35.60 ? 128 ARG A CB  1 
ATOM   253  C  CG  . ARG A 1 32  ? -16.327 1.636   -5.786  1.00 35.47 ? 128 ARG A CG  1 
ATOM   254  C  CD  . ARG A 1 32  ? -15.176 2.620   -5.684  1.00 33.51 ? 128 ARG A CD  1 
ATOM   255  N  NE  . ARG A 1 32  ? -14.869 3.017   -4.317  1.00 32.11 ? 128 ARG A NE  1 
ATOM   256  C  CZ  . ARG A 1 32  ? -14.061 4.026   -4.006  1.00 28.99 ? 128 ARG A CZ  1 
ATOM   257  N  NH1 . ARG A 1 32  ? -13.489 4.742   -4.966  1.00 25.97 ? 128 ARG A NH1 1 
ATOM   258  N  NH2 . ARG A 1 32  ? -13.810 4.306   -2.737  1.00 30.03 ? 128 ARG A NH2 1 
ATOM   259  N  N   . TRP A 1 33  ? -15.509 -1.016  -7.785  1.00 31.64 ? 129 TRP A N   1 
ATOM   260  C  CA  . TRP A 1 33  ? -14.516 -1.407  -8.779  1.00 30.25 ? 129 TRP A CA  1 
ATOM   261  C  C   . TRP A 1 33  ? -14.032 -0.151  -9.487  1.00 28.68 ? 129 TRP A C   1 
ATOM   262  O  O   . TRP A 1 33  ? -14.834 0.680   -9.914  1.00 29.30 ? 129 TRP A O   1 
ATOM   263  C  CB  . TRP A 1 33  ? -15.126 -2.360  -9.804  1.00 30.56 ? 129 TRP A CB  1 
ATOM   264  C  CG  . TRP A 1 33  ? -14.928 -3.803  -9.483  1.00 32.14 ? 129 TRP A CG  1 
ATOM   265  C  CD1 . TRP A 1 33  ? -13.927 -4.618  -9.938  1.00 33.59 ? 129 TRP A CD1 1 
ATOM   266  C  CD2 . TRP A 1 33  ? -15.739 -4.604  -8.625  1.00 33.16 ? 129 TRP A CD2 1 
ATOM   267  N  NE1 . TRP A 1 33  ? -14.067 -5.880  -9.413  1.00 32.81 ? 129 TRP A NE1 1 
ATOM   268  C  CE2 . TRP A 1 33  ? -15.172 -5.899  -8.601  1.00 33.90 ? 129 TRP A CE2 1 
ATOM   269  C  CE3 . TRP A 1 33  ? -16.891 -4.355  -7.869  1.00 32.29 ? 129 TRP A CE3 1 
ATOM   270  C  CZ2 . TRP A 1 33  ? -15.719 -6.944  -7.851  1.00 33.87 ? 129 TRP A CZ2 1 
ATOM   271  C  CZ3 . TRP A 1 33  ? -17.435 -5.391  -7.124  1.00 33.66 ? 129 TRP A CZ3 1 
ATOM   272  C  CH2 . TRP A 1 33  ? -16.848 -6.671  -7.122  1.00 36.50 ? 129 TRP A CH2 1 
ATOM   273  N  N   . VAL A 1 34  ? -12.718 -0.014  -9.608  1.00 26.25 ? 130 VAL A N   1 
ATOM   274  C  CA  . VAL A 1 34  ? -12.133 1.149   -10.256 1.00 23.87 ? 130 VAL A CA  1 
ATOM   275  C  C   . VAL A 1 34  ? -11.315 0.739   -11.472 1.00 23.34 ? 130 VAL A C   1 
ATOM   276  O  O   . VAL A 1 34  ? -10.523 -0.209  -11.420 1.00 22.62 ? 130 VAL A O   1 
ATOM   277  C  CB  . VAL A 1 34  ? -11.263 1.943   -9.264  1.00 23.07 ? 130 VAL A CB  1 
ATOM   278  C  CG1 . VAL A 1 34  ? -10.567 3.094   -9.976  1.00 24.00 ? 130 VAL A CG1 1 
ATOM   279  C  CG2 . VAL A 1 34  ? -12.146 2.491   -8.143  1.00 24.18 ? 130 VAL A CG2 1 
ATOM   280  N  N   . SER A 1 35  ? -11.522 1.459   -12.569 1.00 21.58 ? 131 SER A N   1 
ATOM   281  C  CA  . SER A 1 35  ? -10.845 1.177   -13.824 1.00 23.60 ? 131 SER A CA  1 
ATOM   282  C  C   . SER A 1 35  ? -9.485  1.861   -13.959 1.00 23.25 ? 131 SER A C   1 
ATOM   283  O  O   . SER A 1 35  ? -9.180  2.818   -13.249 1.00 23.25 ? 131 SER A O   1 
ATOM   284  C  CB  . SER A 1 35  ? -11.742 1.596   -14.994 1.00 24.48 ? 131 SER A CB  1 
ATOM   285  O  OG  . SER A 1 35  ? -11.875 3.011   -15.031 1.00 30.46 ? 131 SER A OG  1 
ATOM   286  N  N   . THR A 1 36  ? -8.674  1.345   -14.879 1.00 22.49 ? 132 THR A N   1 
ATOM   287  C  CA  . THR A 1 36  ? -7.345  1.874   -15.159 1.00 23.41 ? 132 THR A CA  1 
ATOM   288  C  C   . THR A 1 36  ? -6.792  1.198   -16.407 1.00 24.47 ? 132 THR A C   1 
ATOM   289  O  O   . THR A 1 36  ? -7.260  0.126   -16.796 1.00 22.07 ? 132 THR A O   1 
ATOM   290  C  CB  . THR A 1 36  ? -6.358  1.609   -13.989 1.00 23.47 ? 132 THR A CB  1 
ATOM   291  O  OG1 . THR A 1 36  ? -5.062  2.100   -14.341 1.00 23.36 ? 132 THR A OG1 1 
ATOM   292  C  CG2 . THR A 1 36  ? -6.245  0.114   -13.700 1.00 20.58 ? 132 THR A CG2 1 
ATOM   293  N  N   . THR A 1 37  ? -5.806  1.828   -17.035 1.00 25.79 ? 133 THR A N   1 
ATOM   294  C  CA  . THR A 1 37  ? -5.166  1.258   -18.218 1.00 25.71 ? 133 THR A CA  1 
ATOM   295  C  C   . THR A 1 37  ? -4.148  0.208   -17.780 1.00 25.16 ? 133 THR A C   1 
ATOM   296  O  O   . THR A 1 37  ? -3.726  -0.639  -18.569 1.00 24.80 ? 133 THR A O   1 
ATOM   297  C  CB  . THR A 1 37  ? -4.392  2.329   -19.019 1.00 28.35 ? 133 THR A CB  1 
ATOM   298  O  OG1 . THR A 1 37  ? -3.627  3.139   -18.114 1.00 29.30 ? 133 THR A OG1 1 
ATOM   299  C  CG2 . THR A 1 37  ? -5.341  3.208   -19.809 1.00 29.24 ? 133 THR A CG2 1 
ATOM   300  N  N   . LYS A 1 38  ? -3.769  0.269   -16.509 1.00 24.92 ? 134 LYS A N   1 
ATOM   301  C  CA  . LYS A 1 38  ? -2.761  -0.625  -15.949 1.00 24.64 ? 134 LYS A CA  1 
ATOM   302  C  C   . LYS A 1 38  ? -3.118  -2.110  -15.964 1.00 23.14 ? 134 LYS A C   1 
ATOM   303  O  O   . LYS A 1 38  ? -4.050  -2.545  -15.285 1.00 21.44 ? 134 LYS A O   1 
ATOM   304  C  CB  . LYS A 1 38  ? -2.443  -0.191  -14.517 1.00 25.23 ? 134 LYS A CB  1 
ATOM   305  C  CG  . LYS A 1 38  ? -1.113  -0.699  -13.992 1.00 30.12 ? 134 LYS A CG  1 
ATOM   306  C  CD  . LYS A 1 38  ? 0.042   -0.050  -14.733 1.00 32.52 ? 134 LYS A CD  1 
ATOM   307  C  CE  . LYS A 1 38  ? 1.378   -0.592  -14.263 1.00 36.00 ? 134 LYS A CE  1 
ATOM   308  N  NZ  . LYS A 1 38  ? 2.507   0.077   -14.967 1.00 37.67 ? 134 LYS A NZ  1 
ATOM   309  N  N   . LYS A 1 39  ? -2.366  -2.885  -16.743 1.00 22.09 ? 135 LYS A N   1 
ATOM   310  C  CA  . LYS A 1 39  ? -2.579  -4.325  -16.820 1.00 24.25 ? 135 LYS A CA  1 
ATOM   311  C  C   . LYS A 1 39  ? -1.895  -4.929  -15.593 1.00 22.31 ? 135 LYS A C   1 
ATOM   312  O  O   . LYS A 1 39  ? -0.730  -4.643  -15.329 1.00 24.70 ? 135 LYS A O   1 
ATOM   313  C  CB  . LYS A 1 39  ? -1.955  -4.887  -18.101 1.00 27.66 ? 135 LYS A CB  1 
ATOM   314  C  CG  . LYS A 1 39  ? -2.142  -6.382  -18.288 1.00 31.29 ? 135 LYS A CG  1 
ATOM   315  C  CD  . LYS A 1 39  ? -1.413  -6.869  -19.530 1.00 33.76 ? 135 LYS A CD  1 
ATOM   316  C  CE  . LYS A 1 39  ? -1.592  -8.366  -19.734 1.00 36.44 ? 135 LYS A CE  1 
ATOM   317  N  NZ  . LYS A 1 39  ? -0.709  -8.886  -20.822 1.00 37.87 ? 135 LYS A NZ  1 
ATOM   318  N  N   . ALA A 1 40  ? -2.619  -5.753  -14.844 1.00 20.49 ? 136 ALA A N   1 
ATOM   319  C  CA  . ALA A 1 40  ? -2.075  -6.366  -13.637 1.00 21.08 ? 136 ALA A CA  1 
ATOM   320  C  C   . ALA A 1 40  ? -2.602  -7.792  -13.461 1.00 21.17 ? 136 ALA A C   1 
ATOM   321  O  O   . ALA A 1 40  ? -3.438  -8.248  -14.241 1.00 22.83 ? 136 ALA A O   1 
ATOM   322  C  CB  . ALA A 1 40  ? -2.442  -5.512  -12.420 1.00 20.22 ? 136 ALA A CB  1 
ATOM   323  N  N   . SER A 1 41  ? -2.115  -8.489  -12.439 1.00 20.90 ? 137 SER A N   1 
ATOM   324  C  CA  . SER A 1 41  ? -2.540  -9.862  -12.186 1.00 21.09 ? 137 SER A CA  1 
ATOM   325  C  C   . SER A 1 41  ? -3.987  -9.902  -11.699 1.00 21.46 ? 137 SER A C   1 
ATOM   326  O  O   . SER A 1 41  ? -4.554  -8.872  -11.326 1.00 21.00 ? 137 SER A O   1 
ATOM   327  C  CB  . SER A 1 41  ? -1.632  -10.512 -11.140 1.00 19.24 ? 137 SER A CB  1 
ATOM   328  O  OG  . SER A 1 41  ? -2.056  -10.186 -9.827  1.00 19.67 ? 137 SER A OG  1 
ATOM   329  N  N   . ASP A 1 42  ? -4.580  -11.093 -11.691 1.00 20.17 ? 138 ASP A N   1 
ATOM   330  C  CA  . ASP A 1 42  ? -5.962  -11.233 -11.248 1.00 21.18 ? 138 ASP A CA  1 
ATOM   331  C  C   . ASP A 1 42  ? -6.092  -11.174 -9.723  1.00 20.19 ? 138 ASP A C   1 
ATOM   332  O  O   . ASP A 1 42  ? -7.186  -11.301 -9.180  1.00 19.89 ? 138 ASP A O   1 
ATOM   333  C  CB  . ASP A 1 42  ? -6.574  -12.524 -11.813 1.00 19.94 ? 138 ASP A CB  1 
ATOM   334  C  CG  . ASP A 1 42  ? -5.750  -13.756 -11.490 1.00 23.95 ? 138 ASP A CG  1 
ATOM   335  O  OD1 . ASP A 1 42  ? -5.926  -14.786 -12.178 1.00 19.67 ? 138 ASP A OD1 1 
ATOM   336  O  OD2 . ASP A 1 42  ? -4.938  -13.693 -10.544 1.00 21.69 ? 138 ASP A OD2 1 
ATOM   337  N  N   . SER A 1 43  ? -4.965  -10.969 -9.043  1.00 20.08 ? 139 SER A N   1 
ATOM   338  C  CA  . SER A 1 43  ? -4.936  -10.842 -7.584  1.00 20.17 ? 139 SER A CA  1 
ATOM   339  C  C   . SER A 1 43  ? -4.887  -9.358  -7.210  1.00 20.25 ? 139 SER A C   1 
ATOM   340  O  O   . SER A 1 43  ? -5.017  -8.999  -6.041  1.00 19.22 ? 139 SER A O   1 
ATOM   341  C  CB  . SER A 1 43  ? -3.692  -11.522 -6.998  1.00 22.29 ? 139 SER A CB  1 
ATOM   342  O  OG  . SER A 1 43  ? -3.799  -12.930 -7.027  1.00 29.11 ? 139 SER A OG  1 
ATOM   343  N  N   . ALA A 1 44  ? -4.687  -8.498  -8.206  1.00 19.34 ? 140 ALA A N   1 
ATOM   344  C  CA  . ALA A 1 44  ? -4.586  -7.058  -7.963  1.00 19.35 ? 140 ALA A CA  1 
ATOM   345  C  C   . ALA A 1 44  ? -5.851  -6.410  -7.381  1.00 18.92 ? 140 ALA A C   1 
ATOM   346  O  O   . ALA A 1 44  ? -6.977  -6.850  -7.639  1.00 19.96 ? 140 ALA A O   1 
ATOM   347  C  CB  . ALA A 1 44  ? -4.177  -6.350  -9.252  1.00 17.96 ? 140 ALA A CB  1 
ATOM   348  N  N   . PHE A 1 45  ? -5.654  -5.355  -6.591  1.00 17.33 ? 141 PHE A N   1 
ATOM   349  C  CA  . PHE A 1 45  ? -6.766  -4.643  -5.971  1.00 17.91 ? 141 PHE A CA  1 
ATOM   350  C  C   . PHE A 1 45  ? -6.359  -3.235  -5.558  1.00 17.24 ? 141 PHE A C   1 
ATOM   351  O  O   . PHE A 1 45  ? -5.173  -2.935  -5.415  1.00 16.31 ? 141 PHE A O   1 
ATOM   352  C  CB  . PHE A 1 45  ? -7.267  -5.391  -4.725  1.00 19.03 ? 141 PHE A CB  1 
ATOM   353  C  CG  . PHE A 1 45  ? -6.215  -5.568  -3.651  1.00 20.25 ? 141 PHE A CG  1 
ATOM   354  C  CD1 . PHE A 1 45  ? -5.328  -6.642  -3.695  1.00 18.60 ? 141 PHE A CD1 1 
ATOM   355  C  CD2 . PHE A 1 45  ? -6.100  -4.649  -2.611  1.00 17.82 ? 141 PHE A CD2 1 
ATOM   356  C  CE1 . PHE A 1 45  ? -4.337  -6.799  -2.716  1.00 21.92 ? 141 PHE A CE1 1 
ATOM   357  C  CE2 . PHE A 1 45  ? -5.112  -4.793  -1.625  1.00 20.08 ? 141 PHE A CE2 1 
ATOM   358  C  CZ  . PHE A 1 45  ? -4.230  -5.870  -1.677  1.00 20.89 ? 141 PHE A CZ  1 
ATOM   359  N  N   . TRP A 1 46  ? -7.356  -2.384  -5.350  1.00 17.02 ? 142 TRP A N   1 
ATOM   360  C  CA  . TRP A 1 46  ? -7.113  -1.009  -4.935  1.00 18.66 ? 142 TRP A CA  1 
ATOM   361  C  C   . TRP A 1 46  ? -7.324  -0.856  -3.440  1.00 19.63 ? 142 TRP A C   1 
ATOM   362  O  O   . TRP A 1 46  ? -8.048  -1.628  -2.811  1.00 22.01 ? 142 TRP A O   1 
ATOM   363  C  CB  . TRP A 1 46  ? -8.079  -0.026  -5.605  1.00 16.94 ? 142 TRP A CB  1 
ATOM   364  C  CG  . TRP A 1 46  ? -8.061  0.021   -7.096  1.00 16.99 ? 142 TRP A CG  1 
ATOM   365  C  CD1 . TRP A 1 46  ? -8.853  -0.691  -7.945  1.00 16.08 ? 142 TRP A CD1 1 
ATOM   366  C  CD2 . TRP A 1 46  ? -7.245  0.866   -7.916  1.00 15.93 ? 142 TRP A CD2 1 
ATOM   367  N  NE1 . TRP A 1 46  ? -8.589  -0.340  -9.247  1.00 13.99 ? 142 TRP A NE1 1 
ATOM   368  C  CE2 . TRP A 1 46  ? -7.605  0.613   -9.260  1.00 16.37 ? 142 TRP A CE2 1 
ATOM   369  C  CE3 . TRP A 1 46  ? -6.245  1.814   -7.647  1.00 17.18 ? 142 TRP A CE3 1 
ATOM   370  C  CZ2 . TRP A 1 46  ? -6.999  1.271   -10.337 1.00 16.07 ? 142 TRP A CZ2 1 
ATOM   371  C  CZ3 . TRP A 1 46  ? -5.639  2.474   -8.725  1.00 14.69 ? 142 TRP A CZ3 1 
ATOM   372  C  CH2 . TRP A 1 46  ? -6.023  2.194   -10.052 1.00 15.11 ? 142 TRP A CH2 1 
ATOM   373  N  N   . LEU A 1 47  ? -6.686  0.163   -2.885  1.00 20.65 ? 143 LEU A N   1 
ATOM   374  C  CA  . LEU A 1 47  ? -6.830  0.499   -1.480  1.00 21.39 ? 143 LEU A CA  1 
ATOM   375  C  C   . LEU A 1 47  ? -6.940  2.011   -1.493  1.00 21.69 ? 143 LEU A C   1 
ATOM   376  O  O   . LEU A 1 47  ? -6.236  2.687   -2.246  1.00 20.65 ? 143 LEU A O   1 
ATOM   377  C  CB  . LEU A 1 47  ? -5.610  0.080   -0.656  1.00 20.64 ? 143 LEU A CB  1 
ATOM   378  C  CG  . LEU A 1 47  ? -5.397  -1.406  -0.343  1.00 20.68 ? 143 LEU A CG  1 
ATOM   379  C  CD1 . LEU A 1 47  ? -4.125  -1.543  0.478   1.00 20.68 ? 143 LEU A CD1 1 
ATOM   380  C  CD2 . LEU A 1 47  ? -6.596  -1.981  0.423   1.00 16.27 ? 143 LEU A CD2 1 
ATOM   381  N  N   . GLU A 1 48  ? -7.845  2.533   -0.682  1.00 21.79 ? 144 GLU A N   1 
ATOM   382  C  CA  . GLU A 1 48  ? -8.035  3.964   -0.593  1.00 23.62 ? 144 GLU A CA  1 
ATOM   383  C  C   . GLU A 1 48  ? -7.137  4.484   0.520   1.00 24.25 ? 144 GLU A C   1 
ATOM   384  O  O   . GLU A 1 48  ? -7.196  3.987   1.644   1.00 24.04 ? 144 GLU A O   1 
ATOM   385  C  CB  . GLU A 1 48  ? -9.499  4.265   -0.266  1.00 26.59 ? 144 GLU A CB  1 
ATOM   386  C  CG  . GLU A 1 48  ? -9.888  5.728   -0.356  1.00 32.65 ? 144 GLU A CG  1 
ATOM   387  C  CD  . GLU A 1 48  ? -11.350 5.956   -0.002  1.00 38.09 ? 144 GLU A CD  1 
ATOM   388  O  OE1 . GLU A 1 48  ? -12.215 5.198   -0.502  1.00 38.73 ? 144 GLU A OE1 1 
ATOM   389  O  OE2 . GLU A 1 48  ? -11.633 6.896   0.772   1.00 38.94 ? 144 GLU A OE2 1 
ATOM   390  N  N   . VAL A 1 49  ? -6.288  5.459   0.204   1.00 24.21 ? 145 VAL A N   1 
ATOM   391  C  CA  . VAL A 1 49  ? -5.420  6.053   1.211   1.00 25.77 ? 145 VAL A CA  1 
ATOM   392  C  C   . VAL A 1 49  ? -6.325  6.846   2.160   1.00 29.90 ? 145 VAL A C   1 
ATOM   393  O  O   . VAL A 1 49  ? -7.126  7.675   1.716   1.00 29.23 ? 145 VAL A O   1 
ATOM   394  C  CB  . VAL A 1 49  ? -4.387  7.020   0.584   1.00 26.23 ? 145 VAL A CB  1 
ATOM   395  C  CG1 . VAL A 1 49  ? -3.601  7.726   1.683   1.00 25.08 ? 145 VAL A CG1 1 
ATOM   396  C  CG2 . VAL A 1 49  ? -3.435  6.253   -0.326  1.00 23.20 ? 145 VAL A CG2 1 
ATOM   397  N  N   . GLU A 1 50  ? -6.212  6.579   3.458   1.00 31.22 ? 146 GLU A N   1 
ATOM   398  C  CA  . GLU A 1 50  ? -7.027  7.275   4.451   1.00 34.53 ? 146 GLU A CA  1 
ATOM   399  C  C   . GLU A 1 50  ? -6.161  7.854   5.556   1.00 34.73 ? 146 GLU A C   1 
ATOM   400  O  O   . GLU A 1 50  ? -5.932  7.215   6.582   1.00 35.13 ? 146 GLU A O   1 
ATOM   401  C  CB  . GLU A 1 50  ? -8.071  6.325   5.038   1.00 37.79 ? 146 GLU A CB  1 
ATOM   402  C  CG  . GLU A 1 50  ? -9.095  5.865   4.008   1.00 45.46 ? 146 GLU A CG  1 
ATOM   403  C  CD  . GLU A 1 50  ? -10.201 5.014   4.602   1.00 48.59 ? 146 GLU A CD  1 
ATOM   404  O  OE1 . GLU A 1 50  ? -11.107 4.611   3.842   1.00 50.87 ? 146 GLU A OE1 1 
ATOM   405  O  OE2 . GLU A 1 50  ? -10.165 4.746   5.824   1.00 51.93 ? 146 GLU A OE2 1 
ATOM   406  N  N   . GLY A 1 51  ? -5.688  9.077   5.333   1.00 33.83 ? 147 GLY A N   1 
ATOM   407  C  CA  . GLY A 1 51  ? -4.822  9.739   6.292   1.00 33.27 ? 147 GLY A CA  1 
ATOM   408  C  C   . GLY A 1 51  ? -3.736  10.448  5.511   1.00 31.33 ? 147 GLY A C   1 
ATOM   409  O  O   . GLY A 1 51  ? -3.804  10.498  4.283   1.00 31.89 ? 147 GLY A O   1 
ATOM   410  N  N   . ASN A 1 52  ? -2.729  10.985  6.194   1.00 29.05 ? 148 ASN A N   1 
ATOM   411  C  CA  . ASN A 1 52  ? -1.661  11.692  5.498   1.00 29.24 ? 148 ASN A CA  1 
ATOM   412  C  C   . ASN A 1 52  ? -0.255  11.139  5.729   1.00 27.64 ? 148 ASN A C   1 
ATOM   413  O  O   . ASN A 1 52  ? 0.726   11.837  5.483   1.00 26.98 ? 148 ASN A O   1 
ATOM   414  C  CB  . ASN A 1 52  ? -1.682  13.175  5.881   1.00 31.64 ? 148 ASN A CB  1 
ATOM   415  C  CG  . ASN A 1 52  ? -1.333  13.408  7.343   1.00 32.38 ? 148 ASN A CG  1 
ATOM   416  O  OD1 . ASN A 1 52  ? -1.274  14.549  7.799   1.00 35.71 ? 148 ASN A OD1 1 
ATOM   417  N  ND2 . ASN A 1 52  ? -1.102  12.326  8.084   1.00 32.45 ? 148 ASN A ND2 1 
ATOM   418  N  N   . SER A 1 53  ? -0.149  9.898   6.193   1.00 27.36 ? 149 SER A N   1 
ATOM   419  C  CA  . SER A 1 53  ? 1.168   9.312   6.443   1.00 26.96 ? 149 SER A CA  1 
ATOM   420  C  C   . SER A 1 53  ? 1.976   9.195   5.155   1.00 26.62 ? 149 SER A C   1 
ATOM   421  O  O   . SER A 1 53  ? 3.206   9.092   5.187   1.00 26.14 ? 149 SER A O   1 
ATOM   422  C  CB  . SER A 1 53  ? 1.038   7.930   7.093   1.00 27.62 ? 149 SER A CB  1 
ATOM   423  O  OG  . SER A 1 53  ? 0.444   6.991   6.212   1.00 24.98 ? 149 SER A OG  1 
ATOM   424  N  N   . MET A 1 54  ? 1.291   9.219   4.017   1.00 25.87 ? 150 MET A N   1 
ATOM   425  C  CA  . MET A 1 54  ? 1.980   9.122   2.738   1.00 26.53 ? 150 MET A CA  1 
ATOM   426  C  C   . MET A 1 54  ? 1.867   10.410  1.931   1.00 27.33 ? 150 MET A C   1 
ATOM   427  O  O   . MET A 1 54  ? 1.993   10.409  0.707   1.00 26.94 ? 150 MET A O   1 
ATOM   428  C  CB  . MET A 1 54  ? 1.453   7.928   1.941   1.00 24.48 ? 150 MET A CB  1 
ATOM   429  C  CG  . MET A 1 54  ? 1.891   6.586   2.520   1.00 23.21 ? 150 MET A CG  1 
ATOM   430  S  SD  . MET A 1 54  ? 3.694   6.428   2.544   1.00 23.00 ? 150 MET A SD  1 
ATOM   431  C  CE  . MET A 1 54  ? 4.023   6.010   0.816   1.00 25.27 ? 150 MET A CE  1 
ATOM   432  N  N   . THR A 1 55  ? 1.638   11.511  2.636   1.00 29.75 ? 151 THR A N   1 
ATOM   433  C  CA  . THR A 1 55  ? 1.538   12.820  2.006   1.00 33.50 ? 151 THR A CA  1 
ATOM   434  C  C   . THR A 1 55  ? 2.857   13.548  2.246   1.00 35.64 ? 151 THR A C   1 
ATOM   435  O  O   . THR A 1 55  ? 3.264   13.759  3.388   1.00 36.29 ? 151 THR A O   1 
ATOM   436  C  CB  . THR A 1 55  ? 0.372   13.632  2.600   1.00 32.72 ? 151 THR A CB  1 
ATOM   437  O  OG1 . THR A 1 55  ? -0.855  12.916  2.401   1.00 32.10 ? 151 THR A OG1 1 
ATOM   438  C  CG2 . THR A 1 55  ? 0.268   14.997  1.928   1.00 33.72 ? 151 THR A CG2 1 
ATOM   439  N  N   . THR A 1 56  ? 3.528   13.914  1.162   1.00 39.86 ? 152 THR A N   1 
ATOM   440  C  CA  . THR A 1 56  ? 4.812   14.595  1.248   1.00 44.35 ? 152 THR A CA  1 
ATOM   441  C  C   . THR A 1 56  ? 4.675   16.039  1.720   1.00 47.00 ? 152 THR A C   1 
ATOM   442  O  O   . THR A 1 56  ? 3.658   16.687  1.475   1.00 47.52 ? 152 THR A O   1 
ATOM   443  C  CB  . THR A 1 56  ? 5.513   14.613  -0.111  1.00 43.89 ? 152 THR A CB  1 
ATOM   444  O  OG1 . THR A 1 56  ? 6.852   15.090  0.048   1.00 46.98 ? 152 THR A OG1 1 
ATOM   445  C  CG2 . THR A 1 56  ? 4.767   15.528  -1.070  1.00 44.26 ? 152 THR A CG2 1 
ATOM   446  N  N   . PRO A 1 57  ? 5.709   16.560  2.405   1.00 49.90 ? 153 PRO A N   1 
ATOM   447  C  CA  . PRO A 1 57  ? 5.737   17.931  2.925   1.00 50.78 ? 153 PRO A CA  1 
ATOM   448  C  C   . PRO A 1 57  ? 5.797   18.970  1.808   1.00 51.05 ? 153 PRO A C   1 
ATOM   449  O  O   . PRO A 1 57  ? 4.781   19.306  1.202   1.00 53.10 ? 153 PRO A O   1 
ATOM   450  C  CB  . PRO A 1 57  ? 7.002   17.951  3.786   1.00 51.53 ? 153 PRO A CB  1 
ATOM   451  C  CG  . PRO A 1 57  ? 7.163   16.518  4.201   1.00 51.64 ? 153 PRO A CG  1 
ATOM   452  C  CD  . PRO A 1 57  ? 6.855   15.789  2.920   1.00 50.67 ? 153 PRO A CD  1 
ATOM   453  N  N   . LYS A 1 61  ? 8.020   14.699  -7.569  1.00 50.49 ? 157 LYS A N   1 
ATOM   454  C  CA  . LYS A 1 61  ? 7.370   14.843  -6.272  1.00 49.71 ? 157 LYS A CA  1 
ATOM   455  C  C   . LYS A 1 61  ? 6.226   13.852  -6.082  1.00 48.73 ? 157 LYS A C   1 
ATOM   456  O  O   . LYS A 1 61  ? 5.054   14.182  -6.275  1.00 49.67 ? 157 LYS A O   1 
ATOM   457  C  CB  . LYS A 1 61  ? 6.859   16.277  -6.092  1.00 50.84 ? 157 LYS A CB  1 
ATOM   458  C  CG  . LYS A 1 61  ? 6.000   16.495  -4.850  1.00 52.74 ? 157 LYS A CG  1 
ATOM   459  C  CD  . LYS A 1 61  ? 6.598   15.855  -3.600  1.00 54.40 ? 157 LYS A CD  1 
ATOM   460  C  CE  . LYS A 1 61  ? 7.971   16.403  -3.246  1.00 55.16 ? 157 LYS A CE  1 
ATOM   461  N  NZ  . LYS A 1 61  ? 9.042   15.894  -4.149  1.00 57.21 ? 157 LYS A NZ  1 
ATOM   462  N  N   . THR A 1 62  ? 6.584   12.632  -5.700  1.00 46.11 ? 158 THR A N   1 
ATOM   463  C  CA  . THR A 1 62  ? 5.608   11.580  -5.466  1.00 43.59 ? 158 THR A CA  1 
ATOM   464  C  C   . THR A 1 62  ? 4.887   11.843  -4.148  1.00 41.06 ? 158 THR A C   1 
ATOM   465  O  O   . THR A 1 62  ? 5.519   12.133  -3.134  1.00 41.02 ? 158 THR A O   1 
ATOM   466  C  CB  . THR A 1 62  ? 6.293   10.206  -5.385  1.00 44.32 ? 158 THR A CB  1 
ATOM   467  O  OG1 . THR A 1 62  ? 7.020   9.965   -6.596  1.00 45.15 ? 158 THR A OG1 1 
ATOM   468  C  CG2 . THR A 1 62  ? 5.261   9.106   -5.184  1.00 44.49 ? 158 THR A CG2 1 
ATOM   469  N  N   . SER A 1 63  ? 3.563   11.743  -4.169  1.00 37.63 ? 159 SER A N   1 
ATOM   470  C  CA  . SER A 1 63  ? 2.769   11.969  -2.972  1.00 34.10 ? 159 SER A CA  1 
ATOM   471  C  C   . SER A 1 63  ? 1.413   11.289  -3.111  1.00 32.32 ? 159 SER A C   1 
ATOM   472  O  O   . SER A 1 63  ? 0.764   11.379  -4.156  1.00 31.09 ? 159 SER A O   1 
ATOM   473  C  CB  . SER A 1 63  ? 2.583   13.469  -2.741  1.00 34.12 ? 159 SER A CB  1 
ATOM   474  O  OG  . SER A 1 63  ? 1.863   13.718  -1.546  1.00 32.91 ? 159 SER A OG  1 
ATOM   475  N  N   . PHE A 1 64  ? 0.993   10.597  -2.058  1.00 28.56 ? 160 PHE A N   1 
ATOM   476  C  CA  . PHE A 1 64  ? -0.285  9.903   -2.077  1.00 27.11 ? 160 PHE A CA  1 
ATOM   477  C  C   . PHE A 1 64  ? -1.202  10.531  -1.037  1.00 27.91 ? 160 PHE A C   1 
ATOM   478  O  O   . PHE A 1 64  ? -1.320  10.040  0.086   1.00 26.38 ? 160 PHE A O   1 
ATOM   479  C  CB  . PHE A 1 64  ? -0.089  8.412   -1.781  1.00 25.43 ? 160 PHE A CB  1 
ATOM   480  C  CG  . PHE A 1 64  ? 0.918   7.743   -2.676  1.00 24.11 ? 160 PHE A CG  1 
ATOM   481  C  CD1 . PHE A 1 64  ? 2.284   7.871   -2.427  1.00 24.38 ? 160 PHE A CD1 1 
ATOM   482  C  CD2 . PHE A 1 64  ? 0.502   6.989   -3.771  1.00 21.55 ? 160 PHE A CD2 1 
ATOM   483  C  CE1 . PHE A 1 64  ? 3.222   7.259   -3.253  1.00 23.25 ? 160 PHE A CE1 1 
ATOM   484  C  CE2 . PHE A 1 64  ? 1.427   6.374   -4.604  1.00 22.20 ? 160 PHE A CE2 1 
ATOM   485  C  CZ  . PHE A 1 64  ? 2.793   6.508   -4.347  1.00 23.40 ? 160 PHE A CZ  1 
ATOM   486  N  N   . PRO A 1 65  ? -1.865  11.636  -1.404  1.00 28.91 ? 161 PRO A N   1 
ATOM   487  C  CA  . PRO A 1 65  ? -2.773  12.341  -0.502  1.00 29.54 ? 161 PRO A CA  1 
ATOM   488  C  C   . PRO A 1 65  ? -3.991  11.529  -0.105  1.00 30.34 ? 161 PRO A C   1 
ATOM   489  O  O   . PRO A 1 65  ? -4.412  10.610  -0.817  1.00 29.74 ? 161 PRO A O   1 
ATOM   490  C  CB  . PRO A 1 65  ? -3.155  13.577  -1.304  1.00 31.11 ? 161 PRO A CB  1 
ATOM   491  C  CG  . PRO A 1 65  ? -3.163  13.049  -2.712  1.00 32.65 ? 161 PRO A CG  1 
ATOM   492  C  CD  . PRO A 1 65  ? -1.876  12.256  -2.740  1.00 29.72 ? 161 PRO A CD  1 
ATOM   493  N  N   . ASP A 1 66  ? -4.543  11.885  1.047   1.00 29.97 ? 162 ASP A N   1 
ATOM   494  C  CA  . ASP A 1 66  ? -5.740  11.255  1.582   1.00 29.52 ? 162 ASP A CA  1 
ATOM   495  C  C   . ASP A 1 66  ? -6.800  11.174  0.480   1.00 27.92 ? 162 ASP A C   1 
ATOM   496  O  O   . ASP A 1 66  ? -7.035  12.149  -0.231  1.00 26.83 ? 162 ASP A O   1 
ATOM   497  C  CB  . ASP A 1 66  ? -6.258  12.104  2.744   1.00 30.76 ? 162 ASP A CB  1 
ATOM   498  C  CG  . ASP A 1 66  ? -7.627  11.688  3.206   1.00 32.33 ? 162 ASP A CG  1 
ATOM   499  O  OD1 . ASP A 1 66  ? -7.749  10.598  3.802   1.00 34.19 ? 162 ASP A OD1 1 
ATOM   500  O  OD2 . ASP A 1 66  ? -8.586  12.456  2.970   1.00 34.75 ? 162 ASP A OD2 1 
ATOM   501  N  N   . GLY A 1 67  ? -7.427  10.013  0.328   1.00 25.96 ? 163 GLY A N   1 
ATOM   502  C  CA  . GLY A 1 67  ? -8.453  9.865   -0.695  1.00 26.30 ? 163 GLY A CA  1 
ATOM   503  C  C   . GLY A 1 67  ? -7.992  9.250   -2.005  1.00 25.08 ? 163 GLY A C   1 
ATOM   504  O  O   . GLY A 1 67  ? -8.815  8.813   -2.808  1.00 25.65 ? 163 GLY A O   1 
ATOM   505  N  N   . MET A 1 68  ? -6.686  9.223   -2.240  1.00 23.58 ? 164 MET A N   1 
ATOM   506  C  CA  . MET A 1 68  ? -6.159  8.635   -3.470  1.00 25.59 ? 164 MET A CA  1 
ATOM   507  C  C   . MET A 1 68  ? -6.253  7.110   -3.424  1.00 24.51 ? 164 MET A C   1 
ATOM   508  O  O   . MET A 1 68  ? -6.096  6.500   -2.368  1.00 26.71 ? 164 MET A O   1 
ATOM   509  C  CB  . MET A 1 68  ? -4.694  9.031   -3.673  1.00 25.85 ? 164 MET A CB  1 
ATOM   510  C  CG  . MET A 1 68  ? -4.065  8.426   -4.925  1.00 30.35 ? 164 MET A CG  1 
ATOM   511  S  SD  . MET A 1 68  ? -2.345  8.924   -5.167  1.00 32.59 ? 164 MET A SD  1 
ATOM   512  C  CE  . MET A 1 68  ? -2.552  10.620  -5.685  1.00 32.42 ? 164 MET A CE  1 
ATOM   513  N  N   . LEU A 1 69  ? -6.518  6.502   -4.573  1.00 23.06 ? 165 LEU A N   1 
ATOM   514  C  CA  . LEU A 1 69  ? -6.598  5.049   -4.666  1.00 21.80 ? 165 LEU A CA  1 
ATOM   515  C  C   . LEU A 1 69  ? -5.263  4.536   -5.205  1.00 21.68 ? 165 LEU A C   1 
ATOM   516  O  O   . LEU A 1 69  ? -4.670  5.155   -6.093  1.00 22.98 ? 165 LEU A O   1 
ATOM   517  C  CB  . LEU A 1 69  ? -7.733  4.638   -5.611  1.00 21.91 ? 165 LEU A CB  1 
ATOM   518  C  CG  . LEU A 1 69  ? -9.161  4.916   -5.137  1.00 24.28 ? 165 LEU A CG  1 
ATOM   519  C  CD1 . LEU A 1 69  ? -10.133 4.869   -6.313  1.00 27.00 ? 165 LEU A CD1 1 
ATOM   520  C  CD2 . LEU A 1 69  ? -9.541  3.901   -4.076  1.00 23.94 ? 165 LEU A CD2 1 
ATOM   521  N  N   . ILE A 1 70  ? -4.785  3.421   -4.659  1.00 17.96 ? 166 ILE A N   1 
ATOM   522  C  CA  . ILE A 1 70  ? -3.526  2.829   -5.103  1.00 16.78 ? 166 ILE A CA  1 
ATOM   523  C  C   . ILE A 1 70  ? -3.763  1.376   -5.510  1.00 17.58 ? 166 ILE A C   1 
ATOM   524  O  O   . ILE A 1 70  ? -4.463  0.642   -4.810  1.00 18.57 ? 166 ILE A O   1 
ATOM   525  C  CB  . ILE A 1 70  ? -2.447  2.856   -3.986  1.00 16.57 ? 166 ILE A CB  1 
ATOM   526  C  CG1 . ILE A 1 70  ? -2.994  2.217   -2.707  1.00 15.95 ? 166 ILE A CG1 1 
ATOM   527  C  CG2 . ILE A 1 70  ? -1.982  4.294   -3.742  1.00 14.17 ? 166 ILE A CG2 1 
ATOM   528  C  CD1 . ILE A 1 70  ? -1.935  1.988   -1.640  1.00 20.63 ? 166 ILE A CD1 1 
ATOM   529  N  N   . LEU A 1 71  ? -3.184  0.969   -6.639  1.00 16.64 ? 167 LEU A N   1 
ATOM   530  C  CA  . LEU A 1 71  ? -3.345  -0.400  -7.135  1.00 17.43 ? 167 LEU A CA  1 
ATOM   531  C  C   . LEU A 1 71  ? -2.218  -1.269  -6.601  1.00 15.91 ? 167 LEU A C   1 
ATOM   532  O  O   . LEU A 1 71  ? -1.036  -0.994  -6.840  1.00 17.56 ? 167 LEU A O   1 
ATOM   533  C  CB  . LEU A 1 71  ? -3.342  -0.427  -8.670  1.00 14.39 ? 167 LEU A CB  1 
ATOM   534  C  CG  . LEU A 1 71  ? -3.651  -1.765  -9.368  1.00 16.18 ? 167 LEU A CG  1 
ATOM   535  C  CD1 . LEU A 1 71  ? -5.059  -2.241  -9.004  1.00 14.57 ? 167 LEU A CD1 1 
ATOM   536  C  CD2 . LEU A 1 71  ? -3.534  -1.594  -10.880 1.00 13.34 ? 167 LEU A CD2 1 
ATOM   537  N  N   . VAL A 1 72  ? -2.594  -2.315  -5.873  1.00 17.37 ? 168 VAL A N   1 
ATOM   538  C  CA  . VAL A 1 72  ? -1.633  -3.235  -5.273  1.00 16.76 ? 168 VAL A CA  1 
ATOM   539  C  C   . VAL A 1 72  ? -1.668  -4.579  -6.003  1.00 18.20 ? 168 VAL A C   1 
ATOM   540  O  O   . VAL A 1 72  ? -2.731  -5.178  -6.161  1.00 18.18 ? 168 VAL A O   1 
ATOM   541  C  CB  . VAL A 1 72  ? -1.965  -3.492  -3.778  1.00 16.64 ? 168 VAL A CB  1 
ATOM   542  C  CG1 . VAL A 1 72  ? -0.845  -4.293  -3.120  1.00 19.16 ? 168 VAL A CG1 1 
ATOM   543  C  CG2 . VAL A 1 72  ? -2.183  -2.176  -3.052  1.00 16.11 ? 168 VAL A CG2 1 
ATOM   544  N  N   . ASP A 1 73  ? -0.505  -5.042  -6.449  1.00 17.14 ? 169 ASP A N   1 
ATOM   545  C  CA  . ASP A 1 73  ? -0.416  -6.318  -7.142  1.00 18.49 ? 169 ASP A CA  1 
ATOM   546  C  C   . ASP A 1 73  ? 0.480   -7.274  -6.351  1.00 18.48 ? 169 ASP A C   1 
ATOM   547  O  O   . ASP A 1 73  ? 1.712   -7.177  -6.389  1.00 17.69 ? 169 ASP A O   1 
ATOM   548  C  CB  . ASP A 1 73  ? 0.153   -6.137  -8.548  1.00 19.65 ? 169 ASP A CB  1 
ATOM   549  C  CG  . ASP A 1 73  ? -0.065  -7.358  -9.421  1.00 21.80 ? 169 ASP A CG  1 
ATOM   550  O  OD1 . ASP A 1 73  ? -0.335  -8.447  -8.866  1.00 23.84 ? 169 ASP A OD1 1 
ATOM   551  O  OD2 . ASP A 1 73  ? 0.035   -7.230  -10.660 1.00 21.14 ? 169 ASP A OD2 1 
ATOM   552  N  N   . PRO A 1 74  ? -0.137  -8.203  -5.605  1.00 19.71 ? 170 PRO A N   1 
ATOM   553  C  CA  . PRO A 1 74  ? 0.576   -9.194  -4.793  1.00 20.95 ? 170 PRO A CA  1 
ATOM   554  C  C   . PRO A 1 74  ? 1.517   -10.063 -5.632  1.00 21.78 ? 170 PRO A C   1 
ATOM   555  O  O   . PRO A 1 74  ? 2.444   -10.680 -5.112  1.00 21.64 ? 170 PRO A O   1 
ATOM   556  C  CB  . PRO A 1 74  ? -0.556  -10.033 -4.197  1.00 21.21 ? 170 PRO A CB  1 
ATOM   557  C  CG  . PRO A 1 74  ? -1.711  -9.084  -4.150  1.00 21.42 ? 170 PRO A CG  1 
ATOM   558  C  CD  . PRO A 1 74  ? -1.595  -8.363  -5.467  1.00 20.17 ? 170 PRO A CD  1 
ATOM   559  N  N   . GLU A 1 75  ? 1.282   -10.106 -6.936  1.00 21.55 ? 171 GLU A N   1 
ATOM   560  C  CA  . GLU A 1 75  ? 2.094   -10.953 -7.796  1.00 22.16 ? 171 GLU A CA  1 
ATOM   561  C  C   . GLU A 1 75  ? 3.319   -10.341 -8.451  1.00 23.41 ? 171 GLU A C   1 
ATOM   562  O  O   . GLU A 1 75  ? 3.997   -11.006 -9.229  1.00 25.53 ? 171 GLU A O   1 
ATOM   563  C  CB  . GLU A 1 75  ? 1.197   -11.599 -8.847  1.00 21.78 ? 171 GLU A CB  1 
ATOM   564  C  CG  . GLU A 1 75  ? 0.225   -12.561 -8.215  1.00 22.59 ? 171 GLU A CG  1 
ATOM   565  C  CD  . GLU A 1 75  ? -0.716  -13.165 -9.211  1.00 23.36 ? 171 GLU A CD  1 
ATOM   566  O  OE1 . GLU A 1 75  ? -0.251  -13.498 -10.321 1.00 19.74 ? 171 GLU A OE1 1 
ATOM   567  O  OE2 . GLU A 1 75  ? -1.914  -13.313 -8.877  1.00 23.57 ? 171 GLU A OE2 1 
ATOM   568  N  N   . GLN A 1 76  ? 3.613   -9.085  -8.148  1.00 22.28 ? 172 GLN A N   1 
ATOM   569  C  CA  . GLN A 1 76  ? 4.797   -8.460  -8.715  1.00 23.13 ? 172 GLN A CA  1 
ATOM   570  C  C   . GLN A 1 76  ? 5.846   -8.302  -7.622  1.00 23.53 ? 172 GLN A C   1 
ATOM   571  O  O   . GLN A 1 76  ? 5.519   -7.966  -6.486  1.00 24.46 ? 172 GLN A O   1 
ATOM   572  C  CB  . GLN A 1 76  ? 4.436   -7.114  -9.342  1.00 25.35 ? 172 GLN A CB  1 
ATOM   573  C  CG  . GLN A 1 76  ? 3.587   -7.282  -10.591 1.00 26.43 ? 172 GLN A CG  1 
ATOM   574  C  CD  . GLN A 1 76  ? 3.431   -5.999  -11.365 1.00 29.65 ? 172 GLN A CD  1 
ATOM   575  O  OE1 . GLN A 1 76  ? 4.415   -5.329  -11.683 1.00 31.74 ? 172 GLN A OE1 1 
ATOM   576  N  NE2 . GLN A 1 76  ? 2.191   -5.648  -11.683 1.00 29.99 ? 172 GLN A NE2 1 
ATOM   577  N  N   . ALA A 1 77  ? 7.102   -8.570  -7.968  1.00 22.20 ? 173 ALA A N   1 
ATOM   578  C  CA  . ALA A 1 77  ? 8.211   -8.491  -7.020  1.00 22.87 ? 173 ALA A CA  1 
ATOM   579  C  C   . ALA A 1 77  ? 8.535   -7.070  -6.576  1.00 22.56 ? 173 ALA A C   1 
ATOM   580  O  O   . ALA A 1 77  ? 8.579   -6.150  -7.384  1.00 22.79 ? 173 ALA A O   1 
ATOM   581  C  CB  . ALA A 1 77  ? 9.455   -9.134  -7.622  1.00 22.82 ? 173 ALA A CB  1 
ATOM   582  N  N   . VAL A 1 78  ? 8.776   -6.911  -5.280  1.00 21.01 ? 174 VAL A N   1 
ATOM   583  C  CA  . VAL A 1 78  ? 9.112   -5.616  -4.708  1.00 21.16 ? 174 VAL A CA  1 
ATOM   584  C  C   . VAL A 1 78  ? 10.581  -5.546  -4.289  1.00 21.41 ? 174 VAL A C   1 
ATOM   585  O  O   . VAL A 1 78  ? 11.137  -6.517  -3.771  1.00 20.55 ? 174 VAL A O   1 
ATOM   586  C  CB  . VAL A 1 78  ? 8.248   -5.319  -3.467  1.00 23.11 ? 174 VAL A CB  1 
ATOM   587  C  CG1 . VAL A 1 78  ? 8.724   -4.038  -2.804  1.00 20.17 ? 174 VAL A CG1 1 
ATOM   588  C  CG2 . VAL A 1 78  ? 6.775   -5.202  -3.867  1.00 22.64 ? 174 VAL A CG2 1 
ATOM   589  N  N   . GLU A 1 79  ? 11.198  -4.387  -4.511  1.00 19.48 ? 175 GLU A N   1 
ATOM   590  C  CA  . GLU A 1 79  ? 12.593  -4.170  -4.143  1.00 19.53 ? 175 GLU A CA  1 
ATOM   591  C  C   . GLU A 1 79  ? 12.746  -2.730  -3.669  1.00 20.04 ? 175 GLU A C   1 
ATOM   592  O  O   . GLU A 1 79  ? 11.880  -1.886  -3.931  1.00 19.34 ? 175 GLU A O   1 
ATOM   593  C  CB  . GLU A 1 79  ? 13.501  -4.398  -5.347  1.00 20.21 ? 175 GLU A CB  1 
ATOM   594  C  CG  . GLU A 1 79  ? 13.174  -3.480  -6.491  1.00 23.46 ? 175 GLU A CG  1 
ATOM   595  C  CD  . GLU A 1 79  ? 14.126  -3.628  -7.648  1.00 26.61 ? 175 GLU A CD  1 
ATOM   596  O  OE1 . GLU A 1 79  ? 13.775  -3.172  -8.751  1.00 28.88 ? 175 GLU A OE1 1 
ATOM   597  O  OE2 . GLU A 1 79  ? 15.226  -4.183  -7.454  1.00 28.15 ? 175 GLU A OE2 1 
ATOM   598  N  N   . PRO A 1 80  ? 13.854  -2.425  -2.970  1.00 20.43 ? 176 PRO A N   1 
ATOM   599  C  CA  . PRO A 1 80  ? 14.085  -1.066  -2.476  1.00 20.45 ? 176 PRO A CA  1 
ATOM   600  C  C   . PRO A 1 80  ? 13.877  -0.065  -3.605  1.00 19.46 ? 176 PRO A C   1 
ATOM   601  O  O   . PRO A 1 80  ? 14.417  -0.237  -4.692  1.00 20.36 ? 176 PRO A O   1 
ATOM   602  C  CB  . PRO A 1 80  ? 15.533  -1.126  -1.989  1.00 18.30 ? 176 PRO A CB  1 
ATOM   603  C  CG  . PRO A 1 80  ? 15.632  -2.519  -1.471  1.00 23.05 ? 176 PRO A CG  1 
ATOM   604  C  CD  . PRO A 1 80  ? 14.972  -3.310  -2.592  1.00 20.22 ? 176 PRO A CD  1 
ATOM   605  N  N   . GLY A 1 81  ? 13.077  0.963   -3.346  1.00 20.92 ? 177 GLY A N   1 
ATOM   606  C  CA  . GLY A 1 81  ? 12.788  1.958   -4.363  1.00 21.52 ? 177 GLY A CA  1 
ATOM   607  C  C   . GLY A 1 81  ? 11.314  1.932   -4.744  1.00 21.68 ? 177 GLY A C   1 
ATOM   608  O  O   . GLY A 1 81  ? 10.754  2.948   -5.162  1.00 21.57 ? 177 GLY A O   1 
ATOM   609  N  N   . ASP A 1 82  ? 10.684  0.767   -4.601  1.00 19.92 ? 178 ASP A N   1 
ATOM   610  C  CA  . ASP A 1 82  ? 9.263   0.614   -4.916  1.00 19.95 ? 178 ASP A CA  1 
ATOM   611  C  C   . ASP A 1 82  ? 8.396   0.978   -3.726  1.00 20.53 ? 178 ASP A C   1 
ATOM   612  O  O   . ASP A 1 82  ? 8.855   0.999   -2.579  1.00 21.74 ? 178 ASP A O   1 
ATOM   613  C  CB  . ASP A 1 82  ? 8.891   -0.838  -5.256  1.00 18.01 ? 178 ASP A CB  1 
ATOM   614  C  CG  . ASP A 1 82  ? 9.631   -1.383  -6.449  1.00 18.28 ? 178 ASP A CG  1 
ATOM   615  O  OD1 . ASP A 1 82  ? 9.894   -0.625  -7.398  1.00 19.19 ? 178 ASP A OD1 1 
ATOM   616  O  OD2 . ASP A 1 82  ? 9.926   -2.593  -6.438  1.00 20.65 ? 178 ASP A OD2 1 
ATOM   617  N  N   . PHE A 1 83  ? 7.129   1.252   -4.012  1.00 18.78 ? 179 PHE A N   1 
ATOM   618  C  CA  . PHE A 1 83  ? 6.161   1.525   -2.968  1.00 17.77 ? 179 PHE A CA  1 
ATOM   619  C  C   . PHE A 1 83  ? 5.457   0.186   -2.813  1.00 18.51 ? 179 PHE A C   1 
ATOM   620  O  O   . PHE A 1 83  ? 5.311   -0.562  -3.782  1.00 17.35 ? 179 PHE A O   1 
ATOM   621  C  CB  . PHE A 1 83  ? 5.198   2.634   -3.383  1.00 18.55 ? 179 PHE A CB  1 
ATOM   622  C  CG  . PHE A 1 83  ? 5.804   4.005   -3.294  1.00 16.53 ? 179 PHE A CG  1 
ATOM   623  C  CD1 . PHE A 1 83  ? 6.478   4.557   -4.375  1.00 19.08 ? 179 PHE A CD1 1 
ATOM   624  C  CD2 . PHE A 1 83  ? 5.738   4.727   -2.102  1.00 17.89 ? 179 PHE A CD2 1 
ATOM   625  C  CE1 . PHE A 1 83  ? 7.083   5.812   -4.278  1.00 21.34 ? 179 PHE A CE1 1 
ATOM   626  C  CE2 . PHE A 1 83  ? 6.337   5.980   -1.990  1.00 18.77 ? 179 PHE A CE2 1 
ATOM   627  C  CZ  . PHE A 1 83  ? 7.011   6.527   -3.078  1.00 18.89 ? 179 PHE A CZ  1 
ATOM   628  N  N   . CYS A 1 84  ? 5.021   -0.127  -1.601  1.00 18.08 ? 180 CYS A N   1 
ATOM   629  C  CA  . CYS A 1 84  ? 4.410   -1.419  -1.374  1.00 17.18 ? 180 CYS A CA  1 
ATOM   630  C  C   . CYS A 1 84  ? 3.481   -1.434  -0.185  1.00 18.17 ? 180 CYS A C   1 
ATOM   631  O  O   . CYS A 1 84  ? 3.342   -0.448  0.541   1.00 17.89 ? 180 CYS A O   1 
ATOM   632  C  CB  . CYS A 1 84  ? 5.509   -2.454  -1.112  1.00 17.75 ? 180 CYS A CB  1 
ATOM   633  S  SG  . CYS A 1 84  ? 6.417   -2.157  0.466   1.00 21.72 ? 180 CYS A SG  1 
ATOM   634  N  N   . ILE A 1 85  ? 2.851   -2.586  -0.002  1.00 17.18 ? 181 ILE A N   1 
ATOM   635  C  CA  . ILE A 1 85  ? 1.983   -2.820  1.136   1.00 18.33 ? 181 ILE A CA  1 
ATOM   636  C  C   . ILE A 1 85  ? 2.718   -3.938  1.854   1.00 20.32 ? 181 ILE A C   1 
ATOM   637  O  O   . ILE A 1 85  ? 3.069   -4.950  1.247   1.00 19.40 ? 181 ILE A O   1 
ATOM   638  C  CB  . ILE A 1 85  ? 0.586   -3.322  0.729   1.00 18.92 ? 181 ILE A CB  1 
ATOM   639  C  CG1 . ILE A 1 85  ? -0.165  -2.221  -0.035  1.00 17.96 ? 181 ILE A CG1 1 
ATOM   640  C  CG2 . ILE A 1 85  ? -0.183  -3.753  1.975   1.00 18.10 ? 181 ILE A CG2 1 
ATOM   641  C  CD1 . ILE A 1 85  ? -0.363  -0.941  0.763   1.00 15.98 ? 181 ILE A CD1 1 
ATOM   642  N  N   . ALA A 1 86  ? 2.978   -3.743  3.138   1.00 20.32 ? 182 ALA A N   1 
ATOM   643  C  CA  . ALA A 1 86  ? 3.681   -4.740  3.917   1.00 22.04 ? 182 ALA A CA  1 
ATOM   644  C  C   . ALA A 1 86  ? 2.835   -5.148  5.108   1.00 23.46 ? 182 ALA A C   1 
ATOM   645  O  O   . ALA A 1 86  ? 2.154   -4.325  5.718   1.00 22.62 ? 182 ALA A O   1 
ATOM   646  C  CB  . ALA A 1 86  ? 5.011   -4.186  4.384   1.00 20.23 ? 182 ALA A CB  1 
ATOM   647  N  N   . ARG A 1 87  ? 2.870   -6.435  5.414   1.00 27.29 ? 183 ARG A N   1 
ATOM   648  C  CA  . ARG A 1 87  ? 2.126   -6.974  6.535   1.00 32.46 ? 183 ARG A CA  1 
ATOM   649  C  C   . ARG A 1 87  ? 3.077   -7.013  7.723   1.00 34.28 ? 183 ARG A C   1 
ATOM   650  O  O   . ARG A 1 87  ? 4.206   -7.492  7.605   1.00 33.49 ? 183 ARG A O   1 
ATOM   651  C  CB  . ARG A 1 87  ? 1.637   -8.382  6.198   1.00 36.43 ? 183 ARG A CB  1 
ATOM   652  C  CG  . ARG A 1 87  ? 0.849   -9.055  7.301   1.00 42.86 ? 183 ARG A CG  1 
ATOM   653  C  CD  . ARG A 1 87  ? 0.523   -10.490 6.921   1.00 45.47 ? 183 ARG A CD  1 
ATOM   654  N  NE  . ARG A 1 87  ? -0.191  -10.574 5.649   1.00 50.00 ? 183 ARG A NE  1 
ATOM   655  C  CZ  . ARG A 1 87  ? -1.371  -10.008 5.414   1.00 52.05 ? 183 ARG A CZ  1 
ATOM   656  N  NH1 . ARG A 1 87  ? -1.975  -9.310  6.367   1.00 53.44 ? 183 ARG A NH1 1 
ATOM   657  N  NH2 . ARG A 1 87  ? -1.950  -10.144 4.228   1.00 52.01 ? 183 ARG A NH2 1 
ATOM   658  N  N   . LEU A 1 88  ? 2.626   -6.485  8.858   1.00 35.38 ? 184 LEU A N   1 
ATOM   659  C  CA  . LEU A 1 88  ? 3.437   -6.462  10.071  1.00 38.92 ? 184 LEU A CA  1 
ATOM   660  C  C   . LEU A 1 88  ? 2.713   -7.165  11.213  1.00 41.72 ? 184 LEU A C   1 
ATOM   661  O  O   . LEU A 1 88  ? 1.670   -6.703  11.677  1.00 40.18 ? 184 LEU A O   1 
ATOM   662  C  CB  . LEU A 1 88  ? 3.739   -5.018  10.477  1.00 39.20 ? 184 LEU A CB  1 
ATOM   663  C  CG  . LEU A 1 88  ? 4.548   -4.180  9.485   1.00 39.72 ? 184 LEU A CG  1 
ATOM   664  C  CD1 . LEU A 1 88  ? 4.579   -2.736  9.953   1.00 40.84 ? 184 LEU A CD1 1 
ATOM   665  C  CD2 . LEU A 1 88  ? 5.956   -4.743  9.356   1.00 39.07 ? 184 LEU A CD2 1 
ATOM   666  N  N   . GLY A 1 89  ? 3.269   -8.286  11.662  1.00 44.92 ? 185 GLY A N   1 
ATOM   667  C  CA  . GLY A 1 89  ? 2.658   -9.024  12.753  1.00 48.02 ? 185 GLY A CA  1 
ATOM   668  C  C   . GLY A 1 89  ? 1.827   -10.207 12.292  1.00 49.86 ? 185 GLY A C   1 
ATOM   669  O  O   . GLY A 1 89  ? 1.596   -11.140 13.059  1.00 51.63 ? 185 GLY A O   1 
ATOM   670  N  N   . GLY A 1 90  ? 1.367   -10.168 11.046  1.00 50.96 ? 186 GLY A N   1 
ATOM   671  C  CA  . GLY A 1 90  ? 0.574   -11.268 10.525  1.00 51.24 ? 186 GLY A CA  1 
ATOM   672  C  C   . GLY A 1 90  ? -0.866  -10.932 10.182  1.00 51.23 ? 186 GLY A C   1 
ATOM   673  O  O   . GLY A 1 90  ? -1.551  -11.731 9.541   1.00 52.09 ? 186 GLY A O   1 
ATOM   674  N  N   . ASP A 1 91  ? -1.337  -9.761  10.597  1.00 50.01 ? 187 ASP A N   1 
ATOM   675  C  CA  . ASP A 1 91  ? -2.711  -9.368  10.308  1.00 48.53 ? 187 ASP A CA  1 
ATOM   676  C  C   . ASP A 1 91  ? -2.859  -7.892  9.938   1.00 46.50 ? 187 ASP A C   1 
ATOM   677  O  O   . ASP A 1 91  ? -3.751  -7.522  9.176   1.00 47.65 ? 187 ASP A O   1 
ATOM   678  C  CB  . ASP A 1 91  ? -3.604  -9.686  11.508  1.00 49.88 ? 187 ASP A CB  1 
ATOM   679  C  CG  . ASP A 1 91  ? -5.034  -9.227  11.304  1.00 52.38 ? 187 ASP A CG  1 
ATOM   680  O  OD1 . ASP A 1 91  ? -5.660  -9.663  10.314  1.00 53.60 ? 187 ASP A OD1 1 
ATOM   681  O  OD2 . ASP A 1 91  ? -5.530  -8.431  12.131  1.00 52.91 ? 187 ASP A OD2 1 
ATOM   682  N  N   . GLU A 1 92  ? -1.983  -7.055  10.482  1.00 43.15 ? 188 GLU A N   1 
ATOM   683  C  CA  . GLU A 1 92  ? -2.021  -5.622  10.218  1.00 40.29 ? 188 GLU A CA  1 
ATOM   684  C  C   . GLU A 1 92  ? -1.073  -5.250  9.076   1.00 36.74 ? 188 GLU A C   1 
ATOM   685  O  O   . GLU A 1 92  ? -0.024  -5.873  8.903   1.00 32.23 ? 188 GLU A O   1 
ATOM   686  C  CB  . GLU A 1 92  ? -1.640  -4.861  11.489  1.00 42.24 ? 188 GLU A CB  1 
ATOM   687  C  CG  . GLU A 1 92  ? -2.555  -5.152  12.669  1.00 45.57 ? 188 GLU A CG  1 
ATOM   688  C  CD  . GLU A 1 92  ? -1.984  -4.673  13.994  1.00 48.94 ? 188 GLU A CD  1 
ATOM   689  O  OE1 . GLU A 1 92  ? -1.695  -3.463  14.122  1.00 49.46 ? 188 GLU A OE1 1 
ATOM   690  O  OE2 . GLU A 1 92  ? -1.827  -5.511  14.912  1.00 51.79 ? 188 GLU A OE2 1 
ATOM   691  N  N   . PHE A 1 93  ? -1.439  -4.237  8.297   1.00 33.62 ? 189 PHE A N   1 
ATOM   692  C  CA  . PHE A 1 93  ? -0.587  -3.829  7.188   1.00 30.22 ? 189 PHE A CA  1 
ATOM   693  C  C   . PHE A 1 93  ? -0.335  -2.329  7.145   1.00 28.00 ? 189 PHE A C   1 
ATOM   694  O  O   . PHE A 1 93  ? -0.989  -1.552  7.844   1.00 27.85 ? 189 PHE A O   1 
ATOM   695  C  CB  . PHE A 1 93  ? -1.187  -4.310  5.854   1.00 30.65 ? 189 PHE A CB  1 
ATOM   696  C  CG  . PHE A 1 93  ? -2.370  -3.504  5.366   1.00 31.10 ? 189 PHE A CG  1 
ATOM   697  C  CD1 . PHE A 1 93  ? -2.186  -2.269  4.746   1.00 27.89 ? 189 PHE A CD1 1 
ATOM   698  C  CD2 . PHE A 1 93  ? -3.666  -3.998  5.495   1.00 30.96 ? 189 PHE A CD2 1 
ATOM   699  C  CE1 . PHE A 1 93  ? -3.278  -1.542  4.256   1.00 29.51 ? 189 PHE A CE1 1 
ATOM   700  C  CE2 . PHE A 1 93  ? -4.767  -3.278  5.008   1.00 29.66 ? 189 PHE A CE2 1 
ATOM   701  C  CZ  . PHE A 1 93  ? -4.574  -2.051  4.388   1.00 27.81 ? 189 PHE A CZ  1 
ATOM   702  N  N   . THR A 1 94  ? 0.635   -1.927  6.334   1.00 24.99 ? 190 THR A N   1 
ATOM   703  C  CA  . THR A 1 94  ? 0.951   -0.516  6.189   1.00 21.55 ? 190 THR A CA  1 
ATOM   704  C  C   . THR A 1 94  ? 1.376   -0.235  4.747   1.00 20.57 ? 190 THR A C   1 
ATOM   705  O  O   . THR A 1 94  ? 1.832   -1.134  4.031   1.00 19.76 ? 190 THR A O   1 
ATOM   706  C  CB  . THR A 1 94  ? 2.061   -0.089  7.189   1.00 21.13 ? 190 THR A CB  1 
ATOM   707  O  OG1 . THR A 1 94  ? 2.157   1.340   7.219   1.00 22.55 ? 190 THR A OG1 1 
ATOM   708  C  CG2 . THR A 1 94  ? 3.408   -0.677  6.797   1.00 20.93 ? 190 THR A CG2 1 
ATOM   709  N  N   . PHE A 1 95  ? 1.187   1.010   4.325   1.00 17.69 ? 191 PHE A N   1 
ATOM   710  C  CA  . PHE A 1 95  ? 1.526   1.459   2.977   1.00 19.51 ? 191 PHE A CA  1 
ATOM   711  C  C   . PHE A 1 95  ? 2.731   2.385   3.115   1.00 18.39 ? 191 PHE A C   1 
ATOM   712  O  O   . PHE A 1 95  ? 2.641   3.431   3.751   1.00 18.90 ? 191 PHE A O   1 
ATOM   713  C  CB  . PHE A 1 95  ? 0.331   2.217   2.376   1.00 19.92 ? 191 PHE A CB  1 
ATOM   714  C  CG  . PHE A 1 95  ? 0.642   2.961   1.106   1.00 19.82 ? 191 PHE A CG  1 
ATOM   715  C  CD1 . PHE A 1 95  ? 0.023   4.183   0.843   1.00 20.14 ? 191 PHE A CD1 1 
ATOM   716  C  CD2 . PHE A 1 95  ? 1.541   2.449   0.172   1.00 20.35 ? 191 PHE A CD2 1 
ATOM   717  C  CE1 . PHE A 1 95  ? 0.295   4.887   -0.327  1.00 19.83 ? 191 PHE A CE1 1 
ATOM   718  C  CE2 . PHE A 1 95  ? 1.821   3.144   -1.003  1.00 20.33 ? 191 PHE A CE2 1 
ATOM   719  C  CZ  . PHE A 1 95  ? 1.197   4.368   -1.254  1.00 21.12 ? 191 PHE A CZ  1 
ATOM   720  N  N   . ALA A 1 96  ? 3.856   1.999   2.524   1.00 17.79 ? 192 ALA A N   1 
ATOM   721  C  CA  . ALA A 1 96  ? 5.066   2.811   2.617   1.00 18.86 ? 192 ALA A CA  1 
ATOM   722  C  C   . ALA A 1 96  ? 6.022   2.546   1.469   1.00 18.93 ? 192 ALA A C   1 
ATOM   723  O  O   . ALA A 1 96  ? 5.813   1.640   0.661   1.00 20.12 ? 192 ALA A O   1 
ATOM   724  C  CB  . ALA A 1 96  ? 5.776   2.527   3.940   1.00 18.47 ? 192 ALA A CB  1 
ATOM   725  N  N   . LYS A 1 97  ? 7.076   3.349   1.394   1.00 17.35 ? 193 LYS A N   1 
ATOM   726  C  CA  . LYS A 1 97  ? 8.079   3.151   0.367   1.00 19.03 ? 193 LYS A CA  1 
ATOM   727  C  C   . LYS A 1 97  ? 9.125   2.203   0.949   1.00 19.75 ? 193 LYS A C   1 
ATOM   728  O  O   . LYS A 1 97  ? 9.535   2.356   2.104   1.00 21.45 ? 193 LYS A O   1 
ATOM   729  C  CB  . LYS A 1 97  ? 8.750   4.473   -0.012  1.00 19.57 ? 193 LYS A CB  1 
ATOM   730  C  CG  . LYS A 1 97  ? 9.830   4.323   -1.082  1.00 19.10 ? 193 LYS A CG  1 
ATOM   731  C  CD  . LYS A 1 97  ? 10.471  5.660   -1.424  1.00 21.93 ? 193 LYS A CD  1 
ATOM   732  C  CE  . LYS A 1 97  ? 11.506  5.509   -2.527  1.00 23.38 ? 193 LYS A CE  1 
ATOM   733  N  NZ  . LYS A 1 97  ? 12.082  6.822   -2.933  1.00 28.31 ? 193 LYS A NZ  1 
ATOM   734  N  N   . LEU A 1 98  ? 9.531   1.204   0.176   1.00 18.60 ? 194 LEU A N   1 
ATOM   735  C  CA  . LEU A 1 98  ? 10.553  0.284   0.653   1.00 19.25 ? 194 LEU A CA  1 
ATOM   736  C  C   . LEU A 1 98  ? 11.870  0.940   0.276   1.00 20.17 ? 194 LEU A C   1 
ATOM   737  O  O   . LEU A 1 98  ? 12.066  1.335   -0.869  1.00 18.74 ? 194 LEU A O   1 
ATOM   738  C  CB  . LEU A 1 98  ? 10.449  -1.080  -0.036  1.00 17.72 ? 194 LEU A CB  1 
ATOM   739  C  CG  . LEU A 1 98  ? 11.423  -2.116  0.535   1.00 19.50 ? 194 LEU A CG  1 
ATOM   740  C  CD1 . LEU A 1 98  ? 10.978  -2.481  1.940   1.00 17.32 ? 194 LEU A CD1 1 
ATOM   741  C  CD2 . LEU A 1 98  ? 11.468  -3.355  -0.338  1.00 18.16 ? 194 LEU A CD2 1 
ATOM   742  N  N   . ILE A 1 99  ? 12.773  1.073   1.236   1.00 20.09 ? 195 ILE A N   1 
ATOM   743  C  CA  . ILE A 1 99  ? 14.047  1.706   0.945   1.00 22.33 ? 195 ILE A CA  1 
ATOM   744  C  C   . ILE A 1 99  ? 15.208  0.990   1.608   1.00 24.27 ? 195 ILE A C   1 
ATOM   745  O  O   . ILE A 1 99  ? 15.017  0.029   2.360   1.00 23.63 ? 195 ILE A O   1 
ATOM   746  C  CB  . ILE A 1 99  ? 14.062  3.176   1.433   1.00 23.45 ? 195 ILE A CB  1 
ATOM   747  C  CG1 . ILE A 1 99  ? 14.015  3.212   2.962   1.00 23.94 ? 195 ILE A CG1 1 
ATOM   748  C  CG2 . ILE A 1 99  ? 12.866  3.926   0.872   1.00 23.10 ? 195 ILE A CG2 1 
ATOM   749  C  CD1 . ILE A 1 99  ? 14.339  4.565   3.564   1.00 23.88 ? 195 ILE A CD1 1 
ATOM   750  N  N   . ARG A 1 100 ? 16.410  1.471   1.304   1.00 26.85 ? 196 ARG A N   1 
ATOM   751  C  CA  . ARG A 1 100 ? 17.641  0.953   1.884   1.00 32.50 ? 196 ARG A CA  1 
ATOM   752  C  C   . ARG A 1 100 ? 18.312  2.103   2.611   1.00 34.05 ? 196 ARG A C   1 
ATOM   753  O  O   . ARG A 1 100 ? 18.792  3.049   1.989   1.00 36.11 ? 196 ARG A O   1 
ATOM   754  C  CB  . ARG A 1 100 ? 18.586  0.410   0.813   1.00 34.20 ? 196 ARG A CB  1 
ATOM   755  C  CG  . ARG A 1 100 ? 18.407  -1.068  0.554   1.00 38.28 ? 196 ARG A CG  1 
ATOM   756  C  CD  . ARG A 1 100 ? 19.549  -1.629  -0.277  1.00 44.11 ? 196 ARG A CD  1 
ATOM   757  N  NE  . ARG A 1 100 ? 19.323  -3.033  -0.596  1.00 46.00 ? 196 ARG A NE  1 
ATOM   758  C  CZ  . ARG A 1 100 ? 19.301  -4.008  0.305   1.00 47.07 ? 196 ARG A CZ  1 
ATOM   759  N  NH1 . ARG A 1 100 ? 19.500  -3.740  1.587   1.00 46.99 ? 196 ARG A NH1 1 
ATOM   760  N  NH2 . ARG A 1 100 ? 19.055  -5.252  -0.075  1.00 50.00 ? 196 ARG A NH2 1 
ATOM   761  N  N   . ASP A 1 101 ? 18.318  2.019   3.934   1.00 34.39 ? 197 ASP A N   1 
ATOM   762  C  CA  . ASP A 1 101 ? 18.916  3.036   4.784   1.00 35.24 ? 197 ASP A CA  1 
ATOM   763  C  C   . ASP A 1 101 ? 20.269  2.479   5.218   1.00 34.97 ? 197 ASP A C   1 
ATOM   764  O  O   . ASP A 1 101 ? 20.335  1.612   6.087   1.00 34.68 ? 197 ASP A O   1 
ATOM   765  C  CB  . ASP A 1 101 ? 18.017  3.268   6.003   1.00 37.52 ? 197 ASP A CB  1 
ATOM   766  C  CG  . ASP A 1 101 ? 18.356  4.542   6.751   1.00 40.21 ? 197 ASP A CG  1 
ATOM   767  O  OD1 . ASP A 1 101 ? 17.797  4.746   7.854   1.00 39.22 ? 197 ASP A OD1 1 
ATOM   768  O  OD2 . ASP A 1 101 ? 19.170  5.339   6.237   1.00 41.31 ? 197 ASP A OD2 1 
ATOM   769  N  N   . SER A 1 102 ? 21.343  2.965   4.604   1.00 34.34 ? 198 SER A N   1 
ATOM   770  C  CA  . SER A 1 102 ? 22.682  2.481   4.927   1.00 32.69 ? 198 SER A CA  1 
ATOM   771  C  C   . SER A 1 102 ? 22.711  0.960   4.815   1.00 30.75 ? 198 SER A C   1 
ATOM   772  O  O   . SER A 1 102 ? 23.240  0.272   5.688   1.00 30.17 ? 198 SER A O   1 
ATOM   773  C  CB  . SER A 1 102 ? 23.079  2.898   6.348   1.00 33.47 ? 198 SER A CB  1 
ATOM   774  O  OG  . SER A 1 102 ? 23.117  4.308   6.479   1.00 37.05 ? 198 SER A OG  1 
ATOM   775  N  N   . GLY A 1 103 ? 22.125  0.440   3.743   1.00 30.04 ? 199 GLY A N   1 
ATOM   776  C  CA  . GLY A 1 103 ? 22.097  -0.995  3.532   1.00 26.85 ? 199 GLY A CA  1 
ATOM   777  C  C   . GLY A 1 103 ? 21.015  -1.717  4.316   1.00 27.06 ? 199 GLY A C   1 
ATOM   778  O  O   . GLY A 1 103 ? 20.796  -2.911  4.125   1.00 27.55 ? 199 GLY A O   1 
ATOM   779  N  N   . GLN A 1 104 ? 20.333  -1.004  5.206   1.00 25.07 ? 200 GLN A N   1 
ATOM   780  C  CA  . GLN A 1 104 ? 19.278  -1.617  6.010   1.00 22.75 ? 200 GLN A CA  1 
ATOM   781  C  C   . GLN A 1 104 ? 17.932  -1.468  5.297   1.00 20.72 ? 200 GLN A C   1 
ATOM   782  O  O   . GLN A 1 104 ? 17.658  -0.433  4.693   1.00 22.09 ? 200 GLN A O   1 
ATOM   783  C  CB  . GLN A 1 104 ? 19.215  -0.944  7.385   1.00 20.30 ? 200 GLN A CB  1 
ATOM   784  C  CG  . GLN A 1 104 ? 20.558  -0.845  8.108   1.00 21.68 ? 200 GLN A CG  1 
ATOM   785  C  CD  . GLN A 1 104 ? 21.168  -2.199  8.439   1.00 20.56 ? 200 GLN A CD  1 
ATOM   786  O  OE1 . GLN A 1 104 ? 20.459  -3.152  8.743   1.00 20.18 ? 200 GLN A OE1 1 
ATOM   787  N  NE2 . GLN A 1 104 ? 22.493  -2.279  8.406   1.00 22.48 ? 200 GLN A NE2 1 
ATOM   788  N  N   . VAL A 1 105 ? 17.087  -2.492  5.373   1.00 20.28 ? 201 VAL A N   1 
ATOM   789  C  CA  . VAL A 1 105 ? 15.788  -2.436  4.707   1.00 19.73 ? 201 VAL A CA  1 
ATOM   790  C  C   . VAL A 1 105 ? 14.682  -1.902  5.611   1.00 19.34 ? 201 VAL A C   1 
ATOM   791  O  O   . VAL A 1 105 ? 14.334  -2.522  6.616   1.00 20.18 ? 201 VAL A O   1 
ATOM   792  C  CB  . VAL A 1 105 ? 15.367  -3.827  4.175   1.00 18.77 ? 201 VAL A CB  1 
ATOM   793  C  CG1 . VAL A 1 105 ? 14.004  -3.736  3.479   1.00 19.77 ? 201 VAL A CG1 1 
ATOM   794  C  CG2 . VAL A 1 105 ? 16.415  -4.341  3.201   1.00 21.93 ? 201 VAL A CG2 1 
ATOM   795  N  N   . PHE A 1 106 ? 14.124  -0.758  5.230   1.00 17.95 ? 202 PHE A N   1 
ATOM   796  C  CA  . PHE A 1 106 ? 13.058  -0.127  6.000   1.00 17.55 ? 202 PHE A CA  1 
ATOM   797  C  C   . PHE A 1 106 ? 11.852  0.296   5.166   1.00 18.11 ? 202 PHE A C   1 
ATOM   798  O  O   . PHE A 1 106 ? 11.948  0.500   3.951   1.00 17.09 ? 202 PHE A O   1 
ATOM   799  C  CB  . PHE A 1 106 ? 13.577  1.129   6.706   1.00 18.15 ? 202 PHE A CB  1 
ATOM   800  C  CG  . PHE A 1 106 ? 14.397  0.856   7.935   1.00 20.00 ? 202 PHE A CG  1 
ATOM   801  C  CD1 . PHE A 1 106 ? 15.742  0.501   7.833   1.00 21.30 ? 202 PHE A CD1 1 
ATOM   802  C  CD2 . PHE A 1 106 ? 13.828  0.983   9.202   1.00 19.07 ? 202 PHE A CD2 1 
ATOM   803  C  CE1 . PHE A 1 106 ? 16.513  0.281   8.978   1.00 20.89 ? 202 PHE A CE1 1 
ATOM   804  C  CE2 . PHE A 1 106 ? 14.591  0.763   10.355  1.00 20.21 ? 202 PHE A CE2 1 
ATOM   805  C  CZ  . PHE A 1 106 ? 15.935  0.413   10.243  1.00 20.96 ? 202 PHE A CZ  1 
ATOM   806  N  N   . LEU A 1 107 ? 10.720  0.434   5.843   1.00 18.51 ? 203 LEU A N   1 
ATOM   807  C  CA  . LEU A 1 107 ? 9.491   0.917   5.226   1.00 18.12 ? 203 LEU A CA  1 
ATOM   808  C  C   . LEU A 1 107 ? 9.496   2.374   5.661   1.00 21.19 ? 203 LEU A C   1 
ATOM   809  O  O   . LEU A 1 107 ? 9.564   2.673   6.859   1.00 21.00 ? 203 LEU A O   1 
ATOM   810  C  CB  . LEU A 1 107 ? 8.280   0.191   5.802   1.00 17.48 ? 203 LEU A CB  1 
ATOM   811  C  CG  . LEU A 1 107 ? 8.326   -1.315  5.529   1.00 18.04 ? 203 LEU A CG  1 
ATOM   812  C  CD1 . LEU A 1 107 ? 7.412   -2.050  6.485   1.00 18.45 ? 203 LEU A CD1 1 
ATOM   813  C  CD2 . LEU A 1 107 ? 7.950   -1.566  4.069   1.00 17.94 ? 203 LEU A CD2 1 
ATOM   814  N  N   . GLN A 1 108 ? 9.454   3.283   4.695   1.00 21.37 ? 204 GLN A N   1 
ATOM   815  C  CA  . GLN A 1 108 ? 9.489   4.704   5.008   1.00 23.47 ? 204 GLN A CA  1 
ATOM   816  C  C   . GLN A 1 108 ? 8.255   5.488   4.573   1.00 23.37 ? 204 GLN A C   1 
ATOM   817  O  O   . GLN A 1 108 ? 7.955   5.582   3.382   1.00 23.83 ? 204 GLN A O   1 
ATOM   818  C  CB  . GLN A 1 108 ? 10.734  5.330   4.373   1.00 26.00 ? 204 GLN A CB  1 
ATOM   819  C  CG  . GLN A 1 108 ? 10.790  6.842   4.471   1.00 29.74 ? 204 GLN A CG  1 
ATOM   820  C  CD  . GLN A 1 108 ? 12.039  7.411   3.839   1.00 32.43 ? 204 GLN A CD  1 
ATOM   821  O  OE1 . GLN A 1 108 ? 13.134  7.297   4.388   1.00 37.04 ? 204 GLN A OE1 1 
ATOM   822  N  NE2 . GLN A 1 108 ? 11.884  8.015   2.667   1.00 35.08 ? 204 GLN A NE2 1 
ATOM   823  N  N   . PRO A 1 109 ? 7.509   6.041   5.542   1.00 22.74 ? 205 PRO A N   1 
ATOM   824  C  CA  . PRO A 1 109 ? 6.317   6.821   5.195   1.00 22.98 ? 205 PRO A CA  1 
ATOM   825  C  C   . PRO A 1 109 ? 6.840   8.101   4.555   1.00 22.73 ? 205 PRO A C   1 
ATOM   826  O  O   . PRO A 1 109 ? 7.918   8.568   4.922   1.00 22.10 ? 205 PRO A O   1 
ATOM   827  C  CB  . PRO A 1 109 ? 5.669   7.092   6.551   1.00 25.04 ? 205 PRO A CB  1 
ATOM   828  C  CG  . PRO A 1 109 ? 6.130   5.935   7.400   1.00 25.14 ? 205 PRO A CG  1 
ATOM   829  C  CD  . PRO A 1 109 ? 7.577   5.805   6.994   1.00 24.04 ? 205 PRO A CD  1 
ATOM   830  N  N   . LEU A 1 110 ? 6.101   8.655   3.596   1.00 22.37 ? 206 LEU A N   1 
ATOM   831  C  CA  . LEU A 1 110 ? 6.527   9.885   2.932   1.00 23.78 ? 206 LEU A CA  1 
ATOM   832  C  C   . LEU A 1 110 ? 6.356   11.092  3.846   1.00 25.19 ? 206 LEU A C   1 
ATOM   833  O  O   . LEU A 1 110 ? 6.989   12.131  3.644   1.00 26.83 ? 206 LEU A O   1 
ATOM   834  C  CB  . LEU A 1 110 ? 5.737   10.099  1.638   1.00 22.06 ? 206 LEU A CB  1 
ATOM   835  C  CG  . LEU A 1 110 ? 5.966   9.074   0.522   1.00 21.53 ? 206 LEU A CG  1 
ATOM   836  C  CD1 . LEU A 1 110 ? 5.239   9.535   -0.730  1.00 23.41 ? 206 LEU A CD1 1 
ATOM   837  C  CD2 . LEU A 1 110 ? 7.451   8.918   0.246   1.00 22.10 ? 206 LEU A CD2 1 
ATOM   838  N  N   . ASN A 1 111 ? 5.486   10.954  4.841   1.00 26.19 ? 207 ASN A N   1 
ATOM   839  C  CA  . ASN A 1 111 ? 5.252   12.021  5.805   1.00 28.06 ? 207 ASN A CA  1 
ATOM   840  C  C   . ASN A 1 111 ? 6.210   11.754  6.961   1.00 30.44 ? 207 ASN A C   1 
ATOM   841  O  O   . ASN A 1 111 ? 6.006   10.819  7.739   1.00 30.18 ? 207 ASN A O   1 
ATOM   842  C  CB  . ASN A 1 111 ? 3.811   11.985  6.317   1.00 27.97 ? 207 ASN A CB  1 
ATOM   843  C  CG  . ASN A 1 111 ? 3.518   13.100  7.303   1.00 28.95 ? 207 ASN A CG  1 
ATOM   844  O  OD1 . ASN A 1 111 ? 4.436   13.700  7.864   1.00 27.30 ? 207 ASN A OD1 1 
ATOM   845  N  ND2 . ASN A 1 111 ? 2.235   13.377  7.527   1.00 27.85 ? 207 ASN A ND2 1 
ATOM   846  N  N   . PRO A 1 112 ? 7.270   12.568  7.082   1.00 31.88 ? 208 PRO A N   1 
ATOM   847  C  CA  . PRO A 1 112 ? 8.285   12.445  8.132   1.00 34.12 ? 208 PRO A CA  1 
ATOM   848  C  C   . PRO A 1 112 ? 7.714   12.296  9.537   1.00 34.55 ? 208 PRO A C   1 
ATOM   849  O  O   . PRO A 1 112 ? 8.399   11.817  10.440  1.00 36.73 ? 208 PRO A O   1 
ATOM   850  C  CB  . PRO A 1 112 ? 9.097   13.730  7.981   1.00 35.10 ? 208 PRO A CB  1 
ATOM   851  C  CG  . PRO A 1 112 ? 9.004   14.009  6.521   1.00 35.46 ? 208 PRO A CG  1 
ATOM   852  C  CD  . PRO A 1 112 ? 7.543   13.745  6.236   1.00 33.16 ? 208 PRO A CD  1 
ATOM   853  N  N   . GLN A 1 113 ? 6.464   12.713  9.720   1.00 34.81 ? 209 GLN A N   1 
ATOM   854  C  CA  . GLN A 1 113 ? 5.809   12.625  11.021  1.00 35.48 ? 209 GLN A CA  1 
ATOM   855  C  C   . GLN A 1 113 ? 5.605   11.193  11.474  1.00 34.53 ? 209 GLN A C   1 
ATOM   856  O  O   . GLN A 1 113 ? 5.386   10.939  12.657  1.00 35.70 ? 209 GLN A O   1 
ATOM   857  C  CB  . GLN A 1 113 ? 4.458   13.345  10.985  1.00 39.92 ? 209 GLN A CB  1 
ATOM   858  C  CG  . GLN A 1 113 ? 4.480   14.735  11.595  1.00 45.20 ? 209 GLN A CG  1 
ATOM   859  C  CD  . GLN A 1 113 ? 5.727   15.514  11.225  1.00 47.72 ? 209 GLN A CD  1 
ATOM   860  O  OE1 . GLN A 1 113 ? 6.826   15.209  11.695  1.00 49.71 ? 209 GLN A OE1 1 
ATOM   861  N  NE2 . GLN A 1 113 ? 5.565   16.520  10.373  1.00 49.54 ? 209 GLN A NE2 1 
ATOM   862  N  N   . TYR A 1 114 ? 5.663   10.259  10.531  1.00 31.17 ? 210 TYR A N   1 
ATOM   863  C  CA  . TYR A 1 114 ? 5.494   8.852   10.855  1.00 28.06 ? 210 TYR A CA  1 
ATOM   864  C  C   . TYR A 1 114 ? 6.847   8.154   10.795  1.00 25.94 ? 210 TYR A C   1 
ATOM   865  O  O   . TYR A 1 114 ? 7.676   8.455   9.940   1.00 24.66 ? 210 TYR A O   1 
ATOM   866  C  CB  . TYR A 1 114 ? 4.470   8.216   9.912   1.00 26.55 ? 210 TYR A CB  1 
ATOM   867  C  CG  . TYR A 1 114 ? 3.094   8.799   10.138  1.00 28.28 ? 210 TYR A CG  1 
ATOM   868  C  CD1 . TYR A 1 114 ? 2.749   10.046  9.613   1.00 27.10 ? 210 TYR A CD1 1 
ATOM   869  C  CD2 . TYR A 1 114 ? 2.180   8.163   10.979  1.00 27.56 ? 210 TYR A CD2 1 
ATOM   870  C  CE1 . TYR A 1 114 ? 1.532   10.650  9.930   1.00 31.10 ? 210 TYR A CE1 1 
ATOM   871  C  CE2 . TYR A 1 114 ? 0.966   8.758   11.304  1.00 32.32 ? 210 TYR A CE2 1 
ATOM   872  C  CZ  . TYR A 1 114 ? 0.650   10.001  10.779  1.00 31.85 ? 210 TYR A CZ  1 
ATOM   873  O  OH  . TYR A 1 114 ? -0.534  10.606  11.131  1.00 36.95 ? 210 TYR A OH  1 
ATOM   874  N  N   . PRO A 1 115 ? 7.085   7.212   11.714  1.00 25.25 ? 211 PRO A N   1 
ATOM   875  C  CA  . PRO A 1 115 ? 8.345   6.466   11.801  1.00 24.29 ? 211 PRO A CA  1 
ATOM   876  C  C   . PRO A 1 115 ? 8.649   5.429   10.728  1.00 22.66 ? 211 PRO A C   1 
ATOM   877  O  O   . PRO A 1 115 ? 7.754   4.824   10.141  1.00 23.97 ? 211 PRO A O   1 
ATOM   878  C  CB  . PRO A 1 115 ? 8.260   5.833   13.183  1.00 22.18 ? 211 PRO A CB  1 
ATOM   879  C  CG  . PRO A 1 115 ? 6.804   5.483   13.269  1.00 23.47 ? 211 PRO A CG  1 
ATOM   880  C  CD  . PRO A 1 115 ? 6.129   6.744   12.734  1.00 25.91 ? 211 PRO A CD  1 
ATOM   881  N  N   . MET A 1 116 ? 9.939   5.233   10.489  1.00 24.11 ? 212 MET A N   1 
ATOM   882  C  CA  . MET A 1 116 ? 10.400  4.242   9.535   1.00 24.09 ? 212 MET A CA  1 
ATOM   883  C  C   . MET A 1 116 ? 10.382  2.912   10.287  1.00 22.80 ? 212 MET A C   1 
ATOM   884  O  O   . MET A 1 116 ? 10.718  2.857   11.468  1.00 23.52 ? 212 MET A O   1 
ATOM   885  C  CB  . MET A 1 116 ? 11.806  4.596   9.062   1.00 25.21 ? 212 MET A CB  1 
ATOM   886  C  CG  . MET A 1 116 ? 11.827  5.817   8.150   1.00 30.19 ? 212 MET A CG  1 
ATOM   887  S  SD  . MET A 1 116 ? 13.470  6.330   7.655   1.00 34.18 ? 212 MET A SD  1 
ATOM   888  C  CE  . MET A 1 116 ? 14.071  4.818   6.914   1.00 35.60 ? 212 MET A CE  1 
ATOM   889  N  N   . ILE A 1 117 ? 9.986   1.847   9.604   1.00 21.46 ? 213 ILE A N   1 
ATOM   890  C  CA  . ILE A 1 117 ? 9.883   0.533   10.227  1.00 21.90 ? 213 ILE A CA  1 
ATOM   891  C  C   . ILE A 1 117 ? 10.770  -0.496  9.528   1.00 23.25 ? 213 ILE A C   1 
ATOM   892  O  O   . ILE A 1 117 ? 10.762  -0.599  8.303   1.00 21.52 ? 213 ILE A O   1 
ATOM   893  C  CB  . ILE A 1 117 ? 8.414   0.049   10.184  1.00 22.30 ? 213 ILE A CB  1 
ATOM   894  C  CG1 . ILE A 1 117 ? 7.499   1.136   10.756  1.00 25.16 ? 213 ILE A CG1 1 
ATOM   895  C  CG2 . ILE A 1 117 ? 8.249   -1.227  10.990  1.00 23.75 ? 213 ILE A CG2 1 
ATOM   896  C  CD1 . ILE A 1 117 ? 6.016   0.822   10.613  1.00 26.97 ? 213 ILE A CD1 1 
ATOM   897  N  N   . PRO A 1 118 ? 11.539  -1.281  10.304  1.00 22.13 ? 214 PRO A N   1 
ATOM   898  C  CA  . PRO A 1 118 ? 12.423  -2.293  9.719   1.00 21.37 ? 214 PRO A CA  1 
ATOM   899  C  C   . PRO A 1 118 ? 11.605  -3.401  9.096   1.00 22.70 ? 214 PRO A C   1 
ATOM   900  O  O   . PRO A 1 118 ? 10.559  -3.765  9.621   1.00 20.54 ? 214 PRO A O   1 
ATOM   901  C  CB  . PRO A 1 118 ? 13.211  -2.834  10.919  1.00 21.04 ? 214 PRO A CB  1 
ATOM   902  C  CG  . PRO A 1 118 ? 12.865  -1.924  12.071  1.00 24.33 ? 214 PRO A CG  1 
ATOM   903  C  CD  . PRO A 1 118 ? 11.501  -1.405  11.769  1.00 21.75 ? 214 PRO A CD  1 
ATOM   904  N  N   . CYS A 1 119 ? 12.058  -3.943  7.974   1.00 24.35 ? 215 CYS A N   1 
ATOM   905  C  CA  . CYS A 1 119 ? 11.317  -5.045  7.405   1.00 30.12 ? 215 CYS A CA  1 
ATOM   906  C  C   . CYS A 1 119 ? 12.188  -6.290  7.469   1.00 31.28 ? 215 CYS A C   1 
ATOM   907  O  O   . CYS A 1 119 ? 12.948  -6.583  6.550   1.00 31.34 ? 215 CYS A O   1 
ATOM   908  C  CB  . CYS A 1 119 ? 10.882  -4.759  5.971   1.00 31.53 ? 215 CYS A CB  1 
ATOM   909  S  SG  . CYS A 1 119 ? 9.584   -5.932  5.453   1.00 40.59 ? 215 CYS A SG  1 
ATOM   910  N  N   . ASN A 1 120 ? 12.077  -7.007  8.582   1.00 35.39 ? 216 ASN A N   1 
ATOM   911  C  CA  . ASN A 1 120 ? 12.844  -8.224  8.791   1.00 40.68 ? 216 ASN A CA  1 
ATOM   912  C  C   . ASN A 1 120 ? 11.914  -9.397  9.127   1.00 43.36 ? 216 ASN A C   1 
ATOM   913  O  O   . ASN A 1 120 ? 11.183  -9.876  8.258   1.00 45.70 ? 216 ASN A O   1 
ATOM   914  C  CB  . ASN A 1 120 ? 13.868  -8.006  9.911   1.00 42.10 ? 216 ASN A CB  1 
ATOM   915  C  CG  . ASN A 1 120 ? 15.063  -8.945  9.807   1.00 44.39 ? 216 ASN A CG  1 
ATOM   916  O  OD1 . ASN A 1 120 ? 14.925  -10.164 9.916   1.00 45.70 ? 216 ASN A OD1 1 
ATOM   917  N  ND2 . ASN A 1 120 ? 16.245  -8.376  9.594   1.00 43.84 ? 216 ASN A ND2 1 
ATOM   918  N  N   . GLU A 1 121 ? 11.928  -9.844  10.382  1.00 46.18 ? 217 GLU A N   1 
ATOM   919  C  CA  . GLU A 1 121 ? 11.098  -10.974 10.812  1.00 49.18 ? 217 GLU A CA  1 
ATOM   920  C  C   . GLU A 1 121 ? 9.584   -10.799 10.668  1.00 48.95 ? 217 GLU A C   1 
ATOM   921  O  O   . GLU A 1 121 ? 8.978   -11.310 9.723   1.00 49.53 ? 217 GLU A O   1 
ATOM   922  C  CB  . GLU A 1 121 ? 11.420  -11.350 12.265  1.00 51.53 ? 217 GLU A CB  1 
ATOM   923  C  CG  . GLU A 1 121 ? 12.703  -12.153 12.437  1.00 55.54 ? 217 GLU A CG  1 
ATOM   924  C  CD  . GLU A 1 121 ? 12.851  -12.730 13.837  1.00 57.47 ? 217 GLU A CD  1 
ATOM   925  O  OE1 . GLU A 1 121 ? 11.926  -13.441 14.289  1.00 59.52 ? 217 GLU A OE1 1 
ATOM   926  O  OE2 . GLU A 1 121 ? 13.891  -12.480 14.485  1.00 57.87 ? 217 GLU A OE2 1 
ATOM   927  N  N   . SER A 1 122 ? 8.976   -10.097 11.622  1.00 47.80 ? 218 SER A N   1 
ATOM   928  C  CA  . SER A 1 122 ? 7.533   -9.854  11.616  1.00 46.97 ? 218 SER A CA  1 
ATOM   929  C  C   . SER A 1 122 ? 7.084   -8.926  10.486  1.00 46.15 ? 218 SER A C   1 
ATOM   930  O  O   . SER A 1 122 ? 6.055   -8.257  10.600  1.00 46.60 ? 218 SER A O   1 
ATOM   931  C  CB  . SER A 1 122 ? 7.091   -9.254  12.956  1.00 46.75 ? 218 SER A CB  1 
ATOM   932  O  OG  . SER A 1 122 ? 7.335   -10.145 14.029  1.00 48.11 ? 218 SER A OG  1 
ATOM   933  N  N   . CYS A 1 123 ? 7.855   -8.886  9.402   1.00 44.29 ? 219 CYS A N   1 
ATOM   934  C  CA  . CYS A 1 123 ? 7.524   -8.045  8.256   1.00 42.73 ? 219 CYS A CA  1 
ATOM   935  C  C   . CYS A 1 123 ? 7.622   -8.845  6.965   1.00 41.36 ? 219 CYS A C   1 
ATOM   936  O  O   . CYS A 1 123 ? 8.614   -9.531  6.730   1.00 43.11 ? 219 CYS A O   1 
ATOM   937  C  CB  . CYS A 1 123 ? 8.473   -6.840  8.179   1.00 43.06 ? 219 CYS A CB  1 
ATOM   938  S  SG  . CYS A 1 123 ? 8.109   -5.659  6.827   1.00 41.38 ? 219 CYS A SG  1 
ATOM   939  N  N   . SER A 1 124 ? 6.583   -8.766  6.141   1.00 39.61 ? 220 SER A N   1 
ATOM   940  C  CA  . SER A 1 124 ? 6.562   -9.456  4.856   1.00 38.78 ? 220 SER A CA  1 
ATOM   941  C  C   . SER A 1 124 ? 5.750   -8.625  3.867   1.00 37.86 ? 220 SER A C   1 
ATOM   942  O  O   . SER A 1 124 ? 4.742   -8.024  4.233   1.00 34.70 ? 220 SER A O   1 
ATOM   943  C  CB  . SER A 1 124 ? 5.948   -10.850 4.989   1.00 40.61 ? 220 SER A CB  1 
ATOM   944  O  OG  . SER A 1 124 ? 4.553   -10.779 5.223   1.00 45.33 ? 220 SER A OG  1 
ATOM   945  N  N   . VAL A 1 125 ? 6.197   -8.602  2.615   1.00 38.18 ? 221 VAL A N   1 
ATOM   946  C  CA  . VAL A 1 125 ? 5.542   -7.838  1.557   1.00 37.16 ? 221 VAL A CA  1 
ATOM   947  C  C   . VAL A 1 125 ? 4.243   -8.450  1.036   1.00 36.68 ? 221 VAL A C   1 
ATOM   948  O  O   . VAL A 1 125 ? 4.195   -9.620  0.653   1.00 40.33 ? 221 VAL A O   1 
ATOM   949  C  CB  . VAL A 1 125 ? 6.506   -7.630  0.373   1.00 38.44 ? 221 VAL A CB  1 
ATOM   950  C  CG1 . VAL A 1 125 ? 5.807   -6.885  -0.761  1.00 37.53 ? 221 VAL A CG1 1 
ATOM   951  C  CG2 . VAL A 1 125 ? 7.721   -6.858  0.844   1.00 33.49 ? 221 VAL A CG2 1 
ATOM   952  N  N   . VAL A 1 126 ? 3.189   -7.641  1.022   1.00 33.36 ? 222 VAL A N   1 
ATOM   953  C  CA  . VAL A 1 126 ? 1.879   -8.075  0.545   1.00 30.99 ? 222 VAL A CA  1 
ATOM   954  C  C   . VAL A 1 126 ? 1.773   -7.913  -0.972  1.00 28.86 ? 222 VAL A C   1 
ATOM   955  O  O   . VAL A 1 126 ? 1.191   -8.753  -1.660  1.00 26.63 ? 222 VAL A O   1 
ATOM   956  C  CB  . VAL A 1 126 ? 0.751   -7.249  1.194   1.00 31.42 ? 222 VAL A CB  1 
ATOM   957  C  CG1 . VAL A 1 126 ? -0.595  -7.610  0.565   1.00 34.21 ? 222 VAL A CG1 1 
ATOM   958  C  CG2 . VAL A 1 126 ? 0.720   -7.497  2.689   1.00 31.41 ? 222 VAL A CG2 1 
ATOM   959  N  N   . GLY A 1 127 ? 2.328   -6.821  -1.484  1.00 24.84 ? 223 GLY A N   1 
ATOM   960  C  CA  . GLY A 1 127 ? 2.276   -6.575  -2.910  1.00 23.58 ? 223 GLY A CA  1 
ATOM   961  C  C   . GLY A 1 127 ? 2.930   -5.265  -3.290  1.00 21.89 ? 223 GLY A C   1 
ATOM   962  O  O   . GLY A 1 127 ? 3.228   -4.437  -2.431  1.00 22.80 ? 223 GLY A O   1 
ATOM   963  N  N   . LYS A 1 128 ? 3.151   -5.080  -4.585  1.00 20.64 ? 224 LYS A N   1 
ATOM   964  C  CA  . LYS A 1 128 ? 3.765   -3.866  -5.110  1.00 19.59 ? 224 LYS A CA  1 
ATOM   965  C  C   . LYS A 1 128 ? 2.689   -2.865  -5.533  1.00 19.54 ? 224 LYS A C   1 
ATOM   966  O  O   . LYS A 1 128 ? 1.660   -3.255  -6.091  1.00 20.12 ? 224 LYS A O   1 
ATOM   967  C  CB  . LYS A 1 128 ? 4.630   -4.217  -6.327  1.00 19.54 ? 224 LYS A CB  1 
ATOM   968  C  CG  . LYS A 1 128 ? 5.324   -3.031  -6.991  1.00 20.25 ? 224 LYS A CG  1 
ATOM   969  C  CD  . LYS A 1 128 ? 6.156   -3.487  -8.199  1.00 20.27 ? 224 LYS A CD  1 
ATOM   970  C  CE  . LYS A 1 128 ? 6.850   -2.307  -8.866  1.00 20.77 ? 224 LYS A CE  1 
ATOM   971  N  NZ  . LYS A 1 128 ? 7.729   -2.744  -9.984  1.00 22.67 ? 224 LYS A NZ  1 
ATOM   972  N  N   . VAL A 1 129 ? 2.913   -1.583  -5.253  1.00 17.01 ? 225 VAL A N   1 
ATOM   973  C  CA  . VAL A 1 129 ? 1.970   -0.551  -5.670  1.00 17.39 ? 225 VAL A CA  1 
ATOM   974  C  C   . VAL A 1 129 ? 2.419   -0.197  -7.085  1.00 17.97 ? 225 VAL A C   1 
ATOM   975  O  O   . VAL A 1 129 ? 3.576   0.163   -7.303  1.00 19.21 ? 225 VAL A O   1 
ATOM   976  C  CB  . VAL A 1 129 ? 2.046   0.703   -4.787  1.00 17.81 ? 225 VAL A CB  1 
ATOM   977  C  CG1 . VAL A 1 129 ? 1.085   1.752   -5.323  1.00 18.11 ? 225 VAL A CG1 1 
ATOM   978  C  CG2 . VAL A 1 129 ? 1.703   0.350   -3.338  1.00 16.37 ? 225 VAL A CG2 1 
ATOM   979  N  N   . ILE A 1 130 ? 1.504   -0.296  -8.041  1.00 19.20 ? 226 ILE A N   1 
ATOM   980  C  CA  . ILE A 1 130 ? 1.840   -0.067  -9.442  1.00 18.79 ? 226 ILE A CA  1 
ATOM   981  C  C   . ILE A 1 130 ? 1.029   1.007   -10.151 1.00 22.15 ? 226 ILE A C   1 
ATOM   982  O  O   . ILE A 1 130 ? 1.236   1.260   -11.336 1.00 22.40 ? 226 ILE A O   1 
ATOM   983  C  CB  . ILE A 1 130 ? 1.668   -1.370  -10.237 1.00 20.54 ? 226 ILE A CB  1 
ATOM   984  C  CG1 . ILE A 1 130 ? 0.241   -1.903  -10.052 1.00 20.31 ? 226 ILE A CG1 1 
ATOM   985  C  CG2 . ILE A 1 130 ? 2.669   -2.408  -9.759  1.00 20.46 ? 226 ILE A CG2 1 
ATOM   986  C  CD1 . ILE A 1 130 ? -0.127  -3.066  -10.985 1.00 20.55 ? 226 ILE A CD1 1 
ATOM   987  N  N   . ALA A 1 131 ? 0.098   1.627   -9.440  1.00 20.64 ? 227 ALA A N   1 
ATOM   988  C  CA  . ALA A 1 131 ? -0.731  2.653   -10.048 1.00 21.99 ? 227 ALA A CA  1 
ATOM   989  C  C   . ALA A 1 131 ? -1.517  3.401   -8.991  1.00 24.03 ? 227 ALA A C   1 
ATOM   990  O  O   . ALA A 1 131 ? -1.594  2.980   -7.831  1.00 20.47 ? 227 ALA A O   1 
ATOM   991  C  CB  . ALA A 1 131 ? -1.693  2.024   -11.059 1.00 19.22 ? 227 ALA A CB  1 
ATOM   992  N  N   . SER A 1 132 ? -2.113  4.510   -9.409  1.00 25.49 ? 228 SER A N   1 
ATOM   993  C  CA  . SER A 1 132 ? -2.899  5.325   -8.503  1.00 28.00 ? 228 SER A CA  1 
ATOM   994  C  C   . SER A 1 132 ? -4.005  6.034   -9.264  1.00 27.97 ? 228 SER A C   1 
ATOM   995  O  O   . SER A 1 132 ? -3.951  6.173   -10.480 1.00 27.10 ? 228 SER A O   1 
ATOM   996  C  CB  . SER A 1 132 ? -2.007  6.375   -7.836  1.00 28.88 ? 228 SER A CB  1 
ATOM   997  O  OG  . SER A 1 132 ? -1.516  7.297   -8.798  1.00 30.81 ? 228 SER A OG  1 
ATOM   998  N  N   . GLN A 1 133 ? -5.027  6.445   -8.532  1.00 26.99 ? 229 GLN A N   1 
ATOM   999  C  CA  . GLN A 1 133 ? -6.128  7.197   -9.099  1.00 27.07 ? 229 GLN A CA  1 
ATOM   1000 C  C   . GLN A 1 133 ? -6.382  8.256   -8.039  1.00 26.21 ? 229 GLN A C   1 
ATOM   1001 O  O   . GLN A 1 133 ? -5.694  9.290   -8.093  1.00 26.59 ? 229 GLN A O   1 
ATOM   1002 C  CB  . GLN A 1 133 ? -7.368  6.322   -9.295  1.00 25.77 ? 229 GLN A CB  1 
ATOM   1003 C  CG  . GLN A 1 133 ? -7.304  5.330   -10.460 1.00 24.33 ? 229 GLN A CG  1 
ATOM   1004 C  CD  . GLN A 1 133 ? -7.544  5.961   -11.828 1.00 24.07 ? 229 GLN A CD  1 
ATOM   1005 O  OE1 . GLN A 1 133 ? -8.218  5.379   -12.677 1.00 26.48 ? 229 GLN A OE1 1 
ATOM   1006 N  NE2 . GLN A 1 133 ? -6.983  7.137   -12.052 1.00 19.47 ? 229 GLN A NE2 1 
HETATM 1007 CA CA  . CA  B 2 .   ? -2.573  -14.926 -10.808 1.00 28.17 ? 301 CA  A CA  1 
HETATM 1008 CA CA  . CA  C 2 .   ? 15.625  -4.640  -10.152 1.00 29.86 ? 302 CA  A CA  1 
HETATM 1009 CA CA  . CA  D 2 .   ? -2.412  7.990   -11.677 1.00 52.69 ? 303 CA  A CA  1 
HETATM 1010 CA CA  . CA  E 2 .   ? -10.814 10.055  3.883   1.00 87.59 ? 304 CA  A CA  1 
HETATM 1011 O  O   . HOH F 3 .   ? -1.410  10.342  2.773   1.00 22.26 ? 401 HOH A O   1 
HETATM 1012 O  O   . HOH F 3 .   ? 5.032   4.314   10.106  1.00 25.31 ? 402 HOH A O   1 
HETATM 1013 O  O   . HOH F 3 .   ? -9.959  1.113   0.541   1.00 24.23 ? 403 HOH A O   1 
HETATM 1014 O  O   . HOH F 3 .   ? 16.415  -6.918  -9.004  1.00 23.88 ? 404 HOH A O   1 
HETATM 1015 O  O   . HOH F 3 .   ? -0.448  -16.868 -12.363 0.50 29.06 ? 405 HOH A O   1 
HETATM 1016 O  O   . HOH F 3 .   ? -0.160  3.021   5.858   1.00 28.29 ? 406 HOH A O   1 
HETATM 1017 O  O   . HOH F 3 .   ? 16.851  -5.671  -12.374 1.00 29.53 ? 407 HOH A O   1 
HETATM 1018 O  O   . HOH F 3 .   ? -4.055  -16.710 -12.069 1.00 22.36 ? 408 HOH A O   1 
HETATM 1019 O  O   . HOH F 3 .   ? 9.572   -3.575  -12.087 1.00 25.01 ? 409 HOH A O   1 
HETATM 1020 O  O   . HOH F 3 .   ? 13.851  -5.813  13.457  1.00 21.81 ? 410 HOH A O   1 
HETATM 1021 O  O   . HOH F 3 .   ? 3.703   3.439   7.727   1.00 26.27 ? 411 HOH A O   1 
HETATM 1022 O  O   . HOH F 3 .   ? -2.920  -9.747  -16.600 1.00 31.01 ? 412 HOH A O   1 
HETATM 1023 O  O   . HOH F 3 .   ? 2.300   4.777   5.985   1.00 27.32 ? 413 HOH A O   1 
HETATM 1024 O  O   . HOH F 3 .   ? 4.275   -8.889  -4.040  1.00 32.29 ? 414 HOH A O   1 
HETATM 1025 O  O   . HOH F 3 .   ? 6.133   1.062   -6.718  1.00 23.23 ? 415 HOH A O   1 
HETATM 1026 O  O   . HOH F 3 .   ? 8.225   1.142   -8.599  1.00 33.43 ? 416 HOH A O   1 
HETATM 1027 O  O   . HOH F 3 .   ? 21.688  -4.978  2.481   1.00 41.85 ? 417 HOH A O   1 
HETATM 1028 O  O   . HOH F 3 .   ? -0.045  9.458   -11.041 1.00 39.63 ? 418 HOH A O   1 
HETATM 1029 O  O   . HOH F 3 .   ? 10.068  -8.101  11.661  1.00 38.71 ? 419 HOH A O   1 
HETATM 1030 O  O   . HOH F 3 .   ? -16.566 0.937   -15.944 1.00 41.33 ? 420 HOH A O   1 
HETATM 1031 O  O   . HOH F 3 .   ? -17.016 0.365   -11.418 1.00 27.87 ? 421 HOH A O   1 
HETATM 1032 O  O   . HOH F 3 .   ? -2.969  11.923  -10.264 1.00 39.75 ? 422 HOH A O   1 
HETATM 1033 O  O   . HOH F 3 .   ? -3.684  0.443   19.695  1.00 42.83 ? 423 HOH A O   1 
HETATM 1034 O  O   . HOH F 3 .   ? -4.457  4.420   -12.833 1.00 29.75 ? 424 HOH A O   1 
HETATM 1035 O  O   . HOH F 3 .   ? -6.180  -7.402  7.809   1.00 46.55 ? 425 HOH A O   1 
HETATM 1036 O  O   . HOH F 3 .   ? -5.943  -10.356 -3.999  1.00 41.23 ? 426 HOH A O   1 
HETATM 1037 O  O   . HOH F 3 .   ? 23.928  0.333   8.599   1.00 34.02 ? 427 HOH A O   1 
HETATM 1038 O  O   . HOH F 3 .   ? -0.388  -9.665  -16.395 1.00 31.11 ? 428 HOH A O   1 
HETATM 1039 O  O   . HOH F 3 .   ? -14.004 3.710   -16.413 1.00 33.85 ? 429 HOH A O   1 
HETATM 1040 O  O   . HOH F 3 .   ? -12.099 2.692   5.395   1.00 36.24 ? 430 HOH A O   1 
HETATM 1041 O  O   . HOH F 3 .   ? 11.675  -6.391  11.841  1.00 32.71 ? 431 HOH A O   1 
HETATM 1042 O  O   . HOH F 3 .   ? 16.529  2.643   -1.268  1.00 25.45 ? 432 HOH A O   1 
HETATM 1043 O  O   . HOH F 3 .   ? -8.680  13.725  -1.274  1.00 36.58 ? 433 HOH A O   1 
HETATM 1044 O  O   . HOH F 3 .   ? 22.054  2.776   1.384   1.00 38.07 ? 434 HOH A O   1 
HETATM 1045 O  O   . HOH F 3 .   ? 22.415  -4.273  0.041   1.00 35.26 ? 435 HOH A O   1 
HETATM 1046 O  O   . HOH F 3 .   ? -10.667 3.174   10.626  1.00 55.63 ? 436 HOH A O   1 
HETATM 1047 O  O   . HOH F 3 .   ? -3.123  14.268  2.528   1.00 36.30 ? 437 HOH A O   1 
HETATM 1048 O  O   . HOH F 3 .   ? 0.668   0.970   -18.338 1.00 49.46 ? 438 HOH A O   1 
HETATM 1049 O  O   . HOH F 3 .   ? -0.158  -1.644  -18.300 1.00 31.99 ? 439 HOH A O   1 
HETATM 1050 O  O   . HOH F 3 .   ? -15.577 -2.431  -1.923  1.00 48.73 ? 440 HOH A O   1 
HETATM 1051 O  O   . HOH F 3 .   ? -14.246 -4.053  0.524   1.00 49.47 ? 441 HOH A O   1 
HETATM 1052 O  O   . HOH F 3 .   ? 7.225   -9.813  -10.272 1.00 27.05 ? 442 HOH A O   1 
HETATM 1053 O  O   . HOH F 3 .   ? 9.444   -13.275 -8.285  1.00 53.00 ? 443 HOH A O   1 
HETATM 1054 O  O   . HOH F 3 .   ? 7.341   -12.673 -7.128  1.00 53.70 ? 444 HOH A O   1 
HETATM 1055 O  O   . HOH F 3 .   ? -17.318 -0.023  -13.813 1.00 51.72 ? 445 HOH A O   1 
HETATM 1056 O  O   . HOH F 3 .   ? 10.128  8.229   -4.386  1.00 41.11 ? 446 HOH A O   1 
HETATM 1057 O  O   . HOH F 3 .   ? 15.954  -6.316  -15.369 1.00 41.13 ? 447 HOH A O   1 
HETATM 1058 O  O   . HOH F 3 .   ? -9.732  5.160   8.744   1.00 46.33 ? 448 HOH A O   1 
HETATM 1059 O  O   . HOH F 3 .   ? 10.338  9.432   -2.346  1.00 44.74 ? 449 HOH A O   1 
HETATM 1060 O  O   . HOH F 3 .   ? -18.569 1.964   -14.757 1.00 61.47 ? 450 HOH A O   1 
HETATM 1061 O  O   . HOH F 3 .   ? 17.326  -5.334  -6.260  1.00 44.08 ? 451 HOH A O   1 
HETATM 1062 O  O   . HOH F 3 .   ? 2.627   -15.438 -7.663  1.00 51.40 ? 452 HOH A O   1 
HETATM 1063 O  O   . HOH F 3 .   ? 19.150  -1.083  -3.168  1.00 52.33 ? 453 HOH A O   1 
HETATM 1064 O  O   . HOH F 3 .   ? 8.326   -0.122  -11.402 1.00 36.32 ? 454 HOH A O   1 
HETATM 1065 O  O   . HOH F 3 .   ? -5.016  8.539   -12.739 1.00 40.80 ? 455 HOH A O   1 
HETATM 1066 O  O   . HOH F 3 .   ? -0.483  -11.564 2.513   1.00 39.37 ? 456 HOH A O   1 
HETATM 1067 O  O   . HOH F 3 .   ? 7.483   -9.264  -3.335  1.00 50.90 ? 457 HOH A O   1 
HETATM 1068 O  O   . HOH F 3 .   ? 1.806   16.534  5.617   1.00 51.33 ? 458 HOH A O   1 
HETATM 1069 O  O   . HOH F 3 .   ? 14.431  5.472   -4.883  1.00 48.41 ? 459 HOH A O   1 
HETATM 1070 O  O   . HOH F 3 .   ? 0.069   15.938  -1.954  1.00 45.24 ? 460 HOH A O   1 
HETATM 1071 O  O   . HOH F 3 .   ? 0.532   13.063  -6.546  1.00 43.86 ? 461 HOH A O   1 
HETATM 1072 O  O   . HOH F 3 .   ? 13.449  -5.754  -14.598 1.00 35.17 ? 462 HOH A O   1 
HETATM 1073 O  O   . HOH F 3 .   ? 1.345   -15.503 -10.353 1.00 38.97 ? 463 HOH A O   1 
HETATM 1074 O  O   . HOH F 3 .   ? 7.382   -9.105  -12.443 1.00 37.50 ? 464 HOH A O   1 
HETATM 1075 O  O   . HOH F 3 .   ? -11.387 1.545   3.122   1.00 34.60 ? 465 HOH A O   1 
HETATM 1076 O  O   . HOH F 3 .   ? -1.470  1.191   20.519  1.00 49.73 ? 466 HOH A O   1 
HETATM 1077 O  O   . HOH F 3 .   ? 5.737   -13.212 -3.866  1.00 51.88 ? 467 HOH A O   1 
HETATM 1078 O  O   . HOH F 3 .   ? 1.047   6.034   14.809  1.00 50.39 ? 468 HOH A O   1 
HETATM 1079 O  O   . HOH F 3 .   ? 18.116  -4.901  -15.064 1.00 61.14 ? 469 HOH A O   1 
HETATM 1080 O  O   . HOH F 3 .   ? 22.198  0.112   0.484   1.00 57.56 ? 470 HOH A O   1 
HETATM 1081 O  O   . HOH F 3 .   ? 24.240  -4.876  -1.643  1.00 49.91 ? 471 HOH A O   1 
HETATM 1082 O  O   . HOH F 3 .   ? 10.795  -14.841 -6.699  1.00 52.41 ? 472 HOH A O   1 
HETATM 1083 O  O   . HOH F 3 .   ? 19.142  -6.945  2.168   1.00 47.12 ? 473 HOH A O   1 
HETATM 1084 O  O   . HOH F 3 .   ? 10.847  -9.279  5.091   1.00 41.67 ? 474 HOH A O   1 
HETATM 1085 O  O   . HOH F 3 .   ? -6.016  8.059   9.105   1.00 44.53 ? 475 HOH A O   1 
HETATM 1086 O  O   . HOH F 3 .   ? 17.199  13.822  -0.455  1.00 46.86 ? 476 HOH A O   1 
HETATM 1087 O  O   . HOH F 3 .   ? -18.618 -1.633  -12.165 1.00 57.50 ? 477 HOH A O   1 
HETATM 1088 O  O   . HOH F 3 .   ? 11.915  -12.470 8.110   1.00 41.73 ? 478 HOH A O   1 
HETATM 1089 O  O   . HOH F 3 .   ? -10.786 12.432  1.605   1.00 48.91 ? 479 HOH A O   1 
HETATM 1090 O  O   . HOH F 3 .   ? 13.703  7.754   0.129   1.00 49.12 ? 480 HOH A O   1 
HETATM 1091 O  O   . HOH F 3 .   ? -3.101  -16.513 -8.433  1.00 28.19 ? 481 HOH A O   1 
HETATM 1092 O  O   . HOH F 3 .   ? 9.028   -12.384 4.876   1.00 54.71 ? 482 HOH A O   1 
HETATM 1093 O  O   . HOH F 3 .   ? -3.712  -3.447  16.463  1.00 56.99 ? 483 HOH A O   1 
HETATM 1094 O  O   . HOH F 3 .   ? 9.251   -11.698 -4.861  1.00 58.77 ? 484 HOH A O   1 
HETATM 1095 O  O   . HOH F 3 .   ? 15.255  4.230   -2.748  1.00 43.44 ? 485 HOH A O   1 
HETATM 1096 O  O   . HOH F 3 .   ? -4.793  -8.108  14.835  1.00 61.25 ? 486 HOH A O   1 
HETATM 1097 O  O   . HOH F 3 .   ? -7.472  6.070   10.544  1.00 45.82 ? 487 HOH A O   1 
HETATM 1098 O  O   . HOH F 3 .   ? -12.625 -5.761  2.191   1.00 58.00 ? 488 HOH A O   1 
HETATM 1099 O  O   . HOH F 3 .   ? 11.804  -15.555 18.280  1.00 58.62 ? 489 HOH A O   1 
HETATM 1100 O  O   . HOH F 3 .   ? 11.595  9.204   -0.232  1.00 51.76 ? 490 HOH A O   1 
HETATM 1101 O  O   . HOH F 3 .   ? -5.325  2.157   -25.103 1.00 49.31 ? 491 HOH A O   1 
HETATM 1102 O  O   . HOH F 3 .   ? -11.641 3.117   7.839   1.00 49.38 ? 492 HOH A O   1 
HETATM 1103 O  O   . HOH F 3 .   ? -2.192  9.194   16.960  1.00 40.65 ? 493 HOH A O   1 
HETATM 1104 O  O   . HOH F 3 .   ? 20.537  4.059   -0.240  1.00 52.11 ? 494 HOH A O   1 
HETATM 1105 O  O   . HOH F 3 .   ? 9.186   8.892   7.475   1.00 30.27 ? 495 HOH A O   1 
HETATM 1106 O  O   . HOH F 3 .   ? 5.377   -12.002 -5.967  1.00 48.75 ? 496 HOH A O   1 
HETATM 1107 O  O   . HOH F 3 .   ? 11.061  -13.268 17.848  1.00 49.66 ? 497 HOH A O   1 
HETATM 1108 O  O   . HOH F 3 .   ? 16.737  -12.939 17.174  1.00 48.87 ? 498 HOH A O   1 
HETATM 1109 O  O   . HOH F 3 .   ? 16.470  -2.391  -5.674  1.00 37.46 ? 499 HOH A O   1 
HETATM 1110 O  O   . HOH F 3 .   ? -11.123 15.210  2.749   1.00 54.66 ? 500 HOH A O   1 
HETATM 1111 O  O   . HOH F 3 .   ? -4.160  -2.097  18.761  1.00 52.17 ? 501 HOH A O   1 
HETATM 1112 O  O   . HOH F 3 .   ? -4.789  -15.371 -6.683  1.00 59.27 ? 502 HOH A O   1 
HETATM 1113 O  O   . HOH F 3 .   ? -12.172 2.796   0.237   1.00 43.80 ? 503 HOH A O   1 
HETATM 1114 O  O   . HOH F 3 .   ? -7.088  15.129  -2.806  1.00 54.07 ? 504 HOH A O   1 
HETATM 1115 O  O   . HOH F 3 .   ? 4.136   -10.352 8.844   1.00 42.01 ? 505 HOH A O   1 
HETATM 1116 O  O   . HOH F 3 .   ? -1.797  16.824  6.504   1.00 59.67 ? 506 HOH A O   1 
HETATM 1117 O  O   . HOH F 3 .   ? -16.621 -2.083  0.851   1.00 49.07 ? 507 HOH A O   1 
HETATM 1118 O  O   . HOH F 3 .   ? 15.143  -2.537  -11.894 1.00 38.28 ? 508 HOH A O   1 
HETATM 1119 O  O   . HOH F 3 .   ? -4.831  15.699  8.474   1.00 50.25 ? 509 HOH A O   1 
HETATM 1120 O  O   . HOH F 3 .   ? -9.783  2.446   4.704   1.00 65.88 ? 510 HOH A O   1 
HETATM 1121 O  O   . HOH F 3 .   ? -19.698 -9.924  2.482   1.00 45.86 ? 511 HOH A O   1 
HETATM 1122 O  O   . HOH F 3 .   ? -4.431  -8.951  6.871   1.00 65.11 ? 512 HOH A O   1 
HETATM 1123 O  O   . HOH F 3 .   ? -6.038  13.913  6.065   1.00 53.61 ? 513 HOH A O   1 
HETATM 1124 O  O   . HOH F 3 .   ? -8.529  15.330  2.602   1.00 65.22 ? 514 HOH A O   1 
HETATM 1125 O  O   . HOH F 3 .   ? -2.848  0.150   22.255  1.00 52.71 ? 515 HOH A O   1 
HETATM 1126 O  O   . HOH F 3 .   ? -7.964  -16.199 -10.377 1.00 33.36 ? 516 HOH A O   1 
HETATM 1127 O  O   . HOH F 3 .   ? -4.158  9.653   -10.078 1.00 33.00 ? 517 HOH A O   1 
HETATM 1128 O  O   . HOH F 3 .   ? 20.905  5.724   3.119   1.00 61.94 ? 518 HOH A O   1 
HETATM 1129 O  O   . HOH F 3 .   ? -2.625  -7.216  -23.283 1.00 64.59 ? 519 HOH A O   1 
HETATM 1130 O  O   . HOH F 3 .   ? 17.347  -14.244 8.632   1.00 41.51 ? 520 HOH A O   1 
# 
